data_8RP1
#
_entry.id   8RP1
#
_cell.length_a   79.403
_cell.length_b   109.912
_cell.length_c   174.278
_cell.angle_alpha   90.000
_cell.angle_beta   90.000
_cell.angle_gamma   90.000
#
_symmetry.space_group_name_H-M   'P 21 21 21'
#
loop_
_entity.id
_entity.type
_entity.pdbx_description
1 polymer 'Aminodeoxychorismate synthase component 2'
2 polymer 'Aminodeoxychorismate synthase component 1'
3 non-polymer 'GLUTAMIC ACID'
4 non-polymer 'CHLORIDE ION'
5 non-polymer 'SULFATE ION'
6 non-polymer '2-(N-MORPHOLINO)-ETHANESULFONIC ACID'
7 non-polymer TRYPTOPHAN
8 non-polymer 'MAGNESIUM ION'
9 non-polymer GLYCEROL
10 water water
#
loop_
_entity_poly.entity_id
_entity_poly.type
_entity_poly.pdbx_seq_one_letter_code
_entity_poly.pdbx_strand_id
1 'polypeptide(L)'
;GMILLIDNYDSFTWNLYQYFCELGADVLVKRNDALTLADIDALKPQKIVISPGPCTPDEAGISLDVIRHYAGRLPILGVC
LGHQAMAQAFGGKVVRAAKVMHGKTSPITHNGEGVFRGLANPLTVTRYHSLVVEPDSLPACFDVTAWSETREIMGIRHRQ
WDLEGVQFHPESILSEQGHQLLANFLHR
;
AAA,BBB
2 'polypeptide(L)'
;QGHMKTLSPAVITLLWRQDAAEFYFSRLSHLPWAMLLHSGYADHPYSRFDIVVAEPICTLTTFGKETVVSESEKRTTTTD
DPLQVLQQVLDRADIRPTHNEDLPFQGGALGLFGYDLGRRFESLPEIAEQDIVLPDMAVGIYDWALIVDHQRHTVSLLSH
NDVNARRAWLESQQFSPQEDFTLTSDWQSNMTREQYGEKFRQVQEYLHSGDCYQVNLAQRFHATYSGDEWQAFLQLNQAN
RAPFSAFLRLEQGAILSLSPERFILCDNSEIQTRPIKGTLPRLPDPQEDSKQAVKLANSAKDRAENLMIVDLMRNDIGRV
AVAGSVKVPELFVVEPFPAVHHLVSTITAQLPEQLHASDLLRAAFPGGSITGAPKVRAMEIIDELEPQRRNAWCGSIGYL
SFCGNMDTSITIRTLTAINGQIFCSAGGGIVADSQEEAEYQETFDKVNRILKQLEK
;
CCC,DDD
#
# COMPACT_ATOMS: atom_id res chain seq x y z
N GLY A 1 -2.49 20.62 -11.58
CA GLY A 1 -3.22 21.48 -12.57
C GLY A 1 -4.22 20.65 -13.37
N MET A 2 -4.23 20.83 -14.71
CA MET A 2 -5.15 20.13 -15.66
C MET A 2 -4.42 18.97 -16.36
N ILE A 3 -4.88 17.75 -16.14
CA ILE A 3 -4.28 16.50 -16.64
C ILE A 3 -5.15 16.00 -17.78
N LEU A 4 -4.53 15.64 -18.90
CA LEU A 4 -5.23 14.90 -19.98
C LEU A 4 -4.91 13.41 -19.85
N LEU A 5 -5.94 12.60 -19.68
CA LEU A 5 -5.86 11.15 -19.51
C LEU A 5 -6.36 10.57 -20.83
N ILE A 6 -5.46 9.99 -21.60
CA ILE A 6 -5.81 9.35 -22.90
C ILE A 6 -6.26 7.92 -22.64
N ASP A 7 -7.51 7.62 -22.97
CA ASP A 7 -8.18 6.35 -22.64
C ASP A 7 -8.04 5.40 -23.82
N ASN A 8 -7.30 4.31 -23.65
CA ASN A 8 -7.12 3.26 -24.70
C ASN A 8 -8.25 2.24 -24.64
N TYR A 9 -9.51 2.68 -24.62
CA TYR A 9 -10.73 1.83 -24.60
C TYR A 9 -10.71 0.88 -23.41
N ASP A 10 -10.21 1.41 -22.29
CA ASP A 10 -9.81 0.49 -21.18
C ASP A 10 -10.90 0.45 -20.12
N SER A 11 -10.88 -0.55 -19.25
CA SER A 11 -11.82 -0.68 -18.10
C SER A 11 -11.12 -0.39 -16.76
N PHE A 12 -9.93 0.24 -16.79
CA PHE A 12 -9.24 0.73 -15.57
C PHE A 12 -8.98 2.23 -15.59
N THR A 13 -9.14 2.88 -16.73
CA THR A 13 -8.82 4.31 -16.94
C THR A 13 -9.48 5.23 -15.91
N TRP A 14 -10.74 4.99 -15.56
CA TRP A 14 -11.48 5.89 -14.65
C TRP A 14 -11.07 5.66 -13.18
N ASN A 15 -10.35 4.58 -12.88
CA ASN A 15 -9.65 4.45 -11.56
C ASN A 15 -8.50 5.45 -11.49
N LEU A 16 -7.77 5.64 -12.58
CA LEU A 16 -6.75 6.71 -12.64
C LEU A 16 -7.41 8.07 -12.50
N TYR A 17 -8.51 8.27 -13.20
CA TYR A 17 -9.30 9.51 -13.11
C TYR A 17 -9.65 9.80 -11.66
N GLN A 18 -10.21 8.81 -10.97
CA GLN A 18 -10.70 9.02 -9.58
C GLN A 18 -9.52 9.38 -8.67
N TYR A 19 -8.39 8.69 -8.80
CA TYR A 19 -7.19 8.92 -7.92
C TYR A 19 -6.67 10.33 -8.15
N PHE A 20 -6.46 10.73 -9.40
CA PHE A 20 -5.97 12.10 -9.71
C PHE A 20 -6.98 13.13 -9.21
N CYS A 21 -8.29 12.94 -9.39
CA CYS A 21 -9.29 13.91 -8.90
C CYS A 21 -9.21 13.99 -7.37
N GLU A 22 -9.14 12.85 -6.68
CA GLU A 22 -9.01 12.82 -5.20
C GLU A 22 -7.80 13.63 -4.77
N LEU A 23 -6.70 13.58 -5.53
CA LEU A 23 -5.45 14.30 -5.19
C LEU A 23 -5.60 15.79 -5.47
N GLY A 24 -6.70 16.22 -6.10
CA GLY A 24 -6.98 17.64 -6.37
C GLY A 24 -6.73 18.06 -7.81
N ALA A 25 -6.43 17.15 -8.73
CA ALA A 25 -6.20 17.50 -10.15
C ALA A 25 -7.56 17.70 -10.85
N ASP A 26 -7.57 18.57 -11.84
CA ASP A 26 -8.62 18.67 -12.88
C ASP A 26 -8.22 17.70 -13.98
N VAL A 27 -9.11 16.77 -14.30
CA VAL A 27 -8.73 15.67 -15.23
C VAL A 27 -9.75 15.66 -16.36
N LEU A 28 -9.25 15.59 -17.59
CA LEU A 28 -10.08 15.35 -18.79
C LEU A 28 -9.72 13.98 -19.33
N VAL A 29 -10.72 13.12 -19.56
CA VAL A 29 -10.50 11.81 -20.20
C VAL A 29 -10.97 11.90 -21.66
N LYS A 30 -10.11 11.52 -22.59
CA LYS A 30 -10.46 11.38 -24.02
C LYS A 30 -9.95 10.08 -24.57
N ARG A 31 -10.78 9.45 -25.39
CA ARG A 31 -10.40 8.20 -26.06
C ARG A 31 -9.33 8.48 -27.13
N ASN A 32 -8.52 7.45 -27.34
CA ASN A 32 -7.29 7.51 -28.16
C ASN A 32 -7.64 7.82 -29.63
N ASP A 33 -8.92 7.90 -30.01
CA ASP A 33 -9.31 8.26 -31.40
C ASP A 33 -10.28 9.44 -31.34
N ALA A 34 -10.39 10.16 -30.23
CA ALA A 34 -11.38 11.25 -30.04
C ALA A 34 -10.70 12.62 -30.11
N LEU A 35 -9.38 12.63 -30.30
CA LEU A 35 -8.49 13.79 -30.12
C LEU A 35 -7.48 13.74 -31.26
N THR A 36 -7.08 14.91 -31.77
CA THR A 36 -5.87 15.09 -32.61
C THR A 36 -4.82 15.81 -31.78
N LEU A 37 -3.56 15.82 -32.23
CA LEU A 37 -2.48 16.60 -31.57
C LEU A 37 -2.84 18.09 -31.53
N ALA A 38 -3.51 18.62 -32.57
CA ALA A 38 -3.99 20.01 -32.61
C ALA A 38 -4.98 20.26 -31.46
N ASP A 39 -5.93 19.35 -31.20
CA ASP A 39 -6.91 19.52 -30.10
C ASP A 39 -6.16 19.61 -28.75
N ILE A 40 -5.13 18.79 -28.56
CA ILE A 40 -4.34 18.77 -27.29
C ILE A 40 -3.71 20.16 -27.10
N ASP A 41 -3.12 20.70 -28.17
CA ASP A 41 -2.50 22.04 -28.14
C ASP A 41 -3.54 23.06 -27.66
N ALA A 42 -4.80 22.93 -28.07
CA ALA A 42 -5.88 23.87 -27.70
C ALA A 42 -6.30 23.67 -26.24
N LEU A 43 -6.28 22.44 -25.73
CA LEU A 43 -6.64 22.12 -24.32
C LEU A 43 -5.56 22.64 -23.35
N LYS A 44 -4.30 22.68 -23.78
CA LYS A 44 -3.15 23.14 -22.95
C LYS A 44 -3.13 22.37 -21.63
N PRO A 45 -3.03 21.02 -21.65
CA PRO A 45 -2.90 20.28 -20.40
C PRO A 45 -1.53 20.57 -19.76
N GLN A 46 -1.43 20.45 -18.44
CA GLN A 46 -0.15 20.57 -17.70
C GLN A 46 0.63 19.26 -17.81
N LYS A 47 -0.06 18.11 -17.84
CA LYS A 47 0.54 16.76 -17.88
C LYS A 47 -0.38 15.84 -18.67
N ILE A 48 0.17 14.75 -19.15
CA ILE A 48 -0.60 13.74 -19.92
C ILE A 48 -0.36 12.39 -19.28
N VAL A 49 -1.43 11.59 -19.20
CA VAL A 49 -1.33 10.20 -18.73
C VAL A 49 -1.85 9.34 -19.87
N ILE A 50 -1.08 8.32 -20.26
CA ILE A 50 -1.48 7.28 -21.25
C ILE A 50 -1.99 6.06 -20.46
N SER A 51 -3.27 5.73 -20.66
CA SER A 51 -3.98 4.70 -19.89
C SER A 51 -3.56 3.30 -20.32
N PRO A 52 -3.93 2.31 -19.51
CA PRO A 52 -3.86 0.91 -19.90
C PRO A 52 -4.82 0.63 -21.08
N GLY A 53 -4.76 -0.61 -21.55
CA GLY A 53 -5.72 -1.04 -22.57
C GLY A 53 -5.35 -2.35 -23.21
N PRO A 54 -6.26 -2.82 -24.09
CA PRO A 54 -6.09 -4.13 -24.71
C PRO A 54 -4.99 -4.05 -25.78
N CYS A 55 -4.51 -5.20 -26.21
CA CYS A 55 -3.66 -5.33 -27.41
C CYS A 55 -2.33 -4.60 -27.13
N THR A 56 -1.74 -3.97 -28.14
CA THR A 56 -0.34 -3.46 -28.12
C THR A 56 -0.36 -1.97 -28.40
N PRO A 57 0.78 -1.28 -28.24
CA PRO A 57 0.87 0.12 -28.64
C PRO A 57 0.45 0.44 -30.08
N ASP A 58 0.61 -0.50 -31.00
CA ASP A 58 0.23 -0.28 -32.43
C ASP A 58 -1.29 -0.10 -32.51
N GLU A 59 -2.05 -0.72 -31.60
CA GLU A 59 -3.54 -0.58 -31.56
C GLU A 59 -3.98 0.54 -30.59
N ALA A 60 -3.09 1.44 -30.15
CA ALA A 60 -3.41 2.42 -29.08
C ALA A 60 -3.73 3.79 -29.65
N GLY A 61 -4.34 3.85 -30.83
CA GLY A 61 -4.74 5.14 -31.46
C GLY A 61 -3.60 6.16 -31.44
N ILE A 62 -3.88 7.36 -30.97
CA ILE A 62 -2.96 8.54 -30.99
C ILE A 62 -1.85 8.40 -29.94
N SER A 63 -1.85 7.37 -29.09
CA SER A 63 -0.92 7.29 -27.92
C SER A 63 0.54 7.46 -28.38
N LEU A 64 1.04 6.67 -29.33
CA LEU A 64 2.49 6.76 -29.74
C LEU A 64 2.82 8.16 -30.24
N ASP A 65 1.93 8.76 -31.05
CA ASP A 65 2.09 10.14 -31.63
C ASP A 65 2.17 11.17 -30.49
N VAL A 66 1.33 11.04 -29.46
CA VAL A 66 1.32 12.00 -28.32
C VAL A 66 2.66 11.91 -27.58
N ILE A 67 3.14 10.70 -27.35
CA ILE A 67 4.40 10.45 -26.59
C ILE A 67 5.54 11.11 -27.39
N ARG A 68 5.62 10.84 -28.70
CA ARG A 68 6.70 11.38 -29.55
C ARG A 68 6.65 12.91 -29.58
N HIS A 69 5.47 13.51 -29.63
CA HIS A 69 5.30 14.98 -29.80
C HIS A 69 5.48 15.74 -28.49
N TYR A 70 5.06 15.18 -27.33
CA TYR A 70 5.06 15.93 -26.06
C TYR A 70 6.22 15.55 -25.14
N ALA A 71 6.93 14.48 -25.47
CA ALA A 71 8.13 14.00 -24.74
C ALA A 71 9.09 15.19 -24.52
N GLY A 72 9.39 15.48 -23.27
CA GLY A 72 10.25 16.60 -22.86
C GLY A 72 9.55 17.95 -22.84
N ARG A 73 8.29 18.06 -23.27
CA ARG A 73 7.55 19.34 -23.34
C ARG A 73 6.52 19.45 -22.20
N LEU A 74 5.82 18.36 -21.89
CA LEU A 74 4.95 18.25 -20.69
C LEU A 74 5.29 16.91 -20.05
N PRO A 75 5.15 16.77 -18.71
CA PRO A 75 5.31 15.47 -18.09
C PRO A 75 4.30 14.46 -18.66
N ILE A 76 4.77 13.24 -18.91
CA ILE A 76 3.92 12.10 -19.34
C ILE A 76 4.14 10.91 -18.42
N LEU A 77 3.03 10.34 -17.95
CA LEU A 77 3.03 9.04 -17.25
C LEU A 77 2.32 8.02 -18.14
N GLY A 78 2.94 6.87 -18.31
CA GLY A 78 2.33 5.73 -19.02
C GLY A 78 2.00 4.62 -18.07
N VAL A 79 0.76 4.13 -18.08
CA VAL A 79 0.37 3.00 -17.21
C VAL A 79 0.05 1.77 -18.04
N CYS A 80 0.81 0.69 -17.80
CA CYS A 80 0.68 -0.62 -18.45
C CYS A 80 0.85 -0.50 -19.97
N LEU A 81 -0.22 -0.42 -20.76
CA LEU A 81 -0.10 -0.16 -22.22
C LEU A 81 0.66 1.14 -22.45
N GLY A 82 0.39 2.18 -21.65
CA GLY A 82 1.10 3.46 -21.79
C GLY A 82 2.60 3.35 -21.59
N HIS A 83 3.00 2.51 -20.64
CA HIS A 83 4.43 2.17 -20.32
C HIS A 83 5.04 1.46 -21.54
N GLN A 84 4.33 0.47 -22.07
CA GLN A 84 4.76 -0.28 -23.27
C GLN A 84 4.93 0.71 -24.44
N ALA A 85 3.97 1.61 -24.62
CA ALA A 85 3.96 2.59 -25.73
C ALA A 85 5.16 3.53 -25.61
N MET A 86 5.45 4.00 -24.40
CA MET A 86 6.60 4.87 -24.12
C MET A 86 7.92 4.19 -24.55
N ALA A 87 8.10 2.92 -24.20
CA ALA A 87 9.30 2.15 -24.58
C ALA A 87 9.34 2.03 -26.11
N GLN A 88 8.19 1.70 -26.71
CA GLN A 88 8.11 1.48 -28.18
C GLN A 88 8.36 2.77 -28.95
N ALA A 89 7.88 3.92 -28.46
CA ALA A 89 8.00 5.23 -29.13
C ALA A 89 9.46 5.61 -29.34
N PHE A 90 10.39 5.08 -28.57
CA PHE A 90 11.84 5.45 -28.68
C PHE A 90 12.66 4.23 -29.15
N GLY A 91 12.00 3.17 -29.63
CA GLY A 91 12.65 2.02 -30.30
C GLY A 91 12.60 0.71 -29.53
N GLY A 92 11.97 0.67 -28.36
CA GLY A 92 11.84 -0.61 -27.63
C GLY A 92 10.89 -1.55 -28.34
N LYS A 93 10.78 -2.75 -27.81
CA LYS A 93 9.95 -3.82 -28.37
C LYS A 93 9.10 -4.40 -27.25
N VAL A 94 7.83 -4.66 -27.55
CA VAL A 94 6.87 -5.28 -26.59
C VAL A 94 6.69 -6.74 -26.99
N VAL A 95 6.92 -7.65 -26.06
CA VAL A 95 6.92 -9.12 -26.29
C VAL A 95 6.05 -9.76 -25.21
N ARG A 96 5.63 -10.99 -25.44
CA ARG A 96 4.87 -11.77 -24.44
C ARG A 96 5.75 -11.97 -23.21
N ALA A 97 5.17 -11.86 -22.02
CA ALA A 97 5.82 -12.20 -20.74
C ALA A 97 5.96 -13.72 -20.66
N ALA A 98 6.89 -14.19 -19.84
CA ALA A 98 7.09 -15.62 -19.54
C ALA A 98 5.76 -16.20 -19.04
N LYS A 99 5.01 -15.43 -18.23
CA LYS A 99 3.75 -15.87 -17.59
C LYS A 99 2.80 -14.68 -17.58
N VAL A 100 1.56 -14.85 -18.07
CA VAL A 100 0.53 -13.78 -18.01
C VAL A 100 0.20 -13.56 -16.53
N MET A 101 -0.05 -12.31 -16.15
CA MET A 101 -0.42 -11.94 -14.77
C MET A 101 -1.67 -11.05 -14.85
N HIS A 102 -2.83 -11.64 -14.58
CA HIS A 102 -4.16 -11.02 -14.79
C HIS A 102 -4.90 -11.05 -13.44
N GLY A 103 -4.95 -9.91 -12.75
CA GLY A 103 -5.59 -9.82 -11.43
C GLY A 103 -4.78 -10.56 -10.36
N LYS A 104 -3.46 -10.61 -10.52
CA LYS A 104 -2.51 -11.21 -9.53
C LYS A 104 -1.57 -10.11 -9.01
N THR A 105 -1.32 -10.10 -7.71
CA THR A 105 -0.37 -9.16 -7.08
C THR A 105 1.03 -9.81 -7.09
N SER A 106 2.06 -8.98 -7.15
CA SER A 106 3.49 -9.37 -7.17
C SER A 106 4.21 -8.37 -6.29
N PRO A 107 5.25 -8.80 -5.54
CA PRO A 107 6.18 -7.85 -4.95
C PRO A 107 7.17 -7.41 -6.03
N ILE A 108 7.37 -6.10 -6.17
CA ILE A 108 8.37 -5.54 -7.10
C ILE A 108 9.41 -4.76 -6.30
N THR A 109 10.62 -4.72 -6.82
CA THR A 109 11.76 -4.02 -6.17
C THR A 109 12.08 -2.82 -7.06
N HIS A 110 12.30 -1.66 -6.43
CA HIS A 110 12.62 -0.42 -7.15
C HIS A 110 13.79 0.27 -6.46
N ASN A 111 14.21 1.36 -7.05
CA ASN A 111 15.39 2.18 -6.69
C ASN A 111 14.97 3.47 -5.98
N GLY A 112 13.69 3.59 -5.59
CA GLY A 112 13.20 4.75 -4.83
C GLY A 112 13.29 6.03 -5.62
N GLU A 113 13.32 5.94 -6.94
CA GLU A 113 13.39 7.14 -7.82
C GLU A 113 12.10 7.30 -8.63
N GLY A 114 11.92 8.48 -9.22
CA GLY A 114 10.74 8.85 -10.01
C GLY A 114 9.48 8.67 -9.18
N VAL A 115 8.49 7.96 -9.72
CA VAL A 115 7.18 7.80 -9.00
C VAL A 115 7.37 6.92 -7.75
N PHE A 116 8.52 6.24 -7.57
CA PHE A 116 8.77 5.38 -6.39
C PHE A 116 9.40 6.17 -5.23
N ARG A 117 9.61 7.49 -5.35
CA ARG A 117 10.18 8.33 -4.27
C ARG A 117 9.29 8.21 -3.05
N GLY A 118 9.89 7.87 -1.91
CA GLY A 118 9.16 7.82 -0.65
C GLY A 118 8.37 6.55 -0.48
N LEU A 119 8.36 5.63 -1.45
CA LEU A 119 7.56 4.39 -1.34
C LEU A 119 8.37 3.25 -0.73
N ALA A 120 7.67 2.38 -0.01
CA ALA A 120 8.22 1.14 0.57
C ALA A 120 8.84 0.28 -0.54
N ASN A 121 9.86 -0.50 -0.20
CA ASN A 121 10.57 -1.42 -1.12
C ASN A 121 10.84 -2.72 -0.38
N PRO A 122 10.35 -3.90 -0.82
CA PRO A 122 9.56 -4.00 -2.05
C PRO A 122 8.13 -3.44 -1.92
N LEU A 123 7.43 -3.37 -3.04
CA LEU A 123 6.04 -2.86 -3.13
C LEU A 123 5.18 -3.92 -3.80
N THR A 124 4.04 -4.28 -3.21
CA THR A 124 3.06 -5.23 -3.77
C THR A 124 2.13 -4.46 -4.72
N VAL A 125 2.04 -4.91 -5.96
CA VAL A 125 1.29 -4.20 -7.04
C VAL A 125 0.43 -5.21 -7.79
N THR A 126 -0.75 -4.77 -8.23
CA THR A 126 -1.60 -5.64 -9.07
C THR A 126 -1.14 -5.57 -10.51
N ARG A 127 -1.14 -6.71 -11.18
CA ARG A 127 -0.77 -6.78 -12.62
C ARG A 127 -2.00 -7.26 -13.39
N TYR A 128 -2.13 -6.73 -14.59
CA TYR A 128 -3.15 -7.07 -15.61
C TYR A 128 -2.47 -6.94 -16.98
N HIS A 129 -1.46 -7.77 -17.25
CA HIS A 129 -0.73 -7.71 -18.54
C HIS A 129 -0.24 -9.10 -18.98
N SER A 130 -0.24 -9.31 -20.29
CA SER A 130 0.28 -10.53 -20.97
C SER A 130 1.65 -10.18 -21.59
N LEU A 131 1.96 -8.91 -21.77
CA LEU A 131 3.16 -8.44 -22.52
C LEU A 131 4.07 -7.62 -21.61
N VAL A 132 5.36 -7.58 -21.93
CA VAL A 132 6.38 -6.75 -21.21
C VAL A 132 7.25 -6.05 -22.24
N VAL A 133 8.01 -5.07 -21.78
CA VAL A 133 9.08 -4.40 -22.57
C VAL A 133 10.27 -5.37 -22.52
N GLU A 134 10.76 -5.77 -23.69
CA GLU A 134 11.94 -6.67 -23.77
C GLU A 134 13.15 -5.93 -23.18
N PRO A 135 13.80 -6.46 -22.13
CA PRO A 135 14.90 -5.73 -21.49
C PRO A 135 16.03 -5.41 -22.48
N ASP A 136 16.40 -6.37 -23.33
CA ASP A 136 17.53 -6.23 -24.31
C ASP A 136 17.30 -5.03 -25.25
N SER A 137 16.06 -4.82 -25.70
CA SER A 137 15.63 -3.78 -26.67
C SER A 137 15.54 -2.39 -26.02
N LEU A 138 15.53 -2.27 -24.69
CA LEU A 138 15.15 -1.00 -24.02
C LEU A 138 16.11 0.09 -24.51
N PRO A 139 15.62 1.21 -25.08
CA PRO A 139 16.50 2.30 -25.49
C PRO A 139 17.37 2.78 -24.32
N ALA A 140 18.55 3.30 -24.66
CA ALA A 140 19.53 3.90 -23.72
C ALA A 140 18.89 5.04 -22.94
N CYS A 141 17.95 5.80 -23.53
CA CYS A 141 17.39 7.02 -22.89
C CYS A 141 16.56 6.65 -21.63
N PHE A 142 16.27 5.38 -21.39
CA PHE A 142 15.47 4.91 -20.23
C PHE A 142 16.34 4.18 -19.20
N ASP A 143 16.17 4.46 -17.91
CA ASP A 143 16.61 3.57 -16.80
C ASP A 143 15.45 2.68 -16.38
N VAL A 144 15.70 1.42 -16.00
CA VAL A 144 14.69 0.58 -15.33
C VAL A 144 14.59 1.02 -13.86
N THR A 145 13.39 1.41 -13.42
CA THR A 145 13.15 1.93 -12.07
C THR A 145 12.63 0.80 -11.20
N ALA A 146 12.12 -0.29 -11.78
CA ALA A 146 11.51 -1.36 -10.98
C ALA A 146 11.55 -2.67 -11.74
N TRP A 147 11.66 -3.76 -11.00
CA TRP A 147 11.77 -5.16 -11.49
C TRP A 147 10.80 -6.05 -10.74
N SER A 148 10.26 -7.06 -11.44
CA SER A 148 9.53 -8.19 -10.82
C SER A 148 10.54 -9.16 -10.21
N GLU A 149 10.05 -10.14 -9.45
CA GLU A 149 10.83 -11.26 -8.90
C GLU A 149 11.54 -12.04 -10.01
N THR A 150 11.03 -12.05 -11.24
CA THR A 150 11.64 -12.80 -12.39
C THR A 150 12.40 -11.85 -13.32
N ARG A 151 12.74 -10.63 -12.86
CA ARG A 151 13.53 -9.63 -13.61
C ARG A 151 12.77 -9.13 -14.85
N GLU A 152 11.44 -9.00 -14.79
CA GLU A 152 10.70 -8.28 -15.86
C GLU A 152 10.73 -6.79 -15.49
N ILE A 153 10.80 -5.93 -16.49
CA ILE A 153 10.71 -4.46 -16.34
C ILE A 153 9.31 -4.13 -15.78
N MET A 154 9.27 -3.46 -14.63
CA MET A 154 8.01 -3.00 -14.02
C MET A 154 7.93 -1.48 -14.03
N GLY A 155 9.01 -0.81 -14.40
CA GLY A 155 9.00 0.65 -14.49
C GLY A 155 10.20 1.16 -15.25
N ILE A 156 10.03 2.28 -15.93
CA ILE A 156 11.09 2.98 -16.69
C ILE A 156 10.96 4.46 -16.46
N ARG A 157 12.07 5.16 -16.59
CA ARG A 157 12.12 6.63 -16.46
C ARG A 157 13.14 7.14 -17.47
N HIS A 158 12.77 8.17 -18.23
CA HIS A 158 13.67 8.80 -19.22
C HIS A 158 14.78 9.53 -18.46
N ARG A 159 16.03 9.40 -18.93
CA ARG A 159 17.16 9.86 -18.10
C ARG A 159 17.26 11.40 -18.17
N GLN A 160 16.59 12.06 -19.13
CA GLN A 160 16.57 13.55 -19.26
C GLN A 160 15.21 14.13 -18.90
N TRP A 161 14.11 13.51 -19.34
CA TRP A 161 12.76 14.14 -19.33
C TRP A 161 11.85 13.52 -18.27
N ASP A 162 10.80 14.24 -17.89
CA ASP A 162 9.72 13.74 -17.00
C ASP A 162 8.81 12.89 -17.89
N LEU A 163 9.21 11.64 -18.04
CA LEU A 163 8.56 10.64 -18.96
C LEU A 163 8.76 9.30 -18.29
N GLU A 164 7.71 8.73 -17.74
CA GLU A 164 7.79 7.59 -16.83
C GLU A 164 6.66 6.61 -17.12
N GLY A 165 6.98 5.33 -17.08
CA GLY A 165 6.04 4.23 -17.25
C GLY A 165 6.12 3.33 -16.06
N VAL A 166 4.97 2.76 -15.69
CA VAL A 166 4.87 1.62 -14.79
C VAL A 166 4.06 0.54 -15.52
N GLN A 167 4.42 -0.72 -15.36
CA GLN A 167 3.80 -1.88 -16.07
C GLN A 167 2.55 -2.36 -15.30
N PHE A 168 2.48 -2.04 -14.02
CA PHE A 168 1.44 -2.54 -13.08
C PHE A 168 0.39 -1.42 -12.93
N HIS A 169 -0.59 -1.65 -12.05
CA HIS A 169 -1.74 -0.76 -11.81
C HIS A 169 -1.66 -0.22 -10.42
N PRO A 170 -1.11 0.99 -10.24
CA PRO A 170 -1.12 1.62 -8.91
C PRO A 170 -2.55 1.89 -8.39
N GLU A 171 -3.50 2.01 -9.32
CA GLU A 171 -4.90 2.39 -9.06
C GLU A 171 -5.76 1.16 -8.72
N SER A 172 -5.22 -0.06 -8.78
CA SER A 172 -5.90 -1.30 -8.31
C SER A 172 -6.10 -1.26 -6.78
N ILE A 173 -7.21 -1.83 -6.33
CA ILE A 173 -7.54 -1.83 -4.88
C ILE A 173 -6.44 -2.56 -4.07
N LEU A 174 -5.76 -3.55 -4.66
CA LEU A 174 -4.73 -4.37 -3.93
C LEU A 174 -3.30 -3.87 -4.20
N SER A 175 -3.11 -2.77 -4.92
CA SER A 175 -1.76 -2.15 -5.07
C SER A 175 -1.45 -1.31 -3.84
N GLU A 176 -0.24 -1.44 -3.33
CA GLU A 176 0.23 -0.65 -2.17
C GLU A 176 0.64 0.74 -2.63
N GLN A 177 0.29 1.76 -1.86
CA GLN A 177 0.77 3.16 -1.97
C GLN A 177 0.47 3.74 -3.36
N GLY A 178 -0.65 3.33 -3.98
CA GLY A 178 -0.99 3.83 -5.32
C GLY A 178 -1.28 5.31 -5.32
N HIS A 179 -1.99 5.84 -4.31
CA HIS A 179 -2.24 7.31 -4.31
C HIS A 179 -0.91 8.05 -4.24
N GLN A 180 0.01 7.60 -3.39
CA GLN A 180 1.29 8.34 -3.22
C GLN A 180 2.14 8.24 -4.49
N LEU A 181 2.13 7.08 -5.15
CA LEU A 181 2.85 6.91 -6.43
C LEU A 181 2.34 7.97 -7.41
N LEU A 182 1.03 8.05 -7.60
CA LEU A 182 0.49 9.05 -8.55
C LEU A 182 0.73 10.48 -8.04
N ALA A 183 0.67 10.72 -6.73
CA ALA A 183 0.95 12.03 -6.13
C ALA A 183 2.36 12.49 -6.50
N ASN A 184 3.34 11.58 -6.56
CA ASN A 184 4.72 11.89 -7.02
C ASN A 184 4.63 12.50 -8.41
N PHE A 185 3.88 11.88 -9.32
CA PHE A 185 3.77 12.40 -10.71
C PHE A 185 3.07 13.76 -10.69
N LEU A 186 1.96 13.89 -9.93
CA LEU A 186 1.15 15.13 -9.93
C LEU A 186 1.95 16.31 -9.36
N HIS A 187 2.72 16.13 -8.30
CA HIS A 187 3.28 17.25 -7.50
C HIS A 187 4.76 17.52 -7.76
N ARG A 188 5.53 16.64 -8.42
CA ARG A 188 7.00 16.85 -8.71
C ARG A 188 7.27 18.29 -9.15
N GLY B 1 46.95 -11.39 -2.25
CA GLY B 1 45.84 -10.50 -2.73
C GLY B 1 45.30 -9.63 -1.60
N MET B 2 46.18 -9.17 -0.69
CA MET B 2 45.83 -8.34 0.49
C MET B 2 45.87 -6.84 0.08
N ILE B 3 44.81 -6.12 0.40
CA ILE B 3 44.66 -4.65 0.20
C ILE B 3 44.85 -3.99 1.55
N LEU B 4 45.78 -3.05 1.69
CA LEU B 4 45.96 -2.27 2.94
C LEU B 4 45.14 -0.98 2.84
N LEU B 5 44.20 -0.81 3.77
CA LEU B 5 43.37 0.41 3.89
C LEU B 5 43.91 1.19 5.07
N ILE B 6 44.53 2.33 4.77
CA ILE B 6 45.06 3.23 5.81
C ILE B 6 43.90 4.14 6.24
N ASP B 7 43.50 4.00 7.50
CA ASP B 7 42.37 4.76 8.09
C ASP B 7 42.87 6.07 8.66
N ASN B 8 42.45 7.19 8.08
CA ASN B 8 42.77 8.55 8.55
C ASN B 8 41.65 9.01 9.49
N TYR B 9 40.94 8.09 10.13
CA TYR B 9 40.00 8.39 11.25
C TYR B 9 38.75 9.06 10.69
N ASP B 10 38.36 8.66 9.49
CA ASP B 10 37.10 9.15 8.88
C ASP B 10 35.88 8.48 9.56
N SER B 11 34.73 9.12 9.49
CA SER B 11 33.45 8.56 10.00
C SER B 11 32.98 7.39 9.12
N PHE B 12 33.50 7.23 7.90
CA PHE B 12 32.95 6.32 6.87
C PHE B 12 33.95 5.29 6.39
N THR B 13 35.12 5.16 7.03
CA THR B 13 36.18 4.22 6.57
C THR B 13 35.70 2.79 6.39
N TRP B 14 34.82 2.31 7.29
CA TRP B 14 34.35 0.91 7.25
C TRP B 14 33.35 0.68 6.09
N ASN B 15 32.81 1.75 5.50
CA ASN B 15 32.04 1.68 4.22
C ASN B 15 32.99 1.35 3.08
N LEU B 16 34.20 1.93 3.07
CA LEU B 16 35.21 1.51 2.07
C LEU B 16 35.59 0.06 2.28
N TYR B 17 35.84 -0.31 3.54
CA TYR B 17 36.15 -1.70 3.89
C TYR B 17 35.06 -2.62 3.34
N GLN B 18 33.80 -2.32 3.66
CA GLN B 18 32.69 -3.20 3.25
C GLN B 18 32.55 -3.28 1.71
N TYR B 19 32.66 -2.18 0.98
CA TYR B 19 32.62 -2.20 -0.51
C TYR B 19 33.75 -3.07 -1.08
N PHE B 20 34.97 -2.94 -0.58
CA PHE B 20 36.10 -3.81 -1.04
C PHE B 20 35.81 -5.27 -0.69
N CYS B 21 35.23 -5.57 0.49
CA CYS B 21 34.89 -6.97 0.84
C CYS B 21 33.83 -7.52 -0.13
N GLU B 22 32.84 -6.70 -0.45
CA GLU B 22 31.80 -7.08 -1.43
C GLU B 22 32.43 -7.42 -2.77
N LEU B 23 33.50 -6.72 -3.15
CA LEU B 23 34.18 -6.96 -4.45
C LEU B 23 35.08 -8.18 -4.36
N GLY B 24 35.21 -8.80 -3.19
CA GLY B 24 36.03 -10.03 -2.98
C GLY B 24 37.45 -9.77 -2.49
N ALA B 25 37.80 -8.55 -2.10
CA ALA B 25 39.16 -8.21 -1.65
C ALA B 25 39.37 -8.70 -0.21
N ASP B 26 40.62 -9.02 0.10
CA ASP B 26 41.08 -9.31 1.47
C ASP B 26 41.65 -7.97 1.98
N VAL B 27 41.01 -7.36 2.96
CA VAL B 27 41.35 -5.97 3.36
C VAL B 27 41.89 -5.97 4.78
N LEU B 28 43.02 -5.34 4.96
CA LEU B 28 43.57 -5.07 6.32
C LEU B 28 43.45 -3.58 6.57
N VAL B 29 42.76 -3.21 7.63
CA VAL B 29 42.54 -1.79 8.00
C VAL B 29 43.51 -1.47 9.13
N LYS B 30 44.27 -0.39 8.97
CA LYS B 30 45.24 0.09 9.98
C LYS B 30 45.12 1.59 10.06
N ARG B 31 45.15 2.13 11.27
CA ARG B 31 45.13 3.58 11.50
C ARG B 31 46.46 4.16 11.04
N ASN B 32 46.42 5.42 10.62
CA ASN B 32 47.56 6.14 9.99
C ASN B 32 48.74 6.27 10.97
N ASP B 33 48.52 5.99 12.24
CA ASP B 33 49.53 6.15 13.32
C ASP B 33 49.76 4.78 13.99
N ALA B 34 49.29 3.68 13.41
CA ALA B 34 49.44 2.31 13.95
C ALA B 34 50.47 1.53 13.15
N LEU B 35 51.03 2.13 12.10
CA LEU B 35 51.86 1.45 11.08
C LEU B 35 53.04 2.36 10.79
N THR B 36 54.21 1.78 10.54
CA THR B 36 55.41 2.46 9.98
C THR B 36 55.62 1.94 8.56
N LEU B 37 56.50 2.57 7.78
CA LEU B 37 56.91 2.06 6.45
C LEU B 37 57.50 0.66 6.53
N ALA B 38 58.31 0.37 7.56
CA ALA B 38 58.89 -0.97 7.79
C ALA B 38 57.76 -2.00 7.96
N ASP B 39 56.68 -1.66 8.67
CA ASP B 39 55.57 -2.62 8.89
C ASP B 39 54.95 -2.97 7.55
N ILE B 40 54.74 -1.96 6.70
CA ILE B 40 54.11 -2.15 5.36
C ILE B 40 54.96 -3.10 4.53
N ASP B 41 56.28 -2.91 4.56
CA ASP B 41 57.22 -3.76 3.80
C ASP B 41 57.01 -5.22 4.21
N ALA B 42 56.79 -5.48 5.50
CA ALA B 42 56.66 -6.86 6.03
C ALA B 42 55.30 -7.44 5.64
N LEU B 43 54.26 -6.61 5.61
CA LEU B 43 52.87 -7.04 5.27
C LEU B 43 52.77 -7.37 3.78
N LYS B 44 53.53 -6.71 2.93
CA LYS B 44 53.52 -6.94 1.46
C LYS B 44 52.09 -6.85 0.93
N PRO B 45 51.40 -5.71 1.09
CA PRO B 45 50.11 -5.53 0.43
C PRO B 45 50.28 -5.56 -1.11
N GLN B 46 49.25 -5.97 -1.84
CA GLN B 46 49.19 -5.90 -3.32
C GLN B 46 48.93 -4.45 -3.72
N LYS B 47 48.03 -3.76 -2.99
CA LYS B 47 47.60 -2.39 -3.26
C LYS B 47 47.32 -1.67 -1.94
N ILE B 48 47.36 -0.36 -1.98
CA ILE B 48 47.11 0.48 -0.77
C ILE B 48 46.03 1.48 -1.10
N VAL B 49 45.11 1.66 -0.17
CA VAL B 49 44.08 2.72 -0.27
C VAL B 49 44.27 3.66 0.89
N ILE B 50 44.33 4.96 0.60
CA ILE B 50 44.47 6.04 1.61
C ILE B 50 43.08 6.66 1.81
N SER B 51 42.53 6.50 3.02
CA SER B 51 41.12 6.82 3.33
C SER B 51 40.97 8.33 3.47
N PRO B 52 39.71 8.78 3.42
CA PRO B 52 39.37 10.12 3.87
C PRO B 52 39.68 10.34 5.35
N GLY B 53 39.66 11.59 5.79
CA GLY B 53 39.84 11.89 7.21
C GLY B 53 39.70 13.36 7.50
N PRO B 54 39.42 13.73 8.77
CA PRO B 54 39.17 15.12 9.13
C PRO B 54 40.43 15.97 9.36
N CYS B 55 41.53 15.69 8.70
CA CYS B 55 42.82 16.39 8.93
C CYS B 55 43.39 16.81 7.58
N THR B 56 44.47 17.60 7.59
CA THR B 56 45.26 17.92 6.38
C THR B 56 46.18 16.75 6.08
N PRO B 57 46.76 16.68 4.86
CA PRO B 57 47.73 15.61 4.59
C PRO B 57 48.91 15.59 5.57
N ASP B 58 49.34 16.76 6.04
CA ASP B 58 50.50 16.88 6.97
C ASP B 58 50.17 16.14 8.26
N GLU B 59 48.90 16.15 8.66
CA GLU B 59 48.45 15.58 9.96
C GLU B 59 47.90 14.17 9.75
N ALA B 60 48.11 13.54 8.59
CA ALA B 60 47.49 12.24 8.24
C ALA B 60 48.47 11.09 8.51
N GLY B 61 49.24 11.21 9.60
CA GLY B 61 50.18 10.12 10.00
C GLY B 61 51.07 9.70 8.86
N ILE B 62 51.15 8.40 8.57
CA ILE B 62 52.05 7.78 7.56
C ILE B 62 51.61 8.09 6.12
N SER B 63 50.45 8.70 5.89
CA SER B 63 49.85 8.79 4.52
C SER B 63 50.86 9.38 3.50
N LEU B 64 51.39 10.57 3.74
CA LEU B 64 52.31 11.22 2.77
C LEU B 64 53.55 10.34 2.55
N ASP B 65 54.06 9.72 3.62
CA ASP B 65 55.28 8.85 3.55
C ASP B 65 54.96 7.61 2.70
N VAL B 66 53.76 7.03 2.80
CA VAL B 66 53.38 5.87 1.95
C VAL B 66 53.41 6.28 0.47
N ILE B 67 52.86 7.43 0.14
CA ILE B 67 52.82 7.87 -1.28
C ILE B 67 54.25 8.05 -1.79
N ARG B 68 55.10 8.74 -1.02
CA ARG B 68 56.52 8.96 -1.40
C ARG B 68 57.27 7.64 -1.56
N HIS B 69 57.01 6.65 -0.71
CA HIS B 69 57.78 5.38 -0.69
C HIS B 69 57.26 4.40 -1.72
N TYR B 70 55.94 4.33 -1.97
CA TYR B 70 55.37 3.19 -2.75
C TYR B 70 54.89 3.65 -4.14
N ALA B 71 54.89 4.97 -4.40
CA ALA B 71 54.58 5.52 -5.74
C ALA B 71 55.47 4.83 -6.78
N GLY B 72 54.87 4.17 -7.76
CA GLY B 72 55.58 3.40 -8.79
C GLY B 72 56.04 2.03 -8.32
N ARG B 73 55.73 1.61 -7.08
CA ARG B 73 56.04 0.25 -6.57
C ARG B 73 54.74 -0.58 -6.47
N LEU B 74 53.64 0.01 -6.02
CA LEU B 74 52.36 -0.72 -6.03
C LEU B 74 51.23 0.28 -6.24
N PRO B 75 50.07 -0.20 -6.74
CA PRO B 75 48.92 0.69 -6.98
C PRO B 75 48.45 1.32 -5.67
N ILE B 76 48.17 2.62 -5.72
CA ILE B 76 47.60 3.40 -4.61
C ILE B 76 46.36 4.13 -5.10
N LEU B 77 45.27 4.02 -4.34
CA LEU B 77 44.05 4.85 -4.52
C LEU B 77 43.95 5.77 -3.33
N GLY B 78 43.82 7.05 -3.61
CA GLY B 78 43.59 8.08 -2.60
C GLY B 78 42.14 8.52 -2.63
N VAL B 79 41.45 8.49 -1.49
CA VAL B 79 40.06 8.97 -1.42
C VAL B 79 39.98 10.22 -0.54
N CYS B 80 39.50 11.32 -1.12
CA CYS B 80 39.29 12.64 -0.45
C CYS B 80 40.60 13.17 0.16
N LEU B 81 40.85 13.00 1.45
CA LEU B 81 42.20 13.31 2.04
C LEU B 81 43.30 12.57 1.27
N GLY B 82 43.10 11.32 0.90
CA GLY B 82 44.14 10.51 0.23
C GLY B 82 44.50 11.08 -1.14
N HIS B 83 43.50 11.59 -1.84
CA HIS B 83 43.60 12.32 -3.14
C HIS B 83 44.41 13.60 -2.92
N GLN B 84 44.09 14.36 -1.89
CA GLN B 84 44.79 15.61 -1.54
C GLN B 84 46.24 15.29 -1.19
N ALA B 85 46.48 14.22 -0.43
CA ALA B 85 47.86 13.81 -0.02
C ALA B 85 48.68 13.45 -1.26
N MET B 86 48.09 12.68 -2.18
CA MET B 86 48.73 12.29 -3.45
C MET B 86 49.17 13.54 -4.24
N ALA B 87 48.32 14.56 -4.34
CA ALA B 87 48.64 15.82 -5.06
C ALA B 87 49.79 16.50 -4.33
N GLN B 88 49.68 16.58 -3.01
CA GLN B 88 50.68 17.31 -2.17
C GLN B 88 52.04 16.60 -2.26
N ALA B 89 52.10 15.26 -2.28
CA ALA B 89 53.37 14.52 -2.27
C ALA B 89 54.22 14.86 -3.51
N PHE B 90 53.60 15.27 -4.61
CA PHE B 90 54.30 15.58 -5.88
C PHE B 90 54.44 17.10 -6.08
N GLY B 91 54.06 17.92 -5.08
CA GLY B 91 54.19 19.39 -5.14
C GLY B 91 52.89 20.17 -5.27
N GLY B 92 51.74 19.51 -5.36
CA GLY B 92 50.45 20.23 -5.39
C GLY B 92 50.14 20.94 -4.09
N LYS B 93 49.12 21.78 -4.09
CA LYS B 93 48.63 22.48 -2.87
C LYS B 93 47.11 22.26 -2.73
N VAL B 94 46.65 22.19 -1.50
CA VAL B 94 45.19 22.11 -1.15
C VAL B 94 44.69 23.50 -0.76
N VAL B 95 43.58 23.95 -1.37
CA VAL B 95 42.93 25.27 -1.11
C VAL B 95 41.44 25.05 -0.83
N ARG B 96 40.78 26.05 -0.25
CA ARG B 96 39.33 26.01 0.08
C ARG B 96 38.57 25.87 -1.25
N ALA B 97 37.51 25.04 -1.25
CA ALA B 97 36.58 24.87 -2.39
C ALA B 97 35.71 26.12 -2.52
N ALA B 98 35.12 26.32 -3.70
CA ALA B 98 34.09 27.35 -4.00
C ALA B 98 32.97 27.27 -2.95
N LYS B 99 32.54 26.06 -2.61
CA LYS B 99 31.43 25.78 -1.66
C LYS B 99 31.83 24.56 -0.83
N VAL B 100 31.75 24.66 0.49
CA VAL B 100 31.88 23.50 1.43
C VAL B 100 30.71 22.54 1.14
N MET B 101 30.96 21.23 1.18
CA MET B 101 30.00 20.21 0.73
C MET B 101 30.05 19.02 1.71
N HIS B 102 29.06 18.91 2.60
CA HIS B 102 28.93 17.78 3.57
C HIS B 102 27.62 17.03 3.32
N GLY B 103 27.74 15.80 2.79
CA GLY B 103 26.59 14.93 2.54
C GLY B 103 25.70 15.49 1.42
N LYS B 104 26.31 16.15 0.44
CA LYS B 104 25.64 16.71 -0.76
C LYS B 104 26.20 16.02 -2.02
N THR B 105 25.31 15.71 -2.96
CA THR B 105 25.68 15.05 -4.23
C THR B 105 25.92 16.14 -5.27
N SER B 106 26.78 15.86 -6.23
CA SER B 106 27.14 16.73 -7.38
C SER B 106 27.25 15.82 -8.58
N PRO B 107 26.84 16.27 -9.78
CA PRO B 107 27.20 15.56 -10.99
C PRO B 107 28.62 16.02 -11.36
N ILE B 108 29.46 15.05 -11.71
CA ILE B 108 30.86 15.34 -12.14
C ILE B 108 31.02 14.79 -13.56
N THR B 109 31.88 15.43 -14.34
CA THR B 109 32.23 15.00 -15.71
C THR B 109 33.62 14.38 -15.66
N HIS B 110 33.80 13.24 -16.31
CA HIS B 110 35.13 12.58 -16.36
C HIS B 110 35.51 12.22 -17.79
N ASN B 111 36.72 11.71 -17.98
CA ASN B 111 37.31 11.38 -19.31
C ASN B 111 37.27 9.87 -19.55
N GLY B 112 36.56 9.12 -18.70
CA GLY B 112 36.41 7.66 -18.89
C GLY B 112 37.72 6.92 -18.78
N GLU B 113 38.73 7.53 -18.13
CA GLU B 113 40.01 6.85 -17.86
C GLU B 113 40.15 6.50 -16.37
N GLY B 114 41.07 5.58 -16.10
CA GLY B 114 41.40 5.06 -14.77
C GLY B 114 40.16 4.50 -14.12
N VAL B 115 39.85 4.96 -12.90
CA VAL B 115 38.71 4.39 -12.14
C VAL B 115 37.37 4.72 -12.82
N PHE B 116 37.35 5.66 -13.79
CA PHE B 116 36.11 6.06 -14.48
C PHE B 116 35.84 5.22 -15.74
N ARG B 117 36.68 4.24 -16.07
CA ARG B 117 36.49 3.37 -17.26
C ARG B 117 35.11 2.71 -17.17
N GLY B 118 34.31 2.89 -18.22
CA GLY B 118 32.99 2.25 -18.35
C GLY B 118 31.91 2.90 -17.50
N LEU B 119 32.20 3.99 -16.77
CA LEU B 119 31.20 4.58 -15.85
C LEU B 119 30.34 5.60 -16.58
N ALA B 120 29.12 5.80 -16.07
CA ALA B 120 28.16 6.83 -16.52
C ALA B 120 28.81 8.21 -16.48
N ASN B 121 28.47 9.09 -17.42
CA ASN B 121 29.02 10.47 -17.50
C ASN B 121 27.87 11.38 -17.91
N PRO B 122 27.51 12.41 -17.12
CA PRO B 122 28.11 12.67 -15.80
C PRO B 122 27.76 11.63 -14.73
N LEU B 123 28.51 11.66 -13.64
CA LEU B 123 28.43 10.69 -12.50
C LEU B 123 28.03 11.50 -11.26
N THR B 124 26.97 11.07 -10.57
CA THR B 124 26.52 11.71 -9.31
C THR B 124 27.34 11.11 -8.14
N VAL B 125 27.93 11.96 -7.34
CA VAL B 125 28.85 11.52 -6.24
C VAL B 125 28.54 12.31 -4.99
N THR B 126 28.72 11.67 -3.83
CA THR B 126 28.57 12.36 -2.55
C THR B 126 29.90 13.00 -2.16
N ARG B 127 29.82 14.21 -1.65
CA ARG B 127 30.99 14.99 -1.20
C ARG B 127 30.86 15.22 0.31
N TYR B 128 32.00 15.13 0.99
CA TYR B 128 32.20 15.46 2.42
C TYR B 128 33.58 16.14 2.51
N HIS B 129 33.72 17.37 1.98
CA HIS B 129 35.02 18.10 1.96
C HIS B 129 34.83 19.62 1.88
N SER B 130 35.76 20.37 2.49
CA SER B 130 35.86 21.85 2.43
C SER B 130 37.01 22.28 1.51
N LEU B 131 37.96 21.39 1.20
CA LEU B 131 39.20 21.75 0.42
C LEU B 131 39.25 20.97 -0.90
N VAL B 132 39.97 21.50 -1.89
CA VAL B 132 40.21 20.82 -3.20
C VAL B 132 41.70 20.99 -3.54
N VAL B 133 42.21 20.25 -4.52
CA VAL B 133 43.58 20.47 -5.03
C VAL B 133 43.51 21.64 -6.03
N GLU B 134 44.34 22.65 -5.83
CA GLU B 134 44.42 23.84 -6.74
C GLU B 134 44.80 23.38 -8.14
N PRO B 135 43.97 23.67 -9.18
CA PRO B 135 44.29 23.23 -10.54
C PRO B 135 45.64 23.79 -11.04
N ASP B 136 45.92 25.06 -10.74
CA ASP B 136 47.14 25.79 -11.21
C ASP B 136 48.41 25.06 -10.71
N SER B 137 48.40 24.57 -9.47
CA SER B 137 49.52 23.91 -8.75
C SER B 137 49.74 22.46 -9.23
N LEU B 138 48.77 21.85 -9.92
CA LEU B 138 48.77 20.38 -10.06
C LEU B 138 50.02 19.96 -10.81
N PRO B 139 50.88 19.07 -10.25
CA PRO B 139 52.08 18.63 -10.97
C PRO B 139 51.73 18.01 -12.33
N ALA B 140 52.64 18.14 -13.29
CA ALA B 140 52.47 17.68 -14.70
C ALA B 140 52.28 16.17 -14.77
N CYS B 141 52.84 15.42 -13.80
CA CYS B 141 52.74 13.92 -13.78
C CYS B 141 51.26 13.46 -13.64
N PHE B 142 50.33 14.35 -13.34
CA PHE B 142 48.89 14.03 -13.13
C PHE B 142 48.03 14.57 -14.28
N ASP B 143 47.14 13.75 -14.81
CA ASP B 143 45.98 14.22 -15.62
C ASP B 143 44.80 14.43 -14.67
N VAL B 144 43.99 15.46 -14.90
CA VAL B 144 42.67 15.56 -14.24
C VAL B 144 41.70 14.61 -14.95
N THR B 145 41.15 13.63 -14.23
CA THR B 145 40.28 12.59 -14.78
C THR B 145 38.82 13.01 -14.58
N ALA B 146 38.54 13.98 -13.73
CA ALA B 146 37.15 14.36 -13.41
C ALA B 146 37.11 15.76 -12.82
N TRP B 147 36.04 16.47 -13.17
CA TRP B 147 35.75 17.88 -12.79
C TRP B 147 34.33 18.00 -12.23
N SER B 148 34.15 18.92 -11.31
CA SER B 148 32.82 19.36 -10.84
C SER B 148 32.25 20.35 -11.86
N GLU B 149 30.97 20.69 -11.73
CA GLU B 149 30.33 21.71 -12.62
C GLU B 149 31.00 23.08 -12.44
N THR B 150 31.69 23.33 -11.33
CA THR B 150 32.42 24.60 -11.08
C THR B 150 33.93 24.47 -11.39
N ARG B 151 34.34 23.43 -12.12
CA ARG B 151 35.75 23.19 -12.54
C ARG B 151 36.66 22.93 -11.32
N GLU B 152 36.17 22.27 -10.27
CA GLU B 152 37.07 21.76 -9.19
C GLU B 152 37.59 20.40 -9.64
N ILE B 153 38.84 20.08 -9.32
CA ILE B 153 39.38 18.72 -9.55
C ILE B 153 38.59 17.73 -8.67
N MET B 154 38.05 16.70 -9.28
CA MET B 154 37.35 15.60 -8.56
C MET B 154 38.10 14.28 -8.73
N GLY B 155 39.07 14.20 -9.65
CA GLY B 155 39.84 12.98 -9.87
C GLY B 155 41.16 13.28 -10.55
N ILE B 156 42.22 12.58 -10.15
CA ILE B 156 43.56 12.69 -10.81
C ILE B 156 44.11 11.30 -11.05
N ARG B 157 44.98 11.18 -12.05
CA ARG B 157 45.64 9.90 -12.36
C ARG B 157 47.07 10.22 -12.80
N HIS B 158 48.04 9.49 -12.25
CA HIS B 158 49.46 9.66 -12.62
C HIS B 158 49.65 9.14 -14.04
N ARG B 159 50.43 9.86 -14.85
CA ARG B 159 50.56 9.53 -16.31
C ARG B 159 51.36 8.24 -16.51
N GLN B 160 52.19 7.86 -15.54
CA GLN B 160 53.09 6.67 -15.65
C GLN B 160 52.66 5.54 -14.72
N TRP B 161 52.25 5.88 -13.50
CA TRP B 161 52.07 4.89 -12.40
C TRP B 161 50.58 4.68 -12.08
N ASP B 162 50.29 3.54 -11.47
CA ASP B 162 48.94 3.20 -10.98
C ASP B 162 48.74 3.94 -9.65
N LEU B 163 48.61 5.26 -9.71
CA LEU B 163 48.35 6.20 -8.60
C LEU B 163 47.16 7.04 -9.02
N GLU B 164 46.08 7.01 -8.25
CA GLU B 164 44.80 7.65 -8.61
C GLU B 164 44.14 8.21 -7.35
N GLY B 165 43.52 9.36 -7.48
CA GLY B 165 42.81 10.04 -6.40
C GLY B 165 41.43 10.39 -6.87
N VAL B 166 40.43 10.32 -5.98
CA VAL B 166 39.08 10.92 -6.18
C VAL B 166 38.79 11.80 -4.97
N GLN B 167 38.14 12.94 -5.18
CA GLN B 167 37.88 13.96 -4.15
C GLN B 167 36.58 13.65 -3.40
N PHE B 168 35.73 12.81 -3.98
CA PHE B 168 34.38 12.48 -3.45
C PHE B 168 34.46 11.13 -2.72
N HIS B 169 33.35 10.68 -2.15
CA HIS B 169 33.25 9.36 -1.45
C HIS B 169 32.50 8.36 -2.32
N PRO B 170 33.24 7.47 -3.00
CA PRO B 170 32.62 6.51 -3.89
C PRO B 170 31.76 5.48 -3.14
N GLU B 171 32.04 5.28 -1.85
CA GLU B 171 31.38 4.26 -1.01
C GLU B 171 30.10 4.82 -0.35
N SER B 172 29.78 6.10 -0.55
CA SER B 172 28.54 6.72 -0.01
C SER B 172 27.35 6.09 -0.76
N ILE B 173 26.21 5.89 -0.11
CA ILE B 173 25.11 5.10 -0.73
C ILE B 173 24.58 5.82 -2.00
N LEU B 174 24.69 7.14 -2.08
CA LEU B 174 24.22 7.94 -3.24
C LEU B 174 25.34 8.31 -4.21
N SER B 175 26.53 7.74 -4.04
CA SER B 175 27.58 7.82 -5.10
C SER B 175 27.28 6.75 -6.12
N GLU B 176 27.10 7.16 -7.36
CA GLU B 176 26.66 6.28 -8.47
C GLU B 176 27.82 5.40 -8.87
N GLN B 177 27.56 4.12 -9.07
CA GLN B 177 28.51 3.09 -9.54
C GLN B 177 29.78 3.07 -8.66
N GLY B 178 29.66 3.33 -7.34
CA GLY B 178 30.82 3.21 -6.44
C GLY B 178 31.49 1.84 -6.52
N HIS B 179 30.73 0.74 -6.58
CA HIS B 179 31.34 -0.61 -6.65
C HIS B 179 32.18 -0.73 -7.93
N GLN B 180 31.65 -0.28 -9.08
CA GLN B 180 32.38 -0.43 -10.37
C GLN B 180 33.64 0.46 -10.36
N LEU B 181 33.54 1.66 -9.78
CA LEU B 181 34.71 2.56 -9.64
C LEU B 181 35.81 1.85 -8.84
N LEU B 182 35.48 1.30 -7.67
CA LEU B 182 36.50 0.62 -6.84
C LEU B 182 36.96 -0.67 -7.56
N ALA B 183 36.07 -1.37 -8.28
CA ALA B 183 36.43 -2.58 -9.05
C ALA B 183 37.48 -2.24 -10.11
N ASN B 184 37.37 -1.08 -10.74
CA ASN B 184 38.36 -0.60 -11.74
C ASN B 184 39.72 -0.50 -11.03
N PHE B 185 39.79 -0.03 -9.79
CA PHE B 185 41.07 0.00 -9.04
C PHE B 185 41.53 -1.42 -8.73
N LEU B 186 40.64 -2.25 -8.21
CA LEU B 186 41.00 -3.60 -7.70
C LEU B 186 41.50 -4.52 -8.81
N HIS B 187 40.90 -4.50 -10.01
CA HIS B 187 41.03 -5.63 -10.96
C HIS B 187 42.09 -5.36 -12.05
N ARG B 188 42.27 -4.11 -12.49
CA ARG B 188 43.16 -3.80 -13.65
C ARG B 188 44.56 -4.38 -13.39
N GLN C 1 27.48 -22.57 31.39
CA GLN C 1 27.39 -23.56 32.57
C GLN C 1 26.63 -24.86 32.21
N GLY C 2 27.00 -25.98 32.85
CA GLY C 2 26.31 -27.29 32.89
C GLY C 2 25.64 -27.78 31.61
N HIS C 3 24.53 -28.53 31.73
CA HIS C 3 23.69 -29.06 30.62
C HIS C 3 22.73 -27.94 30.23
N MET C 4 23.08 -27.23 29.17
CA MET C 4 22.31 -26.11 28.59
C MET C 4 20.85 -26.56 28.41
N LYS C 5 19.87 -25.75 28.79
CA LYS C 5 18.45 -26.05 28.42
C LYS C 5 18.25 -25.62 26.95
N THR C 6 18.14 -26.58 26.04
CA THR C 6 17.85 -26.30 24.60
C THR C 6 16.37 -26.57 24.34
N LEU C 7 15.65 -27.19 25.28
CA LEU C 7 14.18 -27.47 25.20
C LEU C 7 13.45 -26.14 24.92
N SER C 8 12.58 -26.09 23.92
CA SER C 8 11.73 -24.91 23.65
C SER C 8 10.88 -24.60 24.88
N PRO C 9 10.64 -23.31 25.21
CA PRO C 9 9.78 -22.98 26.35
C PRO C 9 8.38 -23.57 26.12
N ALA C 10 7.72 -24.03 27.18
CA ALA C 10 6.34 -24.54 27.11
C ALA C 10 5.43 -23.35 26.78
N VAL C 11 4.40 -23.55 25.97
CA VAL C 11 3.48 -22.48 25.49
C VAL C 11 2.03 -22.89 25.78
N ILE C 12 1.26 -21.98 26.33
CA ILE C 12 -0.22 -22.06 26.46
C ILE C 12 -0.77 -20.93 25.58
N THR C 13 -1.76 -21.23 24.75
CA THR C 13 -2.53 -20.22 23.99
C THR C 13 -3.67 -19.74 24.89
N LEU C 14 -3.76 -18.44 25.09
CA LEU C 14 -4.88 -17.77 25.78
C LEU C 14 -5.90 -17.29 24.72
N LEU C 15 -7.05 -16.81 25.18
CA LEU C 15 -8.11 -16.31 24.28
C LEU C 15 -7.55 -15.14 23.45
N TRP C 16 -7.79 -15.17 22.17
CA TRP C 16 -7.46 -14.02 21.29
C TRP C 16 -8.35 -12.86 21.66
N ARG C 17 -7.77 -11.72 21.94
CA ARG C 17 -8.44 -10.40 21.94
C ARG C 17 -7.39 -9.39 21.54
N GLN C 18 -7.78 -8.43 20.71
CA GLN C 18 -6.85 -7.46 20.07
C GLN C 18 -6.12 -6.72 21.20
N ASP C 19 -6.81 -6.48 22.31
CA ASP C 19 -6.33 -5.65 23.44
C ASP C 19 -5.72 -6.54 24.54
N ALA C 20 -5.29 -7.76 24.21
CA ALA C 20 -4.77 -8.73 25.19
C ALA C 20 -3.63 -8.12 26.00
N ALA C 21 -2.71 -7.42 25.35
CA ALA C 21 -1.50 -6.93 26.07
C ALA C 21 -1.90 -5.93 27.15
N GLU C 22 -2.68 -4.93 26.78
CA GLU C 22 -3.09 -3.87 27.72
C GLU C 22 -4.01 -4.50 28.79
N PHE C 23 -4.86 -5.44 28.41
CA PHE C 23 -5.75 -6.17 29.34
C PHE C 23 -4.93 -6.87 30.45
N TYR C 24 -3.96 -7.68 30.09
CA TYR C 24 -3.13 -8.39 31.09
C TYR C 24 -2.19 -7.43 31.80
N PHE C 25 -1.60 -6.48 31.09
CA PHE C 25 -0.59 -5.61 31.71
C PHE C 25 -1.24 -4.67 32.73
N SER C 26 -2.52 -4.32 32.56
CA SER C 26 -3.24 -3.47 33.55
C SER C 26 -3.04 -4.05 34.97
N ARG C 27 -3.11 -5.36 35.12
CA ARG C 27 -3.01 -6.04 36.45
C ARG C 27 -1.56 -6.04 36.95
N LEU C 28 -0.58 -5.69 36.13
CA LEU C 28 0.86 -5.79 36.48
C LEU C 28 1.50 -4.41 36.59
N SER C 29 0.84 -3.34 36.12
CA SER C 29 1.49 -2.06 35.73
C SER C 29 2.10 -1.33 36.94
N HIS C 30 1.72 -1.70 38.16
CA HIS C 30 2.22 -1.11 39.43
C HIS C 30 3.47 -1.83 39.92
N LEU C 31 3.80 -2.98 39.35
CA LEU C 31 4.96 -3.81 39.85
C LEU C 31 6.27 -3.32 39.26
N PRO C 32 7.30 -2.94 40.08
CA PRO C 32 8.66 -2.75 39.56
C PRO C 32 9.08 -3.98 38.74
N TRP C 33 9.65 -3.72 37.56
CA TRP C 33 10.18 -4.70 36.59
C TRP C 33 9.05 -5.33 35.76
N ALA C 34 7.82 -4.86 35.85
CA ALA C 34 6.77 -5.17 34.86
C ALA C 34 7.01 -4.28 33.63
N MET C 35 7.03 -4.87 32.47
CA MET C 35 7.40 -4.14 31.24
C MET C 35 6.49 -4.61 30.11
N LEU C 36 6.10 -3.66 29.28
CA LEU C 36 5.28 -3.90 28.09
C LEU C 36 6.00 -3.31 26.87
N LEU C 37 6.17 -4.14 25.83
CA LEU C 37 6.53 -3.62 24.50
C LEU C 37 5.25 -3.72 23.68
N HIS C 38 4.81 -2.60 23.11
CA HIS C 38 3.49 -2.55 22.43
C HIS C 38 3.70 -1.99 21.03
N SER C 39 3.07 -2.62 20.05
CA SER C 39 3.15 -2.17 18.63
C SER C 39 2.17 -1.03 18.32
N GLY C 40 1.45 -0.54 19.33
CA GLY C 40 0.61 0.67 19.21
C GLY C 40 -0.64 0.43 18.39
N TYR C 41 -1.03 -0.81 18.17
CA TYR C 41 -2.09 -1.20 17.20
C TYR C 41 -1.81 -0.53 15.85
N ALA C 42 -0.55 -0.29 15.49
CA ALA C 42 -0.17 0.47 14.28
C ALA C 42 -0.47 -0.35 13.03
N ASP C 43 -0.91 0.30 11.95
CA ASP C 43 -0.87 -0.30 10.60
C ASP C 43 0.50 0.05 10.01
N HIS C 44 1.44 -0.85 10.16
CA HIS C 44 2.87 -0.56 9.90
C HIS C 44 3.53 -1.88 9.61
N PRO C 45 4.54 -1.93 8.71
CA PRO C 45 5.16 -3.22 8.40
C PRO C 45 5.82 -3.90 9.61
N TYR C 46 6.17 -3.15 10.66
CA TYR C 46 6.89 -3.72 11.85
C TYR C 46 6.06 -3.50 13.11
N SER C 47 4.76 -3.73 12.96
CA SER C 47 3.74 -3.74 14.01
C SER C 47 3.15 -5.13 13.93
N ARG C 48 3.65 -6.07 14.72
CA ARG C 48 3.15 -7.45 14.77
C ARG C 48 2.98 -7.87 16.24
N PHE C 49 3.96 -7.56 17.11
CA PHE C 49 4.03 -8.14 18.47
C PHE C 49 3.83 -7.10 19.56
N ASP C 50 3.17 -7.57 20.63
CA ASP C 50 3.16 -6.92 21.95
C ASP C 50 3.80 -7.96 22.86
N ILE C 51 4.62 -7.53 23.78
CA ILE C 51 5.36 -8.46 24.69
C ILE C 51 5.17 -7.96 26.12
N VAL C 52 4.80 -8.86 27.01
CA VAL C 52 4.60 -8.55 28.44
C VAL C 52 5.49 -9.46 29.26
N VAL C 53 6.22 -8.85 30.21
CA VAL C 53 7.05 -9.56 31.19
C VAL C 53 6.86 -8.91 32.55
N ALA C 54 7.17 -9.66 33.60
CA ALA C 54 7.19 -9.19 34.99
C ALA C 54 7.90 -10.26 35.83
N GLU C 55 8.16 -9.97 37.10
CA GLU C 55 8.81 -10.90 38.04
C GLU C 55 10.10 -11.46 37.45
N PRO C 56 11.13 -10.61 37.24
CA PRO C 56 12.40 -11.09 36.72
C PRO C 56 13.13 -12.02 37.70
N ILE C 57 13.95 -12.91 37.16
CA ILE C 57 14.80 -13.81 37.97
C ILE C 57 16.09 -13.09 38.34
N CYS C 58 16.42 -12.03 37.62
CA CYS C 58 17.68 -11.28 37.82
C CYS C 58 17.43 -9.86 37.31
N THR C 59 17.98 -8.86 37.99
CA THR C 59 17.94 -7.47 37.47
C THR C 59 19.35 -6.89 37.40
N LEU C 60 19.53 -5.99 36.45
CA LEU C 60 20.79 -5.25 36.25
C LEU C 60 20.44 -3.78 36.26
N THR C 61 21.08 -3.03 37.14
CA THR C 61 20.88 -1.58 37.27
C THR C 61 22.25 -0.90 37.17
N THR C 62 22.44 -0.04 36.18
CA THR C 62 23.69 0.73 36.00
C THR C 62 23.42 2.20 36.29
N PHE C 63 24.22 2.79 37.18
CA PHE C 63 24.34 4.24 37.39
C PHE C 63 25.81 4.55 37.21
N GLY C 64 26.13 5.23 36.12
CA GLY C 64 27.53 5.55 35.79
C GLY C 64 28.40 4.32 35.71
N LYS C 65 29.51 4.29 36.46
CA LYS C 65 30.55 3.21 36.34
C LYS C 65 30.08 1.90 36.96
N GLU C 66 29.03 1.92 37.76
CA GLU C 66 28.66 0.76 38.59
C GLU C 66 27.40 0.07 38.07
N THR C 67 27.46 -1.25 37.88
CA THR C 67 26.30 -2.09 37.58
C THR C 67 26.05 -3.00 38.77
N VAL C 68 24.83 -3.02 39.23
CA VAL C 68 24.40 -3.93 40.34
C VAL C 68 23.56 -5.04 39.73
N VAL C 69 24.04 -6.26 39.85
CA VAL C 69 23.31 -7.46 39.38
C VAL C 69 22.64 -8.10 40.60
N SER C 70 21.33 -8.17 40.62
CA SER C 70 20.54 -8.65 41.79
C SER C 70 19.79 -9.93 41.42
N GLU C 71 19.95 -10.97 42.22
CA GLU C 71 19.25 -12.26 42.08
C GLU C 71 18.55 -12.53 43.42
N SER C 72 17.75 -13.58 43.53
CA SER C 72 16.89 -13.80 44.72
C SER C 72 17.64 -13.41 46.00
N GLU C 73 18.79 -14.05 46.27
CA GLU C 73 19.49 -13.95 47.58
C GLU C 73 20.91 -13.40 47.42
N LYS C 74 21.20 -12.67 46.34
CA LYS C 74 22.59 -12.38 45.90
C LYS C 74 22.61 -11.02 45.19
N ARG C 75 23.60 -10.19 45.50
CA ARG C 75 23.76 -8.84 44.92
C ARG C 75 25.25 -8.73 44.63
N THR C 76 25.63 -8.44 43.39
CA THR C 76 27.04 -8.24 42.96
C THR C 76 27.12 -6.82 42.37
N THR C 77 28.20 -6.09 42.64
CA THR C 77 28.47 -4.76 42.06
C THR C 77 29.70 -4.89 41.17
N THR C 78 29.72 -4.30 39.97
CA THR C 78 30.87 -4.43 39.04
C THR C 78 31.04 -3.12 38.28
N THR C 79 32.28 -2.76 37.96
CA THR C 79 32.59 -1.60 37.08
C THR C 79 32.80 -2.08 35.64
N ASP C 80 32.63 -3.38 35.32
CA ASP C 80 32.83 -3.89 33.94
C ASP C 80 31.79 -3.30 32.97
N ASP C 81 32.11 -3.34 31.68
CA ASP C 81 31.25 -2.89 30.56
C ASP C 81 29.85 -3.45 30.81
N PRO C 82 28.80 -2.62 30.90
CA PRO C 82 27.46 -3.10 31.28
C PRO C 82 26.84 -4.08 30.29
N LEU C 83 27.17 -3.97 29.01
CA LEU C 83 26.61 -4.92 28.03
C LEU C 83 27.37 -6.24 28.07
N GLN C 84 28.66 -6.21 28.41
CA GLN C 84 29.41 -7.46 28.66
C GLN C 84 28.81 -8.16 29.90
N VAL C 85 28.51 -7.40 30.93
CA VAL C 85 27.92 -7.95 32.17
C VAL C 85 26.56 -8.57 31.81
N LEU C 86 25.77 -7.85 31.02
CA LEU C 86 24.47 -8.35 30.56
C LEU C 86 24.64 -9.67 29.78
N GLN C 87 25.56 -9.73 28.82
CA GLN C 87 25.78 -10.96 28.01
C GLN C 87 26.18 -12.11 28.94
N GLN C 88 27.01 -11.86 29.94
CA GLN C 88 27.49 -12.95 30.84
C GLN C 88 26.31 -13.48 31.64
N VAL C 89 25.46 -12.59 32.15
CA VAL C 89 24.22 -12.98 32.87
C VAL C 89 23.35 -13.86 31.97
N LEU C 90 23.14 -13.45 30.74
CA LEU C 90 22.32 -14.23 29.78
C LEU C 90 22.94 -15.60 29.56
N ASP C 91 24.25 -15.65 29.34
CA ASP C 91 24.96 -16.91 29.04
C ASP C 91 24.85 -17.85 30.24
N ARG C 92 24.97 -17.29 31.45
CA ARG C 92 25.05 -18.10 32.68
C ARG C 92 23.68 -18.65 33.06
N ALA C 93 22.59 -18.15 32.48
CA ALA C 93 21.22 -18.68 32.67
C ALA C 93 21.15 -20.10 32.08
N ASP C 94 22.03 -20.46 31.14
CA ASP C 94 22.06 -21.82 30.53
C ASP C 94 20.68 -22.12 29.93
N ILE C 95 20.10 -21.13 29.25
CA ILE C 95 18.86 -21.28 28.49
C ILE C 95 19.21 -20.93 27.05
N ARG C 96 19.20 -21.92 26.16
CA ARG C 96 19.75 -21.79 24.78
C ARG C 96 18.79 -22.38 23.78
N PRO C 97 17.58 -21.80 23.61
CA PRO C 97 16.65 -22.30 22.63
C PRO C 97 17.05 -21.91 21.20
N THR C 98 16.57 -22.69 20.24
CA THR C 98 16.69 -22.34 18.81
C THR C 98 15.67 -21.24 18.49
N HIS C 99 15.91 -20.52 17.38
CA HIS C 99 15.02 -19.41 16.94
C HIS C 99 13.64 -19.98 16.61
N ASN C 100 12.63 -19.18 16.86
CA ASN C 100 11.20 -19.43 16.54
C ASN C 100 10.64 -18.15 15.93
N GLU C 101 10.27 -18.16 14.65
CA GLU C 101 9.79 -16.94 13.97
C GLU C 101 8.48 -16.44 14.62
N ASP C 102 7.74 -17.30 15.34
CA ASP C 102 6.47 -16.87 15.98
C ASP C 102 6.69 -16.40 17.43
N LEU C 103 7.86 -16.63 18.00
CA LEU C 103 8.18 -16.18 19.37
C LEU C 103 9.56 -15.53 19.35
N PRO C 104 9.66 -14.27 18.91
CA PRO C 104 10.98 -13.67 18.69
C PRO C 104 11.73 -13.41 20.00
N PHE C 105 11.01 -13.31 21.12
CA PHE C 105 11.57 -13.26 22.48
C PHE C 105 11.15 -14.53 23.22
N GLN C 106 12.12 -15.35 23.60
CA GLN C 106 11.84 -16.61 24.32
C GLN C 106 12.38 -16.51 25.74
N GLY C 107 12.08 -15.40 26.39
CA GLY C 107 12.77 -15.06 27.62
C GLY C 107 14.10 -14.44 27.30
N GLY C 108 14.72 -13.86 28.32
CA GLY C 108 16.00 -13.17 28.17
C GLY C 108 15.90 -11.80 28.81
N ALA C 109 16.67 -10.87 28.29
CA ALA C 109 16.82 -9.52 28.86
C ALA C 109 15.77 -8.62 28.24
N LEU C 110 15.21 -7.72 29.03
CA LEU C 110 14.29 -6.70 28.45
C LEU C 110 14.35 -5.48 29.37
N GLY C 111 14.45 -4.30 28.76
CA GLY C 111 14.43 -3.06 29.50
C GLY C 111 15.04 -1.88 28.79
N LEU C 112 15.63 -1.01 29.58
CA LEU C 112 16.02 0.35 29.16
C LEU C 112 17.53 0.46 29.08
N PHE C 113 18.01 1.01 27.97
CA PHE C 113 19.39 1.47 27.76
C PHE C 113 19.32 2.99 27.58
N GLY C 114 19.64 3.73 28.63
CA GLY C 114 19.51 5.19 28.61
C GLY C 114 20.59 5.79 27.76
N TYR C 115 20.35 6.97 27.23
CA TYR C 115 21.32 7.67 26.35
C TYR C 115 22.67 7.76 27.07
N ASP C 116 22.66 8.03 28.37
CA ASP C 116 23.93 8.30 29.12
C ASP C 116 24.71 7.00 29.33
N LEU C 117 24.15 5.83 28.98
CA LEU C 117 24.97 4.60 28.95
C LEU C 117 26.06 4.74 27.88
N GLY C 118 25.87 5.62 26.88
CA GLY C 118 26.88 5.81 25.86
C GLY C 118 28.20 6.32 26.43
N ARG C 119 28.15 6.94 27.59
CA ARG C 119 29.38 7.42 28.29
C ARG C 119 30.28 6.25 28.72
N ARG C 120 29.78 5.01 28.71
CA ARG C 120 30.58 3.81 29.05
C ARG C 120 31.38 3.34 27.84
N PHE C 121 31.07 3.82 26.64
CA PHE C 121 31.67 3.28 25.39
C PHE C 121 32.46 4.38 24.69
N GLU C 122 32.28 5.64 25.07
CA GLU C 122 33.05 6.78 24.48
C GLU C 122 33.37 7.73 25.62
N SER C 123 34.52 8.39 25.52
CA SER C 123 34.94 9.44 26.47
C SER C 123 34.25 10.75 26.08
N LEU C 124 33.37 11.26 26.93
CA LEU C 124 32.57 12.46 26.63
C LEU C 124 32.72 13.45 27.77
N PRO C 125 32.61 14.77 27.50
CA PRO C 125 32.62 15.78 28.55
C PRO C 125 31.42 15.67 29.49
N GLU C 126 31.50 16.35 30.64
CA GLU C 126 30.45 16.29 31.68
C GLU C 126 29.93 17.69 31.96
N ILE C 127 29.48 18.40 30.93
CA ILE C 127 28.98 19.80 31.05
C ILE C 127 27.49 19.80 31.41
N ALA C 128 26.66 19.07 30.65
CA ALA C 128 25.20 19.05 30.89
C ALA C 128 24.94 18.53 32.30
N GLU C 129 23.91 19.06 32.93
CA GLU C 129 23.57 18.73 34.33
C GLU C 129 22.86 17.38 34.40
N GLN C 130 23.24 16.53 35.36
CA GLN C 130 22.57 15.25 35.67
C GLN C 130 21.44 15.53 36.66
N ASP C 131 20.24 15.92 36.22
CA ASP C 131 19.17 16.36 37.16
C ASP C 131 18.06 15.32 37.22
N ILE C 132 18.25 14.15 36.60
CA ILE C 132 17.28 13.05 36.70
C ILE C 132 18.03 11.82 37.22
N VAL C 133 17.56 11.27 38.32
CA VAL C 133 18.20 10.10 38.98
C VAL C 133 17.41 8.87 38.53
N LEU C 134 17.78 8.34 37.37
CA LEU C 134 17.12 7.17 36.79
C LEU C 134 18.25 6.39 36.13
N PRO C 135 18.27 5.03 36.23
CA PRO C 135 19.42 4.26 35.77
C PRO C 135 19.77 4.46 34.29
N ASP C 136 21.05 4.37 33.97
CA ASP C 136 21.58 4.35 32.57
C ASP C 136 21.24 3.00 31.95
N MET C 137 21.14 1.93 32.75
CA MET C 137 20.64 0.65 32.25
C MET C 137 19.75 0.05 33.33
N ALA C 138 18.53 -0.34 32.96
CA ALA C 138 17.56 -0.99 33.86
C ALA C 138 16.95 -2.15 33.07
N VAL C 139 17.50 -3.33 33.26
CA VAL C 139 17.12 -4.53 32.48
C VAL C 139 16.78 -5.64 33.44
N GLY C 140 15.63 -6.28 33.19
CA GLY C 140 15.25 -7.55 33.83
C GLY C 140 15.68 -8.74 32.98
N ILE C 141 15.89 -9.87 33.64
CA ILE C 141 16.09 -11.20 32.99
C ILE C 141 14.83 -12.01 33.30
N TYR C 142 14.14 -12.44 32.27
CA TYR C 142 12.80 -13.06 32.39
C TYR C 142 12.86 -14.46 31.81
N ASP C 143 12.25 -15.43 32.49
CA ASP C 143 12.22 -16.81 31.98
C ASP C 143 10.82 -17.18 31.51
N TRP C 144 10.00 -16.19 31.27
CA TRP C 144 8.64 -16.38 30.71
C TRP C 144 8.29 -15.09 29.99
N ALA C 145 7.25 -15.13 29.17
CA ALA C 145 6.75 -13.91 28.50
C ALA C 145 5.32 -14.19 28.05
N LEU C 146 4.55 -13.12 27.93
CA LEU C 146 3.26 -13.15 27.19
C LEU C 146 3.47 -12.43 25.86
N ILE C 147 3.21 -13.13 24.78
CA ILE C 147 3.42 -12.62 23.40
C ILE C 147 2.06 -12.49 22.72
N VAL C 148 1.73 -11.30 22.26
CA VAL C 148 0.50 -11.08 21.46
C VAL C 148 0.93 -10.90 20.01
N ASP C 149 0.45 -11.78 19.12
CA ASP C 149 0.85 -11.81 17.69
C ASP C 149 -0.36 -11.38 16.85
N HIS C 150 -0.31 -10.17 16.31
CA HIS C 150 -1.41 -9.54 15.51
C HIS C 150 -1.47 -10.10 14.10
N GLN C 151 -0.43 -10.78 13.62
CA GLN C 151 -0.41 -11.44 12.29
C GLN C 151 -1.16 -12.76 12.40
N ARG C 152 -0.86 -13.57 13.41
CA ARG C 152 -1.51 -14.90 13.59
C ARG C 152 -2.76 -14.80 14.47
N HIS C 153 -3.04 -13.66 15.09
CA HIS C 153 -4.12 -13.49 16.09
C HIS C 153 -4.01 -14.60 17.14
N THR C 154 -2.87 -14.70 17.79
CA THR C 154 -2.64 -15.64 18.89
C THR C 154 -2.02 -14.88 20.06
N VAL C 155 -2.46 -15.23 21.26
CA VAL C 155 -1.81 -14.83 22.52
C VAL C 155 -1.12 -16.05 23.09
N SER C 156 0.20 -16.01 23.21
CA SER C 156 1.01 -17.13 23.72
C SER C 156 1.58 -16.72 25.07
N LEU C 157 1.44 -17.59 26.05
CA LEU C 157 2.15 -17.52 27.34
C LEU C 157 3.24 -18.59 27.28
N LEU C 158 4.49 -18.15 27.30
CA LEU C 158 5.65 -19.06 27.22
C LEU C 158 6.41 -19.03 28.53
N SER C 159 6.88 -20.18 28.99
CA SER C 159 7.67 -20.26 30.23
C SER C 159 8.73 -21.35 30.06
N HIS C 160 9.92 -21.10 30.59
CA HIS C 160 10.99 -22.12 30.69
C HIS C 160 10.75 -22.98 31.93
N ASN C 161 9.81 -22.59 32.78
CA ASN C 161 9.46 -23.37 33.98
C ASN C 161 8.08 -23.97 33.75
N ASP C 162 7.26 -23.84 34.77
CA ASP C 162 5.91 -24.40 34.87
C ASP C 162 4.97 -23.37 34.24
N VAL C 163 4.60 -23.57 32.99
CA VAL C 163 3.78 -22.57 32.27
C VAL C 163 2.37 -22.54 32.89
N ASN C 164 1.86 -23.66 33.40
CA ASN C 164 0.51 -23.70 34.02
C ASN C 164 0.49 -22.84 35.29
N ALA C 165 1.55 -22.90 36.08
CA ALA C 165 1.71 -22.10 37.31
C ALA C 165 1.75 -20.61 36.94
N ARG C 166 2.48 -20.25 35.87
CA ARG C 166 2.60 -18.83 35.44
C ARG C 166 1.23 -18.35 34.97
N ARG C 167 0.46 -19.22 34.30
CA ARG C 167 -0.92 -18.86 33.86
C ARG C 167 -1.79 -18.61 35.09
N ALA C 168 -1.72 -19.49 36.10
CA ALA C 168 -2.53 -19.34 37.34
C ALA C 168 -2.13 -18.04 38.03
N TRP C 169 -0.82 -17.73 38.07
CA TRP C 169 -0.30 -16.48 38.67
C TRP C 169 -0.89 -15.27 37.96
N LEU C 170 -0.85 -15.26 36.63
CA LEU C 170 -1.34 -14.14 35.81
C LEU C 170 -2.84 -13.97 36.06
N GLU C 171 -3.61 -15.05 36.09
CA GLU C 171 -5.10 -14.99 36.24
C GLU C 171 -5.46 -14.59 37.68
N SER C 172 -4.53 -14.71 38.63
CA SER C 172 -4.78 -14.31 40.03
C SER C 172 -4.43 -12.82 40.26
N GLN C 173 -3.76 -12.11 39.34
CA GLN C 173 -3.31 -10.71 39.56
C GLN C 173 -4.53 -9.81 39.37
N GLN C 174 -4.69 -8.79 40.21
CA GLN C 174 -5.84 -7.85 40.16
C GLN C 174 -5.32 -6.45 39.75
N PHE C 175 -6.16 -5.68 39.06
CA PHE C 175 -5.95 -4.23 38.81
C PHE C 175 -6.11 -3.49 40.14
N SER C 176 -5.01 -2.99 40.72
CA SER C 176 -5.00 -2.18 41.97
C SER C 176 -5.40 -0.73 41.64
N PRO C 177 -6.63 -0.29 42.02
CA PRO C 177 -7.20 0.95 41.46
C PRO C 177 -6.51 2.20 42.01
N GLN C 178 -6.31 3.20 41.15
CA GLN C 178 -5.61 4.45 41.51
C GLN C 178 -6.30 5.63 40.81
N GLU C 179 -6.09 6.82 41.36
CA GLU C 179 -6.55 8.10 40.77
C GLU C 179 -6.06 8.14 39.32
N ASP C 180 -6.88 8.67 38.41
CA ASP C 180 -6.48 8.98 37.02
C ASP C 180 -5.30 9.94 37.06
N PHE C 181 -4.48 9.84 36.02
CA PHE C 181 -3.36 10.75 35.77
C PHE C 181 -3.94 12.16 35.63
N THR C 182 -3.30 13.13 36.25
CA THR C 182 -3.60 14.55 36.03
C THR C 182 -2.30 15.32 35.99
N LEU C 183 -2.10 16.19 34.99
CA LEU C 183 -0.98 17.15 35.01
C LEU C 183 -1.35 18.22 36.03
N THR C 184 -0.43 18.64 36.88
CA THR C 184 -0.78 19.55 38.00
C THR C 184 -0.05 20.86 37.78
N SER C 185 0.60 21.04 36.63
CA SER C 185 1.24 22.30 36.18
C SER C 185 1.15 22.35 34.66
N ASP C 186 1.45 23.51 34.09
CA ASP C 186 1.62 23.64 32.63
C ASP C 186 2.98 23.07 32.25
N TRP C 187 3.15 22.70 31.00
CA TRP C 187 4.47 22.39 30.41
C TRP C 187 5.35 23.62 30.35
N GLN C 188 6.61 23.47 30.71
CA GLN C 188 7.65 24.53 30.61
C GLN C 188 8.86 23.89 29.94
N SER C 189 9.52 24.63 29.05
CA SER C 189 10.76 24.16 28.40
C SER C 189 11.96 24.51 29.27
N ASN C 190 13.06 23.79 29.09
CA ASN C 190 14.37 24.08 29.73
C ASN C 190 15.10 25.20 28.96
N MET C 191 14.53 25.68 27.85
CA MET C 191 15.15 26.82 27.10
C MET C 191 14.08 27.72 26.46
N THR C 192 14.36 29.02 26.44
CA THR C 192 13.53 30.04 25.77
C THR C 192 13.82 29.92 24.27
N ARG C 193 12.98 30.53 23.44
CA ARG C 193 13.26 30.70 21.99
C ARG C 193 14.65 31.33 21.81
N GLU C 194 15.03 32.29 22.66
CA GLU C 194 16.31 33.03 22.50
C GLU C 194 17.47 32.07 22.77
N GLN C 195 17.38 31.27 23.84
CA GLN C 195 18.45 30.32 24.20
C GLN C 195 18.57 29.25 23.10
N TYR C 196 17.45 28.78 22.56
CA TYR C 196 17.48 27.78 21.48
C TYR C 196 18.24 28.38 20.30
N GLY C 197 17.91 29.63 19.95
CA GLY C 197 18.60 30.38 18.87
C GLY C 197 20.11 30.44 19.08
N GLU C 198 20.57 30.82 20.27
CA GLU C 198 22.01 30.94 20.60
C GLU C 198 22.68 29.58 20.40
N LYS C 199 22.06 28.52 20.90
CA LYS C 199 22.57 27.12 20.75
C LYS C 199 22.60 26.72 19.28
N PHE C 200 21.52 26.99 18.55
CA PHE C 200 21.41 26.67 17.11
C PHE C 200 22.57 27.34 16.38
N ARG C 201 22.81 28.61 16.70
CA ARG C 201 23.87 29.42 16.02
C ARG C 201 25.25 28.88 16.42
N GLN C 202 25.41 28.39 17.65
CA GLN C 202 26.68 27.75 18.07
C GLN C 202 26.87 26.46 17.28
N VAL C 203 25.79 25.69 17.05
CA VAL C 203 25.91 24.44 16.26
C VAL C 203 26.35 24.81 14.85
N GLN C 204 25.71 25.81 14.23
CA GLN C 204 26.06 26.28 12.86
C GLN C 204 27.55 26.66 12.77
N GLU C 205 28.12 27.31 13.80
CA GLU C 205 29.56 27.70 13.83
C GLU C 205 30.43 26.44 13.70
N TYR C 206 30.11 25.38 14.45
CA TYR C 206 30.84 24.09 14.39
C TYR C 206 30.68 23.43 13.02
N LEU C 207 29.48 23.50 12.46
CA LEU C 207 29.19 22.89 11.14
C LEU C 207 30.00 23.58 10.04
N HIS C 208 30.14 24.90 10.08
CA HIS C 208 30.77 25.66 8.96
C HIS C 208 32.30 25.52 9.01
N SER C 209 32.88 25.29 10.19
CA SER C 209 34.34 25.03 10.34
C SER C 209 34.72 23.61 9.86
N GLY C 210 33.76 22.70 9.67
CA GLY C 210 34.02 21.33 9.17
C GLY C 210 34.34 20.34 10.28
N ASP C 211 34.26 20.71 11.57
CA ASP C 211 34.51 19.73 12.66
C ASP C 211 33.31 18.76 12.74
N CYS C 212 32.15 19.12 12.17
CA CYS C 212 30.88 18.37 12.31
C CYS C 212 30.02 18.54 11.04
N TYR C 213 29.19 17.54 10.73
CA TYR C 213 28.27 17.56 9.59
C TYR C 213 26.81 17.71 10.03
N GLN C 214 26.47 17.19 11.20
CA GLN C 214 25.06 17.19 11.66
C GLN C 214 25.06 17.02 13.17
N VAL C 215 24.22 17.75 13.87
CA VAL C 215 24.04 17.59 15.34
C VAL C 215 22.56 17.61 15.66
N ASN C 216 22.09 16.64 16.43
CA ASN C 216 20.69 16.58 16.92
C ASN C 216 20.62 17.47 18.16
N LEU C 217 19.96 18.61 18.09
CA LEU C 217 19.79 19.57 19.21
C LEU C 217 18.35 19.48 19.74
N ALA C 218 18.17 19.26 21.05
CA ALA C 218 16.87 18.97 21.67
C ALA C 218 16.55 19.96 22.81
N GLN C 219 15.26 20.27 22.96
CA GLN C 219 14.75 20.93 24.19
C GLN C 219 13.94 19.91 24.98
N ARG C 220 13.73 20.18 26.26
CA ARG C 220 13.00 19.31 27.19
C ARG C 220 11.82 20.06 27.83
N PHE C 221 10.63 19.49 27.74
CA PHE C 221 9.40 19.99 28.42
C PHE C 221 9.24 19.26 29.76
N HIS C 222 8.90 20.01 30.80
CA HIS C 222 8.67 19.50 32.18
C HIS C 222 7.29 19.95 32.68
N ALA C 223 6.58 19.07 33.39
CA ALA C 223 5.38 19.43 34.17
C ALA C 223 5.35 18.55 35.43
N THR C 224 4.49 18.91 36.38
CA THR C 224 4.23 18.03 37.56
C THR C 224 2.99 17.24 37.21
N TYR C 225 2.82 16.08 37.83
CA TYR C 225 1.63 15.25 37.66
C TYR C 225 1.36 14.50 38.97
N SER C 226 0.16 14.00 39.09
CA SER C 226 -0.29 13.08 40.14
C SER C 226 -1.07 11.97 39.47
N GLY C 227 -1.28 10.86 40.19
CA GLY C 227 -2.11 9.76 39.71
C GLY C 227 -1.34 8.78 38.82
N ASP C 228 -2.07 7.89 38.19
CA ASP C 228 -1.57 6.63 37.59
C ASP C 228 -1.00 6.87 36.19
N GLU C 229 0.29 6.64 36.03
CA GLU C 229 1.03 6.73 34.74
C GLU C 229 0.45 5.76 33.71
N TRP C 230 -0.06 4.60 34.14
CA TRP C 230 -0.60 3.57 33.22
C TRP C 230 -1.82 4.11 32.50
N GLN C 231 -2.67 4.87 33.20
CA GLN C 231 -3.88 5.46 32.58
C GLN C 231 -3.46 6.51 31.52
N ALA C 232 -2.41 7.29 31.77
CA ALA C 232 -1.82 8.22 30.79
C ALA C 232 -1.36 7.41 29.57
N PHE C 233 -0.59 6.37 29.80
CA PHE C 233 -0.08 5.52 28.69
C PHE C 233 -1.24 4.97 27.86
N LEU C 234 -2.34 4.51 28.46
CA LEU C 234 -3.48 3.96 27.68
C LEU C 234 -4.01 5.04 26.71
N GLN C 235 -4.15 6.28 27.19
CA GLN C 235 -4.64 7.42 26.36
C GLN C 235 -3.61 7.69 25.26
N LEU C 236 -2.33 7.76 25.61
CA LEU C 236 -1.26 8.12 24.65
C LEU C 236 -1.12 7.03 23.58
N ASN C 237 -1.19 5.76 23.96
CA ASN C 237 -0.94 4.64 23.03
C ASN C 237 -1.99 4.69 21.91
N GLN C 238 -3.25 4.93 22.28
CA GLN C 238 -4.43 5.01 21.38
C GLN C 238 -4.21 6.16 20.38
N ALA C 239 -3.75 7.31 20.86
CA ALA C 239 -3.55 8.52 20.05
C ALA C 239 -2.30 8.41 19.17
N ASN C 240 -1.25 7.67 19.58
CA ASN C 240 0.08 7.73 18.90
C ASN C 240 0.25 6.61 17.87
N ARG C 241 -0.38 5.46 18.06
CA ARG C 241 -0.35 4.34 17.10
C ARG C 241 1.09 4.11 16.63
N ALA C 242 2.07 4.06 17.56
CA ALA C 242 3.51 4.02 17.20
C ALA C 242 4.01 2.60 17.42
N PRO C 243 4.70 2.03 16.41
CA PRO C 243 5.06 0.62 16.45
C PRO C 243 6.14 0.16 17.43
N PHE C 244 6.87 1.07 18.06
CA PHE C 244 7.93 0.75 19.02
C PHE C 244 7.60 1.40 20.35
N SER C 245 6.33 1.33 20.74
CA SER C 245 5.85 1.89 22.03
C SER C 245 6.24 0.94 23.19
N ALA C 246 6.25 1.46 24.41
CA ALA C 246 6.62 0.64 25.58
C ALA C 246 6.14 1.34 26.85
N PHE C 247 5.88 0.54 27.87
CA PHE C 247 5.66 1.02 29.24
C PHE C 247 6.53 0.20 30.18
N LEU C 248 7.45 0.87 30.83
CA LEU C 248 8.36 0.22 31.79
C LEU C 248 8.06 0.77 33.18
N ARG C 249 7.73 -0.12 34.10
CA ARG C 249 7.63 0.24 35.53
C ARG C 249 8.97 -0.11 36.16
N LEU C 250 9.73 0.91 36.53
CA LEU C 250 11.07 0.73 37.10
C LEU C 250 10.95 0.86 38.63
N GLU C 251 12.03 0.63 39.35
CA GLU C 251 12.03 0.89 40.81
C GLU C 251 11.83 2.39 41.05
N GLN C 252 12.37 3.25 40.19
CA GLN C 252 12.59 4.71 40.42
C GLN C 252 11.49 5.55 39.76
N GLY C 253 10.75 4.98 38.85
CA GLY C 253 9.77 5.77 38.06
C GLY C 253 9.21 4.94 36.92
N ALA C 254 8.59 5.58 35.92
CA ALA C 254 7.98 4.88 34.77
C ALA C 254 8.45 5.54 33.48
N ILE C 255 8.67 4.73 32.46
CA ILE C 255 9.01 5.21 31.10
C ILE C 255 7.80 4.93 30.21
N LEU C 256 7.26 5.96 29.59
CA LEU C 256 6.11 5.88 28.69
C LEU C 256 6.61 6.20 27.28
N SER C 257 6.85 5.19 26.48
CA SER C 257 7.47 5.36 25.15
C SER C 257 6.39 5.21 24.07
N LEU C 258 6.29 6.20 23.20
CA LEU C 258 5.43 6.19 22.01
C LEU C 258 6.34 6.27 20.78
N SER C 259 7.50 5.60 20.82
CA SER C 259 8.49 5.69 19.72
C SER C 259 7.99 5.03 18.46
N PRO C 260 8.09 5.71 17.29
CA PRO C 260 7.85 5.07 16.00
C PRO C 260 9.11 4.47 15.38
N GLU C 261 10.24 4.53 16.11
CA GLU C 261 11.58 4.32 15.51
C GLU C 261 12.19 3.00 16.01
N ARG C 262 12.52 2.11 15.09
CA ARG C 262 13.38 0.91 15.36
C ARG C 262 14.82 1.37 15.31
N PHE C 263 15.60 0.98 16.33
CA PHE C 263 17.06 1.14 16.29
C PHE C 263 17.64 -0.07 15.59
N ILE C 264 17.82 -1.19 16.31
CA ILE C 264 18.43 -2.41 15.74
C ILE C 264 17.59 -3.65 16.03
N LEU C 265 17.26 -4.33 14.96
CA LEU C 265 16.67 -5.69 14.97
C LEU C 265 17.78 -6.67 14.61
N CYS C 266 17.85 -7.75 15.37
CA CYS C 266 18.68 -8.91 15.00
C CYS C 266 17.73 -10.11 15.01
N ASP C 267 17.43 -10.61 13.83
CA ASP C 267 16.38 -11.65 13.63
C ASP C 267 17.05 -12.83 12.99
N ASN C 268 17.32 -13.89 13.73
CA ASN C 268 18.07 -15.06 13.18
C ASN C 268 19.35 -14.57 12.46
N SER C 269 20.13 -13.67 13.06
CA SER C 269 21.42 -13.13 12.57
C SER C 269 21.26 -12.11 11.44
N GLU C 270 20.04 -11.83 10.98
CA GLU C 270 19.78 -10.75 10.00
C GLU C 270 19.59 -9.44 10.78
N ILE C 271 20.44 -8.48 10.49
CA ILE C 271 20.46 -7.16 11.16
C ILE C 271 19.60 -6.22 10.31
N GLN C 272 18.76 -5.46 10.98
CA GLN C 272 18.08 -4.32 10.33
C GLN C 272 18.09 -3.12 11.24
N THR C 273 18.44 -1.96 10.70
CA THR C 273 18.29 -0.68 11.41
C THR C 273 17.48 0.26 10.50
N ARG C 274 16.64 1.11 11.10
CA ARG C 274 15.69 1.94 10.33
C ARG C 274 15.71 3.36 10.87
N PRO C 275 16.82 4.09 10.62
CA PRO C 275 16.93 5.44 11.10
C PRO C 275 15.82 6.34 10.54
N ILE C 276 15.20 7.10 11.42
CA ILE C 276 14.28 8.19 11.08
C ILE C 276 15.09 9.47 11.03
N LYS C 277 15.08 10.12 9.88
CA LYS C 277 15.68 11.45 9.75
C LYS C 277 14.90 12.23 8.68
N GLY C 278 14.03 13.10 9.14
CA GLY C 278 13.21 13.97 8.30
C GLY C 278 11.78 13.92 8.78
N THR C 279 11.14 15.07 8.85
CA THR C 279 9.81 15.25 9.44
C THR C 279 9.07 16.38 8.72
N LEU C 280 7.77 16.18 8.47
CA LEU C 280 6.85 17.31 8.24
C LEU C 280 5.55 17.01 8.99
N PRO C 281 4.86 18.04 9.47
CA PRO C 281 3.57 17.85 10.13
C PRO C 281 2.53 17.24 9.19
N ARG C 282 1.64 16.44 9.76
CA ARG C 282 0.42 15.99 9.08
C ARG C 282 -0.43 17.25 8.91
N LEU C 283 -1.09 17.38 7.77
CA LEU C 283 -2.05 18.48 7.49
C LEU C 283 -3.44 17.89 7.52
N PRO C 284 -4.44 18.65 8.05
CA PRO C 284 -5.80 18.15 8.18
C PRO C 284 -6.52 17.93 6.82
N ASP C 285 -6.27 18.78 5.83
CA ASP C 285 -6.84 18.61 4.47
C ASP C 285 -6.16 17.42 3.77
N PRO C 286 -6.86 16.32 3.46
CA PRO C 286 -6.21 15.14 2.87
C PRO C 286 -5.49 15.41 1.54
N GLN C 287 -5.94 16.34 0.68
CA GLN C 287 -5.22 16.66 -0.58
C GLN C 287 -3.91 17.38 -0.25
N GLU C 288 -3.95 18.33 0.69
CA GLU C 288 -2.73 19.02 1.16
C GLU C 288 -1.81 17.99 1.85
N ASP C 289 -2.36 17.02 2.58
CA ASP C 289 -1.51 16.05 3.31
C ASP C 289 -0.77 15.12 2.32
N SER C 290 -1.38 14.72 1.20
CA SER C 290 -0.71 13.93 0.14
C SER C 290 0.43 14.73 -0.47
N LYS C 291 0.21 16.03 -0.70
CA LYS C 291 1.26 16.92 -1.21
C LYS C 291 2.42 16.99 -0.18
N GLN C 292 2.08 17.06 1.09
CA GLN C 292 3.05 17.16 2.20
C GLN C 292 3.99 15.94 2.16
N ALA C 293 3.45 14.73 1.99
CA ALA C 293 4.23 13.47 1.90
C ALA C 293 5.21 13.54 0.72
N VAL C 294 4.76 14.06 -0.42
CA VAL C 294 5.63 14.25 -1.60
C VAL C 294 6.71 15.28 -1.28
N LYS C 295 6.37 16.37 -0.59
CA LYS C 295 7.37 17.42 -0.24
C LYS C 295 8.48 16.80 0.63
N LEU C 296 8.10 15.96 1.59
CA LEU C 296 9.14 15.35 2.46
C LEU C 296 10.05 14.44 1.63
N ALA C 297 9.50 13.60 0.77
CA ALA C 297 10.24 12.67 -0.09
C ALA C 297 11.24 13.44 -0.96
N ASN C 298 11.01 14.74 -1.22
CA ASN C 298 11.85 15.56 -2.13
C ASN C 298 12.66 16.64 -1.37
N SER C 299 12.54 16.74 -0.07
CA SER C 299 13.21 17.79 0.76
C SER C 299 14.74 17.66 0.70
N ALA C 300 15.47 18.68 0.23
CA ALA C 300 16.96 18.70 0.12
C ALA C 300 17.56 18.58 1.52
N LYS C 301 17.07 19.36 2.48
CA LYS C 301 17.55 19.34 3.89
C LYS C 301 17.38 17.93 4.48
N ASP C 302 16.16 17.35 4.41
CA ASP C 302 15.92 16.04 5.06
C ASP C 302 16.65 14.93 4.28
N ARG C 303 16.75 14.96 2.96
CA ARG C 303 17.46 13.87 2.23
C ARG C 303 18.95 13.93 2.59
N ALA C 304 19.52 15.12 2.81
CA ALA C 304 20.92 15.31 3.27
C ALA C 304 21.09 14.76 4.69
N GLU C 305 20.23 15.19 5.62
CA GLU C 305 20.27 14.70 7.02
C GLU C 305 20.22 13.18 6.97
N ASN C 306 19.29 12.64 6.18
CA ASN C 306 19.00 11.20 6.17
C ASN C 306 20.19 10.44 5.57
N LEU C 307 20.70 10.89 4.43
CA LEU C 307 21.83 10.25 3.75
C LEU C 307 23.03 10.22 4.71
N MET C 308 23.32 11.29 5.40
CA MET C 308 24.48 11.33 6.33
C MET C 308 24.35 10.22 7.38
N ILE C 309 23.16 10.07 7.96
CA ILE C 309 22.93 9.08 9.04
C ILE C 309 22.94 7.69 8.43
N VAL C 310 22.47 7.53 7.19
CA VAL C 310 22.55 6.20 6.52
C VAL C 310 24.03 5.80 6.36
N ASP C 311 24.84 6.71 5.84
CA ASP C 311 26.30 6.44 5.66
C ASP C 311 26.94 6.14 7.03
N LEU C 312 26.56 6.90 8.05
CA LEU C 312 27.07 6.70 9.44
C LEU C 312 26.65 5.31 9.94
N MET C 313 25.37 4.94 9.83
CA MET C 313 24.89 3.62 10.36
C MET C 313 25.49 2.48 9.55
N ARG C 314 25.70 2.65 8.22
CA ARG C 314 26.40 1.62 7.42
C ARG C 314 27.81 1.36 8.00
N ASN C 315 28.47 2.41 8.42
CA ASN C 315 29.87 2.38 8.92
C ASN C 315 29.92 1.66 10.26
N ASP C 316 29.08 2.10 11.18
CA ASP C 316 29.07 1.62 12.59
C ASP C 316 28.66 0.14 12.59
N ILE C 317 27.64 -0.24 11.82
CA ILE C 317 27.28 -1.67 11.68
C ILE C 317 28.31 -2.39 10.82
N GLY C 318 28.82 -1.74 9.76
CA GLY C 318 29.73 -2.42 8.82
C GLY C 318 31.06 -2.85 9.46
N ARG C 319 31.48 -2.15 10.50
CA ARG C 319 32.71 -2.43 11.25
C ARG C 319 32.61 -3.79 11.91
N VAL C 320 31.39 -4.27 12.26
CA VAL C 320 31.19 -5.53 13.04
C VAL C 320 30.31 -6.54 12.31
N ALA C 321 29.83 -6.23 11.10
CA ALA C 321 28.96 -7.11 10.28
C ALA C 321 29.82 -8.07 9.49
N VAL C 322 29.24 -9.16 9.06
CA VAL C 322 29.89 -10.10 8.11
C VAL C 322 30.38 -9.29 6.89
N ALA C 323 31.62 -9.50 6.48
CA ALA C 323 32.25 -8.88 5.28
C ALA C 323 31.32 -9.00 4.09
N GLY C 324 30.91 -7.87 3.50
CA GLY C 324 30.15 -7.89 2.25
C GLY C 324 28.66 -8.00 2.48
N SER C 325 28.19 -7.99 3.73
CA SER C 325 26.76 -8.29 4.03
C SER C 325 25.94 -7.00 4.05
N VAL C 326 26.54 -5.81 4.05
CA VAL C 326 25.78 -4.55 4.34
C VAL C 326 25.01 -4.12 3.08
N LYS C 327 23.72 -3.84 3.20
CA LYS C 327 22.88 -3.37 2.08
C LYS C 327 21.95 -2.25 2.56
N VAL C 328 21.39 -1.51 1.62
CA VAL C 328 20.38 -0.47 1.92
C VAL C 328 19.17 -0.72 1.05
N PRO C 329 18.27 -1.63 1.46
CA PRO C 329 17.11 -1.95 0.60
C PRO C 329 16.09 -0.81 0.43
N GLU C 330 16.06 0.16 1.36
CA GLU C 330 15.11 1.29 1.35
C GLU C 330 15.87 2.56 1.68
N LEU C 331 15.72 3.57 0.85
CA LEU C 331 16.31 4.89 1.10
C LEU C 331 15.22 5.92 0.91
N PHE C 332 14.89 6.67 1.97
CA PHE C 332 14.02 7.86 1.94
C PHE C 332 12.58 7.42 1.70
N VAL C 333 12.05 6.54 2.55
CA VAL C 333 10.64 6.10 2.55
C VAL C 333 9.86 7.04 3.47
N VAL C 334 8.65 7.47 3.08
CA VAL C 334 7.83 8.38 3.92
C VAL C 334 6.86 7.49 4.65
N GLU C 335 6.84 7.56 5.99
CA GLU C 335 5.91 6.79 6.83
C GLU C 335 5.05 7.79 7.58
N PRO C 336 3.70 7.69 7.49
CA PRO C 336 2.83 8.65 8.16
C PRO C 336 2.47 8.14 9.56
N PHE C 337 2.54 9.03 10.52
CA PHE C 337 2.09 8.84 11.92
C PHE C 337 1.06 9.93 12.23
N PRO C 338 0.31 9.83 13.33
CA PRO C 338 -0.76 10.79 13.62
C PRO C 338 -0.31 12.24 13.59
N ALA C 339 0.86 12.57 14.13
CA ALA C 339 1.32 13.97 14.22
C ALA C 339 2.15 14.35 12.98
N VAL C 340 2.92 13.43 12.40
CA VAL C 340 3.98 13.81 11.44
C VAL C 340 4.12 12.72 10.39
N HIS C 341 4.66 13.12 9.23
CA HIS C 341 5.29 12.23 8.23
C HIS C 341 6.77 12.13 8.61
N HIS C 342 7.34 10.95 8.50
CA HIS C 342 8.79 10.76 8.77
C HIS C 342 9.44 10.19 7.52
N LEU C 343 10.71 10.53 7.35
CA LEU C 343 11.59 10.01 6.27
C LEU C 343 12.49 8.96 6.90
N VAL C 344 12.31 7.72 6.50
CA VAL C 344 12.94 6.51 7.08
C VAL C 344 13.79 5.82 6.03
N SER C 345 14.95 5.29 6.41
CA SER C 345 15.76 4.41 5.56
C SER C 345 16.01 3.11 6.28
N THR C 346 16.33 2.07 5.53
CA THR C 346 16.56 0.72 6.05
C THR C 346 17.95 0.24 5.63
N ILE C 347 18.78 -0.13 6.60
CA ILE C 347 20.11 -0.77 6.36
C ILE C 347 20.05 -2.19 6.91
N THR C 348 20.49 -3.15 6.17
CA THR C 348 20.54 -4.57 6.59
C THR C 348 21.99 -5.08 6.55
N ALA C 349 22.25 -6.09 7.35
CA ALA C 349 23.56 -6.77 7.34
C ALA C 349 23.38 -8.14 7.98
N GLN C 350 24.50 -8.84 8.17
CA GLN C 350 24.51 -10.18 8.80
C GLN C 350 25.41 -10.11 10.03
N LEU C 351 24.94 -10.68 11.15
CA LEU C 351 25.70 -10.74 12.41
C LEU C 351 26.64 -11.92 12.31
N PRO C 352 27.96 -11.68 12.50
CA PRO C 352 28.91 -12.78 12.49
C PRO C 352 28.52 -13.79 13.56
N GLU C 353 28.83 -15.04 13.28
CA GLU C 353 28.65 -16.18 14.21
C GLU C 353 29.35 -15.91 15.56
N GLN C 354 30.47 -15.18 15.53
CA GLN C 354 31.33 -14.92 16.70
C GLN C 354 30.73 -13.81 17.58
N LEU C 355 29.76 -13.03 17.08
CA LEU C 355 29.24 -11.88 17.85
C LEU C 355 27.89 -12.24 18.50
N HIS C 356 27.56 -11.49 19.54
CA HIS C 356 26.21 -11.49 20.14
C HIS C 356 25.50 -10.22 19.68
N ALA C 357 24.18 -10.25 19.74
CA ALA C 357 23.38 -9.04 19.52
C ALA C 357 23.86 -7.93 20.46
N SER C 358 24.22 -8.27 21.71
CA SER C 358 24.68 -7.26 22.71
C SER C 358 25.93 -6.52 22.19
N ASP C 359 26.78 -7.20 21.42
CA ASP C 359 28.04 -6.62 20.85
C ASP C 359 27.65 -5.63 19.76
N LEU C 360 26.62 -5.93 19.00
CA LEU C 360 26.13 -5.04 17.92
C LEU C 360 25.51 -3.77 18.54
N LEU C 361 24.75 -3.94 19.62
CA LEU C 361 24.20 -2.81 20.38
C LEU C 361 25.35 -1.94 20.88
N ARG C 362 26.36 -2.53 21.51
CA ARG C 362 27.52 -1.75 22.00
C ARG C 362 28.18 -0.97 20.86
N ALA C 363 28.37 -1.60 19.71
CA ALA C 363 29.13 -1.01 18.59
C ALA C 363 28.37 0.20 18.03
N ALA C 364 27.04 0.27 18.17
CA ALA C 364 26.21 1.30 17.52
C ALA C 364 25.66 2.33 18.50
N PHE C 365 25.72 2.09 19.82
CA PHE C 365 24.91 2.85 20.78
C PHE C 365 25.64 4.11 21.21
N PRO C 366 24.98 5.28 21.37
CA PRO C 366 23.58 5.49 21.00
C PRO C 366 23.39 5.83 19.53
N GLY C 367 22.16 5.72 19.05
CA GLY C 367 21.86 5.75 17.61
C GLY C 367 22.42 6.98 16.90
N GLY C 368 23.03 6.78 15.74
CA GLY C 368 23.43 7.90 14.85
C GLY C 368 22.30 8.87 14.60
N SER C 369 21.07 8.39 14.46
CA SER C 369 19.91 9.26 14.10
C SER C 369 19.61 10.33 15.16
N ILE C 370 20.03 10.15 16.43
CA ILE C 370 19.68 11.12 17.49
C ILE C 370 20.95 11.76 18.08
N THR C 371 22.09 11.56 17.44
CA THR C 371 23.39 12.20 17.80
C THR C 371 23.81 13.11 16.64
N GLY C 372 24.36 12.53 15.59
CA GLY C 372 24.87 13.26 14.43
C GLY C 372 26.13 12.65 13.93
N ALA C 373 26.88 13.38 13.11
CA ALA C 373 28.01 12.79 12.34
C ALA C 373 29.05 13.90 12.22
N PRO C 374 30.34 13.67 12.55
CA PRO C 374 30.83 12.47 13.22
C PRO C 374 30.18 12.29 14.60
N LYS C 375 29.95 11.05 15.02
CA LYS C 375 29.08 10.80 16.17
C LYS C 375 29.71 11.33 17.45
N VAL C 376 30.98 11.04 17.74
CA VAL C 376 31.54 11.47 19.06
C VAL C 376 31.55 13.00 19.09
N ARG C 377 31.94 13.66 18.01
CA ARG C 377 31.94 15.14 17.99
C ARG C 377 30.53 15.67 18.22
N ALA C 378 29.51 15.07 17.57
CA ALA C 378 28.11 15.50 17.79
C ALA C 378 27.71 15.32 19.25
N MET C 379 28.08 14.20 19.89
N MET C 379 28.07 14.19 19.89
CA MET C 379 27.72 13.99 21.32
CA MET C 379 27.74 13.98 21.32
C MET C 379 28.47 15.00 22.22
C MET C 379 28.47 14.99 22.22
N GLU C 380 29.66 15.43 21.83
CA GLU C 380 30.42 16.46 22.60
C GLU C 380 29.63 17.76 22.55
N ILE C 381 29.13 18.11 21.37
CA ILE C 381 28.41 19.39 21.15
C ILE C 381 27.07 19.32 21.88
N ILE C 382 26.36 18.18 21.81
CA ILE C 382 25.08 18.01 22.55
C ILE C 382 25.30 18.27 24.05
N ASP C 383 26.34 17.68 24.61
CA ASP C 383 26.66 17.78 26.06
C ASP C 383 27.00 19.25 26.41
N GLU C 384 27.69 19.94 25.50
CA GLU C 384 28.09 21.37 25.67
C GLU C 384 26.86 22.29 25.68
N LEU C 385 25.84 22.03 24.85
CA LEU C 385 24.75 22.98 24.58
C LEU C 385 23.45 22.60 25.28
N GLU C 386 23.14 21.32 25.41
CA GLU C 386 21.87 20.93 26.08
C GLU C 386 22.06 21.11 27.59
N PRO C 387 21.17 21.86 28.26
CA PRO C 387 21.37 22.19 29.68
C PRO C 387 21.41 20.98 30.63
N GLN C 388 20.66 19.93 30.29
CA GLN C 388 20.56 18.70 31.11
C GLN C 388 20.88 17.46 30.28
N ARG C 389 21.36 16.43 30.97
CA ARG C 389 21.57 15.11 30.35
C ARG C 389 20.22 14.55 29.88
N ARG C 390 20.26 13.76 28.83
CA ARG C 390 19.04 13.21 28.18
C ARG C 390 18.49 12.03 28.99
N ASN C 391 19.34 11.33 29.72
CA ASN C 391 18.93 10.20 30.57
C ASN C 391 18.19 9.18 29.67
N ALA C 392 16.92 8.87 29.93
CA ALA C 392 16.16 7.80 29.23
C ALA C 392 15.83 8.21 27.79
N TRP C 393 15.83 9.50 27.51
CA TRP C 393 15.38 10.04 26.20
C TRP C 393 16.48 9.88 25.17
N CYS C 394 16.14 9.37 23.99
CA CYS C 394 17.10 9.08 22.89
C CYS C 394 18.06 7.97 23.29
N GLY C 395 17.73 7.17 24.28
CA GLY C 395 18.33 5.84 24.45
C GLY C 395 17.55 4.84 23.61
N SER C 396 17.44 3.62 24.13
CA SER C 396 16.79 2.48 23.47
C SER C 396 16.04 1.67 24.53
N ILE C 397 14.90 1.15 24.14
CA ILE C 397 14.19 0.07 24.89
C ILE C 397 14.21 -1.17 24.01
N GLY C 398 14.36 -2.32 24.63
CA GLY C 398 14.16 -3.55 23.86
C GLY C 398 14.54 -4.80 24.56
N TYR C 399 14.73 -5.86 23.79
CA TYR C 399 14.95 -7.21 24.36
C TYR C 399 16.16 -7.85 23.68
N LEU C 400 16.81 -8.69 24.47
CA LEU C 400 17.83 -9.66 24.00
C LEU C 400 17.35 -11.04 24.44
N SER C 401 16.86 -11.79 23.47
CA SER C 401 16.28 -13.13 23.66
C SER C 401 17.39 -14.14 23.98
N PHE C 402 17.10 -15.12 24.83
CA PHE C 402 17.98 -16.28 25.06
C PHE C 402 18.32 -16.99 23.74
N CYS C 403 17.49 -16.91 22.70
CA CYS C 403 17.78 -17.54 21.38
C CYS C 403 18.84 -16.74 20.62
N GLY C 404 19.12 -15.49 20.99
CA GLY C 404 20.11 -14.63 20.31
C GLY C 404 19.45 -13.46 19.59
N ASN C 405 18.13 -13.49 19.43
CA ASN C 405 17.41 -12.38 18.78
C ASN C 405 17.50 -11.10 19.63
N MET C 406 17.33 -9.95 18.99
CA MET C 406 17.20 -8.64 19.64
C MET C 406 16.26 -7.78 18.82
N ASP C 407 15.58 -6.86 19.49
CA ASP C 407 14.90 -5.73 18.87
C ASP C 407 15.00 -4.56 19.84
N THR C 408 15.18 -3.37 19.30
CA THR C 408 15.39 -2.16 20.09
C THR C 408 14.75 -0.99 19.36
N SER C 409 14.31 -0.02 20.13
CA SER C 409 13.76 1.26 19.65
C SER C 409 14.81 2.35 19.85
N ILE C 410 14.56 3.51 19.29
CA ILE C 410 15.15 4.80 19.80
C ILE C 410 14.02 5.43 20.60
N THR C 411 14.30 5.84 21.83
CA THR C 411 13.29 6.45 22.72
C THR C 411 13.14 7.94 22.41
N ILE C 412 12.83 8.25 21.16
CA ILE C 412 12.12 9.53 20.85
C ILE C 412 10.65 9.38 21.29
N ARG C 413 9.95 10.49 21.42
CA ARG C 413 8.50 10.52 21.72
C ARG C 413 8.28 9.68 22.99
N THR C 414 9.16 9.84 23.95
CA THR C 414 9.18 9.05 25.19
C THR C 414 9.15 10.03 26.37
N LEU C 415 8.29 9.73 27.33
CA LEU C 415 8.16 10.48 28.57
C LEU C 415 8.79 9.70 29.74
N THR C 416 9.42 10.46 30.63
CA THR C 416 10.04 9.99 31.88
C THR C 416 9.17 10.55 33.01
N ALA C 417 8.60 9.67 33.82
CA ALA C 417 7.70 10.03 34.94
C ALA C 417 8.35 9.57 36.24
N ILE C 418 8.83 10.50 37.06
CA ILE C 418 9.64 10.19 38.26
C ILE C 418 9.36 11.23 39.33
N ASN C 419 9.02 10.78 40.55
CA ASN C 419 8.87 11.72 41.70
C ASN C 419 7.92 12.88 41.38
N GLY C 420 6.82 12.56 40.71
CA GLY C 420 5.76 13.53 40.37
C GLY C 420 6.21 14.58 39.36
N GLN C 421 7.32 14.34 38.65
CA GLN C 421 7.83 15.18 37.53
C GLN C 421 7.62 14.35 36.26
N ILE C 422 7.18 14.98 35.18
CA ILE C 422 7.13 14.27 33.87
C ILE C 422 7.90 15.12 32.84
N PHE C 423 8.75 14.45 32.08
CA PHE C 423 9.65 15.08 31.10
C PHE C 423 9.36 14.50 29.73
N CYS C 424 9.46 15.37 28.71
CA CYS C 424 9.23 14.98 27.29
C CYS C 424 10.16 15.86 26.46
N SER C 425 11.09 15.27 25.73
CA SER C 425 12.09 16.03 24.95
C SER C 425 11.72 15.98 23.46
N ALA C 426 12.32 16.87 22.69
CA ALA C 426 12.05 16.97 21.23
C ALA C 426 13.24 17.64 20.57
N GLY C 427 13.73 17.04 19.48
CA GLY C 427 14.98 17.47 18.87
C GLY C 427 14.86 17.43 17.38
N GLY C 428 15.96 17.72 16.70
CA GLY C 428 16.06 17.60 15.25
C GLY C 428 17.49 17.73 14.78
N GLY C 429 17.80 17.12 13.64
CA GLY C 429 19.12 17.18 13.02
C GLY C 429 19.37 18.57 12.48
N ILE C 430 20.42 19.22 12.96
CA ILE C 430 20.87 20.54 12.43
C ILE C 430 21.98 20.25 11.43
N VAL C 431 21.83 20.76 10.22
CA VAL C 431 22.88 20.72 9.16
C VAL C 431 23.15 22.14 8.68
N ALA C 432 24.19 22.31 7.86
CA ALA C 432 24.68 23.65 7.40
C ALA C 432 23.50 24.48 6.88
N ASP C 433 22.58 23.86 6.13
CA ASP C 433 21.48 24.56 5.44
C ASP C 433 20.26 24.72 6.35
N SER C 434 20.28 24.24 7.60
CA SER C 434 19.09 24.32 8.48
C SER C 434 18.74 25.79 8.75
N GLN C 435 17.47 26.07 8.99
CA GLN C 435 16.97 27.40 9.38
C GLN C 435 16.50 27.37 10.84
N GLU C 436 16.93 28.36 11.62
CA GLU C 436 16.74 28.45 13.10
C GLU C 436 15.27 28.32 13.46
N GLU C 437 14.39 29.14 12.89
CA GLU C 437 12.95 29.16 13.25
C GLU C 437 12.29 27.84 12.81
N ALA C 438 12.62 27.31 11.62
CA ALA C 438 12.01 26.05 11.15
C ALA C 438 12.38 24.91 12.11
N GLU C 439 13.61 24.90 12.61
CA GLU C 439 14.10 23.76 13.44
C GLU C 439 13.47 23.89 14.85
N TYR C 440 13.36 25.10 15.38
CA TYR C 440 12.62 25.37 16.63
C TYR C 440 11.20 24.85 16.54
N GLN C 441 10.49 25.21 15.47
CA GLN C 441 9.07 24.87 15.28
C GLN C 441 8.90 23.37 15.08
N GLU C 442 9.86 22.72 14.43
CA GLU C 442 9.79 21.26 14.17
C GLU C 442 9.80 20.48 15.50
N THR C 443 10.54 20.94 16.50
CA THR C 443 10.55 20.27 17.83
C THR C 443 9.12 20.27 18.38
N PHE C 444 8.37 21.37 18.31
CA PHE C 444 6.95 21.42 18.72
C PHE C 444 6.11 20.47 17.87
N ASP C 445 6.33 20.45 16.55
CA ASP C 445 5.55 19.59 15.63
C ASP C 445 5.64 18.13 16.11
N LYS C 446 6.79 17.72 16.64
CA LYS C 446 7.05 16.30 16.97
C LYS C 446 6.29 15.89 18.22
N VAL C 447 6.11 16.79 19.18
CA VAL C 447 5.57 16.35 20.50
C VAL C 447 4.32 17.12 20.92
N ASN C 448 3.91 18.13 20.16
CA ASN C 448 2.74 18.96 20.56
C ASN C 448 1.55 18.06 20.89
N ARG C 449 1.25 17.05 20.07
CA ARG C 449 0.03 16.22 20.27
C ARG C 449 0.15 15.44 21.59
N ILE C 450 1.35 15.03 21.97
CA ILE C 450 1.61 14.36 23.29
C ILE C 450 1.40 15.35 24.43
N LEU C 451 2.04 16.50 24.35
CA LEU C 451 1.97 17.52 25.44
C LEU C 451 0.50 17.90 25.63
N LYS C 452 -0.22 18.12 24.52
CA LYS C 452 -1.62 18.61 24.56
C LYS C 452 -2.54 17.53 25.08
N GLN C 453 -2.30 16.27 24.73
CA GLN C 453 -3.17 15.19 25.22
C GLN C 453 -3.06 15.10 26.75
N LEU C 454 -1.89 15.28 27.32
CA LEU C 454 -1.71 15.13 28.80
C LEU C 454 -2.24 16.36 29.55
N GLU C 455 -2.24 17.53 28.90
CA GLU C 455 -2.63 18.82 29.50
C GLU C 455 -4.13 18.84 29.83
N LYS C 456 -4.95 18.04 29.14
CA LYS C 456 -6.36 17.86 29.52
C LYS C 456 -6.59 16.39 29.89
N GLY D 2 -49.21 24.34 -9.02
CA GLY D 2 -50.46 23.66 -9.49
C GLY D 2 -50.17 22.27 -10.04
N HIS D 3 -49.23 22.17 -10.99
CA HIS D 3 -48.92 20.93 -11.74
C HIS D 3 -47.80 20.16 -11.03
N MET D 4 -46.57 20.66 -10.97
CA MET D 4 -45.43 19.91 -10.40
C MET D 4 -45.84 19.31 -9.06
N LYS D 5 -45.56 18.03 -8.82
CA LYS D 5 -45.96 17.41 -7.54
C LYS D 5 -44.73 16.92 -6.79
N THR D 6 -44.40 17.56 -5.67
CA THR D 6 -43.28 17.16 -4.79
C THR D 6 -43.83 16.40 -3.57
N LEU D 7 -45.15 16.47 -3.39
CA LEU D 7 -45.94 15.82 -2.31
C LEU D 7 -45.63 14.31 -2.35
N SER D 8 -45.44 13.69 -1.19
CA SER D 8 -45.38 12.21 -1.05
C SER D 8 -46.66 11.58 -1.60
N PRO D 9 -46.58 10.42 -2.28
CA PRO D 9 -47.77 9.76 -2.80
C PRO D 9 -48.72 9.35 -1.65
N ALA D 10 -50.01 9.31 -1.93
CA ALA D 10 -51.04 8.71 -1.04
C ALA D 10 -50.79 7.22 -0.94
N VAL D 11 -50.94 6.65 0.26
CA VAL D 11 -50.65 5.22 0.55
C VAL D 11 -51.87 4.62 1.24
N ILE D 12 -52.31 3.45 0.76
CA ILE D 12 -53.23 2.55 1.51
C ILE D 12 -52.42 1.35 1.94
N THR D 13 -52.46 1.02 3.22
CA THR D 13 -51.90 -0.25 3.76
C THR D 13 -52.91 -1.38 3.51
N LEU D 14 -52.49 -2.43 2.82
CA LEU D 14 -53.31 -3.64 2.60
C LEU D 14 -52.94 -4.66 3.68
N LEU D 15 -53.69 -5.76 3.70
CA LEU D 15 -53.49 -6.85 4.64
C LEU D 15 -52.07 -7.41 4.49
N TRP D 16 -51.30 -7.54 5.57
CA TRP D 16 -50.00 -8.24 5.49
C TRP D 16 -50.23 -9.72 5.18
N ARG D 17 -49.57 -10.23 4.17
CA ARG D 17 -49.38 -11.67 3.93
C ARG D 17 -48.02 -11.81 3.23
N GLN D 18 -47.24 -12.81 3.61
CA GLN D 18 -45.87 -13.02 3.13
C GLN D 18 -45.91 -13.13 1.60
N ASP D 19 -46.98 -13.75 1.08
CA ASP D 19 -47.12 -14.06 -0.36
C ASP D 19 -47.90 -12.97 -1.08
N ALA D 20 -47.95 -11.75 -0.53
CA ALA D 20 -48.78 -10.64 -1.06
C ALA D 20 -48.43 -10.39 -2.53
N ALA D 21 -47.15 -10.39 -2.87
CA ALA D 21 -46.73 -10.01 -4.24
C ALA D 21 -47.25 -11.06 -5.23
N GLU D 22 -46.99 -12.33 -4.98
CA GLU D 22 -47.44 -13.40 -5.91
C GLU D 22 -48.98 -13.45 -5.92
N PHE D 23 -49.61 -13.22 -4.78
CA PHE D 23 -51.09 -13.20 -4.66
C PHE D 23 -51.68 -12.12 -5.57
N TYR D 24 -51.24 -10.87 -5.44
CA TYR D 24 -51.79 -9.77 -6.26
C TYR D 24 -51.34 -9.93 -7.70
N PHE D 25 -50.09 -10.32 -7.93
CA PHE D 25 -49.58 -10.34 -9.32
C PHE D 25 -50.29 -11.43 -10.12
N SER D 26 -50.68 -12.53 -9.48
CA SER D 26 -51.45 -13.61 -10.14
C SER D 26 -52.55 -13.02 -11.00
N ARG D 27 -53.32 -12.07 -10.49
CA ARG D 27 -54.48 -11.53 -11.24
C ARG D 27 -54.05 -10.57 -12.34
N LEU D 28 -52.77 -10.20 -12.42
CA LEU D 28 -52.28 -9.22 -13.44
C LEU D 28 -51.36 -9.87 -14.47
N SER D 29 -50.90 -11.10 -14.23
CA SER D 29 -49.71 -11.70 -14.89
C SER D 29 -49.88 -11.85 -16.40
N HIS D 30 -51.11 -11.83 -16.90
CA HIS D 30 -51.44 -11.98 -18.35
C HIS D 30 -51.43 -10.63 -19.07
N LEU D 31 -51.36 -9.52 -18.33
CA LEU D 31 -51.45 -8.17 -18.93
C LEU D 31 -50.09 -7.72 -19.43
N PRO D 32 -49.96 -7.31 -20.71
CA PRO D 32 -48.77 -6.60 -21.16
C PRO D 32 -48.51 -5.38 -20.26
N TRP D 33 -47.25 -5.25 -19.87
CA TRP D 33 -46.70 -4.17 -19.02
C TRP D 33 -47.03 -4.39 -17.54
N ALA D 34 -47.56 -5.55 -17.15
CA ALA D 34 -47.58 -6.00 -15.75
C ALA D 34 -46.18 -6.51 -15.40
N MET D 35 -45.62 -6.04 -14.30
CA MET D 35 -44.24 -6.41 -13.96
C MET D 35 -44.14 -6.64 -12.47
N LEU D 36 -43.32 -7.64 -12.12
CA LEU D 36 -43.07 -8.01 -10.72
C LEU D 36 -41.56 -8.02 -10.49
N LEU D 37 -41.11 -7.29 -9.48
CA LEU D 37 -39.75 -7.53 -8.91
C LEU D 37 -39.95 -8.27 -7.59
N HIS D 38 -39.33 -9.43 -7.47
CA HIS D 38 -39.55 -10.31 -6.30
C HIS D 38 -38.19 -10.64 -5.67
N SER D 39 -38.12 -10.56 -4.33
CA SER D 39 -36.89 -10.88 -3.57
C SER D 39 -36.73 -12.38 -3.34
N GLY D 40 -37.60 -13.21 -3.91
CA GLY D 40 -37.45 -14.67 -3.91
C GLY D 40 -37.70 -15.31 -2.54
N TYR D 41 -38.30 -14.56 -1.62
CA TYR D 41 -38.38 -14.95 -0.18
C TYR D 41 -36.99 -15.32 0.34
N ALA D 42 -35.93 -14.72 -0.19
CA ALA D 42 -34.54 -15.11 0.11
C ALA D 42 -34.19 -14.68 1.54
N ASP D 43 -33.41 -15.51 2.22
CA ASP D 43 -32.66 -15.15 3.46
C ASP D 43 -31.35 -14.49 3.00
N HIS D 44 -31.31 -13.17 2.94
CA HIS D 44 -30.26 -12.44 2.18
C HIS D 44 -30.28 -11.00 2.64
N PRO D 45 -29.11 -10.33 2.77
CA PRO D 45 -29.08 -8.93 3.19
C PRO D 45 -29.87 -7.96 2.31
N TYR D 46 -30.08 -8.31 1.03
CA TYR D 46 -30.75 -7.39 0.05
C TYR D 46 -31.99 -8.05 -0.52
N SER D 47 -32.72 -8.72 0.37
CA SER D 47 -34.02 -9.36 0.14
C SER D 47 -34.93 -8.66 1.13
N ARG D 48 -35.59 -7.58 0.73
CA ARG D 48 -36.53 -6.83 1.60
C ARG D 48 -37.83 -6.57 0.85
N PHE D 49 -37.74 -6.19 -0.43
CA PHE D 49 -38.90 -5.64 -1.18
C PHE D 49 -39.31 -6.57 -2.31
N ASP D 50 -40.62 -6.65 -2.50
CA ASP D 50 -41.26 -7.09 -3.75
C ASP D 50 -42.01 -5.85 -4.28
N ILE D 51 -42.02 -5.67 -5.59
CA ILE D 51 -42.65 -4.50 -6.23
C ILE D 51 -43.55 -5.01 -7.36
N VAL D 52 -44.75 -4.51 -7.38
CA VAL D 52 -45.76 -4.84 -8.43
C VAL D 52 -46.22 -3.55 -9.08
N VAL D 53 -46.21 -3.54 -10.42
CA VAL D 53 -46.79 -2.47 -11.25
C VAL D 53 -47.57 -3.09 -12.40
N ALA D 54 -48.46 -2.29 -13.02
CA ALA D 54 -49.22 -2.64 -14.23
C ALA D 54 -49.90 -1.37 -14.72
N GLU D 55 -50.51 -1.38 -15.89
CA GLU D 55 -51.22 -0.21 -16.46
C GLU D 55 -50.35 1.04 -16.46
N PRO D 56 -49.26 1.03 -17.25
CA PRO D 56 -48.38 2.19 -17.34
C PRO D 56 -49.09 3.39 -17.99
N ILE D 57 -48.69 4.61 -17.64
CA ILE D 57 -49.20 5.86 -18.27
C ILE D 57 -48.42 6.11 -19.56
N CYS D 58 -47.26 5.48 -19.72
CA CYS D 58 -46.40 5.69 -20.89
C CYS D 58 -45.53 4.43 -21.04
N THR D 59 -45.18 4.05 -22.27
CA THR D 59 -44.24 2.91 -22.48
C THR D 59 -43.14 3.34 -23.43
N LEU D 60 -41.96 2.75 -23.26
CA LEU D 60 -40.80 2.99 -24.13
C LEU D 60 -40.34 1.63 -24.63
N THR D 61 -40.27 1.47 -25.92
CA THR D 61 -39.80 0.23 -26.58
C THR D 61 -38.68 0.60 -27.55
N THR D 62 -37.49 0.06 -27.33
CA THR D 62 -36.32 0.28 -28.20
C THR D 62 -36.01 -1.03 -28.93
N PHE D 63 -35.88 -0.95 -30.24
CA PHE D 63 -35.34 -1.99 -31.13
C PHE D 63 -34.27 -1.29 -31.95
N GLY D 64 -33.01 -1.62 -31.68
CA GLY D 64 -31.87 -0.98 -32.34
C GLY D 64 -31.86 0.52 -32.10
N LYS D 65 -31.80 1.28 -33.19
CA LYS D 65 -31.63 2.77 -33.18
C LYS D 65 -32.94 3.47 -32.78
N GLU D 66 -34.07 2.79 -32.80
CA GLU D 66 -35.38 3.47 -32.69
C GLU D 66 -36.04 3.18 -31.34
N THR D 67 -36.48 4.22 -30.66
CA THR D 67 -37.30 4.12 -29.43
C THR D 67 -38.68 4.67 -29.76
N VAL D 68 -39.70 3.89 -29.48
CA VAL D 68 -41.12 4.29 -29.62
C VAL D 68 -41.63 4.62 -28.23
N VAL D 69 -42.04 5.86 -28.04
CA VAL D 69 -42.64 6.32 -26.78
C VAL D 69 -44.16 6.36 -26.99
N SER D 70 -44.91 5.60 -26.22
CA SER D 70 -46.37 5.50 -26.42
C SER D 70 -47.10 6.00 -25.17
N GLU D 71 -48.04 6.91 -25.36
CA GLU D 71 -48.98 7.41 -24.31
C GLU D 71 -50.39 7.17 -24.83
N SER D 72 -51.44 7.41 -24.04
CA SER D 72 -52.81 6.92 -24.39
C SER D 72 -53.08 7.05 -25.90
N GLU D 73 -53.01 8.28 -26.45
CA GLU D 73 -53.44 8.57 -27.85
C GLU D 73 -52.29 9.21 -28.65
N LYS D 74 -51.04 8.97 -28.27
CA LYS D 74 -49.85 9.65 -28.86
C LYS D 74 -48.71 8.63 -28.94
N ARG D 75 -48.01 8.59 -30.06
CA ARG D 75 -46.88 7.68 -30.32
C ARG D 75 -45.80 8.53 -31.00
N THR D 76 -44.58 8.53 -30.47
CA THR D 76 -43.43 9.29 -31.01
C THR D 76 -42.31 8.28 -31.25
N THR D 77 -41.56 8.46 -32.34
CA THR D 77 -40.39 7.61 -32.68
C THR D 77 -39.16 8.49 -32.60
N THR D 78 -38.07 8.00 -32.02
CA THR D 78 -36.83 8.83 -31.90
C THR D 78 -35.62 7.92 -32.04
N THR D 79 -34.54 8.43 -32.63
CA THR D 79 -33.23 7.74 -32.65
C THR D 79 -32.34 8.24 -31.52
N ASP D 80 -32.84 9.09 -30.62
CA ASP D 80 -31.99 9.67 -29.52
C ASP D 80 -31.57 8.55 -28.55
N ASP D 81 -30.51 8.82 -27.78
CA ASP D 81 -30.00 7.92 -26.70
C ASP D 81 -31.20 7.46 -25.88
N PRO D 82 -31.46 6.14 -25.74
CA PRO D 82 -32.68 5.65 -25.09
C PRO D 82 -32.77 6.01 -23.60
N LEU D 83 -31.64 6.14 -22.93
CA LEU D 83 -31.65 6.52 -21.51
C LEU D 83 -31.88 8.01 -21.35
N GLN D 84 -31.42 8.82 -22.30
CA GLN D 84 -31.78 10.26 -22.29
C GLN D 84 -33.30 10.40 -22.55
N VAL D 85 -33.82 9.62 -23.47
CA VAL D 85 -35.28 9.65 -23.79
C VAL D 85 -36.05 9.23 -22.54
N LEU D 86 -35.60 8.18 -21.87
CA LEU D 86 -36.21 7.71 -20.63
C LEU D 86 -36.20 8.82 -19.57
N GLN D 87 -35.05 9.45 -19.31
CA GLN D 87 -34.95 10.56 -18.34
C GLN D 87 -35.94 11.68 -18.70
N GLN D 88 -36.06 12.04 -19.98
CA GLN D 88 -36.93 13.16 -20.40
C GLN D 88 -38.39 12.78 -20.07
N VAL D 89 -38.77 11.55 -20.40
CA VAL D 89 -40.15 11.05 -20.14
C VAL D 89 -40.44 11.09 -18.65
N LEU D 90 -39.50 10.62 -17.82
CA LEU D 90 -39.65 10.65 -16.35
C LEU D 90 -39.85 12.10 -15.89
N ASP D 91 -39.00 13.02 -16.38
CA ASP D 91 -39.06 14.44 -15.97
C ASP D 91 -40.43 15.02 -16.31
N ARG D 92 -40.93 14.70 -17.49
CA ARG D 92 -42.19 15.25 -18.04
C ARG D 92 -43.41 14.73 -17.29
N ALA D 93 -43.30 13.69 -16.47
CA ALA D 93 -44.41 13.21 -15.61
C ALA D 93 -44.73 14.24 -14.52
N ASP D 94 -43.78 15.15 -14.19
CA ASP D 94 -44.00 16.19 -13.15
C ASP D 94 -44.38 15.55 -11.80
N ILE D 95 -43.71 14.44 -11.49
CA ILE D 95 -43.84 13.76 -10.18
C ILE D 95 -42.45 13.70 -9.59
N ARG D 96 -42.23 14.40 -8.48
CA ARG D 96 -40.88 14.60 -7.92
C ARG D 96 -40.95 14.47 -6.42
N PRO D 97 -41.26 13.27 -5.88
CA PRO D 97 -41.30 13.07 -4.44
C PRO D 97 -39.90 12.96 -3.82
N THR D 98 -39.80 13.20 -2.53
CA THR D 98 -38.53 13.06 -1.78
C THR D 98 -38.29 11.58 -1.50
N HIS D 99 -37.05 11.21 -1.26
CA HIS D 99 -36.60 9.84 -0.94
C HIS D 99 -37.36 9.38 0.30
N ASN D 100 -37.79 8.11 0.29
CA ASN D 100 -38.47 7.47 1.44
C ASN D 100 -37.84 6.10 1.62
N GLU D 101 -37.19 5.87 2.76
CA GLU D 101 -36.47 4.59 3.05
C GLU D 101 -37.44 3.39 2.96
N ASP D 102 -38.74 3.61 3.17
CA ASP D 102 -39.71 2.49 3.20
C ASP D 102 -40.40 2.31 1.84
N LEU D 103 -40.24 3.26 0.91
CA LEU D 103 -40.83 3.14 -0.43
C LEU D 103 -39.73 3.43 -1.46
N PRO D 104 -38.84 2.48 -1.75
CA PRO D 104 -37.70 2.75 -2.63
C PRO D 104 -38.09 3.07 -4.09
N PHE D 105 -39.25 2.61 -4.51
CA PHE D 105 -39.86 2.97 -5.81
C PHE D 105 -41.16 3.68 -5.52
N GLN D 106 -41.27 4.94 -5.98
CA GLN D 106 -42.50 5.76 -5.73
C GLN D 106 -43.17 6.05 -7.05
N GLY D 107 -43.31 5.02 -7.89
CA GLY D 107 -43.61 5.25 -9.29
C GLY D 107 -42.36 5.62 -10.05
N GLY D 108 -42.48 5.62 -11.36
CA GLY D 108 -41.33 5.90 -12.24
C GLY D 108 -41.22 4.83 -13.30
N ALA D 109 -40.01 4.57 -13.74
CA ALA D 109 -39.73 3.64 -14.85
C ALA D 109 -39.47 2.25 -14.28
N LEU D 110 -39.98 1.21 -14.93
CA LEU D 110 -39.64 -0.17 -14.50
C LEU D 110 -39.67 -1.05 -15.74
N GLY D 111 -38.67 -1.93 -15.86
CA GLY D 111 -38.63 -2.88 -16.98
C GLY D 111 -37.25 -3.39 -17.33
N LEU D 112 -37.10 -3.70 -18.60
CA LEU D 112 -35.99 -4.50 -19.13
C LEU D 112 -35.04 -3.60 -19.92
N PHE D 113 -33.75 -3.75 -19.62
CA PHE D 113 -32.63 -3.20 -20.42
C PHE D 113 -31.87 -4.42 -20.93
N GLY D 114 -32.10 -4.79 -22.18
CA GLY D 114 -31.49 -5.99 -22.76
C GLY D 114 -30.02 -5.77 -23.01
N TYR D 115 -29.24 -6.85 -23.02
CA TYR D 115 -27.79 -6.78 -23.21
C TYR D 115 -27.51 -5.99 -24.49
N ASP D 116 -28.34 -6.17 -25.54
CA ASP D 116 -28.03 -5.56 -26.86
C ASP D 116 -28.30 -4.05 -26.85
N LEU D 117 -28.85 -3.51 -25.76
CA LEU D 117 -28.94 -2.04 -25.58
C LEU D 117 -27.53 -1.46 -25.47
N GLY D 118 -26.55 -2.28 -25.09
CA GLY D 118 -25.14 -1.85 -24.98
C GLY D 118 -24.60 -1.38 -26.32
N ARG D 119 -25.17 -1.83 -27.42
CA ARG D 119 -24.77 -1.41 -28.80
C ARG D 119 -25.10 0.07 -29.01
N ARG D 120 -25.95 0.68 -28.18
CA ARG D 120 -26.24 2.14 -28.25
C ARG D 120 -25.13 2.94 -27.57
N PHE D 121 -24.24 2.33 -26.80
CA PHE D 121 -23.25 3.09 -25.97
C PHE D 121 -21.84 2.78 -26.43
N GLU D 122 -21.61 1.71 -27.18
CA GLU D 122 -20.28 1.39 -27.74
C GLU D 122 -20.50 0.84 -29.15
N SER D 123 -19.56 1.09 -30.05
CA SER D 123 -19.60 0.53 -31.42
C SER D 123 -19.12 -0.90 -31.38
N LEU D 124 -20.01 -1.85 -31.66
CA LEU D 124 -19.70 -3.29 -31.54
C LEU D 124 -19.99 -3.96 -32.87
N PRO D 125 -19.25 -5.04 -33.19
CA PRO D 125 -19.48 -5.77 -34.43
C PRO D 125 -20.84 -6.49 -34.43
N GLU D 126 -21.24 -6.96 -35.60
CA GLU D 126 -22.57 -7.55 -35.82
C GLU D 126 -22.41 -8.96 -36.39
N ILE D 127 -21.63 -9.80 -35.72
CA ILE D 127 -21.35 -11.19 -36.16
C ILE D 127 -22.44 -12.12 -35.62
N ALA D 128 -22.71 -12.10 -34.30
CA ALA D 128 -23.69 -12.99 -33.67
C ALA D 128 -25.05 -12.74 -34.32
N GLU D 129 -25.84 -13.81 -34.43
CA GLU D 129 -27.15 -13.75 -35.14
C GLU D 129 -28.21 -13.17 -34.19
N GLN D 130 -29.02 -12.25 -34.70
CA GLN D 130 -30.20 -11.69 -34.00
C GLN D 130 -31.43 -12.58 -34.23
N ASP D 131 -31.61 -13.66 -33.48
CA ASP D 131 -32.69 -14.64 -33.77
C ASP D 131 -33.81 -14.53 -32.72
N ILE D 132 -33.78 -13.54 -31.83
CA ILE D 132 -34.90 -13.33 -30.88
C ILE D 132 -35.39 -11.90 -31.07
N VAL D 133 -36.67 -11.76 -31.40
CA VAL D 133 -37.25 -10.43 -31.68
C VAL D 133 -37.93 -9.96 -30.40
N LEU D 134 -37.15 -9.35 -29.53
CA LEU D 134 -37.67 -8.85 -28.24
C LEU D 134 -36.91 -7.55 -27.99
N PRO D 135 -37.56 -6.50 -27.45
CA PRO D 135 -36.96 -5.17 -27.39
C PRO D 135 -35.65 -5.15 -26.60
N ASP D 136 -34.73 -4.29 -27.03
CA ASP D 136 -33.49 -3.92 -26.31
C ASP D 136 -33.83 -3.09 -25.07
N MET D 137 -34.92 -2.34 -25.11
CA MET D 137 -35.44 -1.69 -23.88
C MET D 137 -36.95 -1.81 -23.90
N ALA D 138 -37.52 -2.27 -22.81
CA ALA D 138 -38.99 -2.36 -22.66
C ALA D 138 -39.33 -1.88 -21.26
N VAL D 139 -39.70 -0.62 -21.16
CA VAL D 139 -39.87 0.04 -19.86
C VAL D 139 -41.23 0.71 -19.83
N GLY D 140 -41.99 0.48 -18.77
CA GLY D 140 -43.22 1.24 -18.49
C GLY D 140 -42.94 2.40 -17.54
N ILE D 141 -43.78 3.40 -17.60
CA ILE D 141 -43.83 4.54 -16.65
C ILE D 141 -45.10 4.41 -15.83
N TYR D 142 -44.96 4.28 -14.51
CA TYR D 142 -46.05 3.90 -13.59
C TYR D 142 -46.22 5.06 -12.61
N ASP D 143 -47.45 5.50 -12.36
CA ASP D 143 -47.74 6.54 -11.33
C ASP D 143 -48.28 5.91 -10.05
N TRP D 144 -48.08 4.61 -9.87
CA TRP D 144 -48.51 3.88 -8.66
C TRP D 144 -47.63 2.66 -8.52
N ALA D 145 -47.67 2.00 -7.38
CA ALA D 145 -46.93 0.75 -7.17
C ALA D 145 -47.52 0.04 -5.96
N LEU D 146 -47.37 -1.27 -5.97
CA LEU D 146 -47.60 -2.08 -4.76
C LEU D 146 -46.24 -2.52 -4.24
N ILE D 147 -45.94 -2.16 -3.00
CA ILE D 147 -44.66 -2.44 -2.33
C ILE D 147 -44.92 -3.42 -1.18
N VAL D 148 -44.26 -4.56 -1.24
CA VAL D 148 -44.29 -5.55 -0.13
C VAL D 148 -42.96 -5.45 0.60
N ASP D 149 -43.02 -5.11 1.90
CA ASP D 149 -41.81 -4.86 2.73
C ASP D 149 -41.70 -5.99 3.76
N HIS D 150 -40.75 -6.90 3.57
CA HIS D 150 -40.55 -8.10 4.42
C HIS D 150 -39.89 -7.73 5.75
N GLN D 151 -39.26 -6.56 5.82
CA GLN D 151 -38.61 -6.06 7.07
C GLN D 151 -39.68 -5.51 8.01
N ARG D 152 -40.58 -4.67 7.51
CA ARG D 152 -41.65 -4.05 8.33
C ARG D 152 -42.93 -4.89 8.30
N HIS D 153 -43.01 -5.96 7.51
CA HIS D 153 -44.23 -6.76 7.28
C HIS D 153 -45.39 -5.82 6.96
N THR D 154 -45.25 -5.01 5.91
CA THR D 154 -46.31 -4.09 5.44
C THR D 154 -46.46 -4.25 3.94
N VAL D 155 -47.68 -4.22 3.46
CA VAL D 155 -48.01 -4.09 2.03
C VAL D 155 -48.57 -2.68 1.82
N SER D 156 -47.91 -1.88 0.98
CA SER D 156 -48.31 -0.49 0.73
C SER D 156 -48.71 -0.35 -0.73
N LEU D 157 -49.91 0.16 -0.98
CA LEU D 157 -50.37 0.58 -2.31
C LEU D 157 -50.19 2.08 -2.38
N LEU D 158 -49.30 2.56 -3.24
CA LEU D 158 -49.07 4.02 -3.38
C LEU D 158 -49.53 4.49 -4.74
N SER D 159 -50.09 5.69 -4.79
CA SER D 159 -50.49 6.30 -6.06
C SER D 159 -50.30 7.81 -6.00
N HIS D 160 -49.84 8.39 -7.10
CA HIS D 160 -49.72 9.86 -7.22
C HIS D 160 -51.07 10.41 -7.66
N ASN D 161 -51.98 9.54 -8.01
CA ASN D 161 -53.35 9.94 -8.40
C ASN D 161 -54.29 9.54 -7.25
N ASP D 162 -55.37 8.89 -7.64
CA ASP D 162 -56.44 8.42 -6.75
C ASP D 162 -56.10 7.01 -6.29
N VAL D 163 -55.52 6.90 -5.11
CA VAL D 163 -55.05 5.60 -4.59
C VAL D 163 -56.24 4.67 -4.31
N ASN D 164 -57.41 5.20 -3.91
CA ASN D 164 -58.59 4.35 -3.60
C ASN D 164 -59.12 3.75 -4.91
N ALA D 165 -59.08 4.48 -6.01
CA ALA D 165 -59.49 4.00 -7.34
C ALA D 165 -58.53 2.87 -7.78
N ARG D 166 -57.23 3.03 -7.54
CA ARG D 166 -56.24 1.98 -7.92
C ARG D 166 -56.50 0.74 -7.08
N ARG D 167 -56.82 0.90 -5.80
CA ARG D 167 -57.11 -0.25 -4.91
C ARG D 167 -58.38 -0.97 -5.42
N ALA D 168 -59.40 -0.22 -5.84
CA ALA D 168 -60.66 -0.79 -6.35
C ALA D 168 -60.34 -1.55 -7.66
N TRP D 169 -59.55 -0.95 -8.54
CA TRP D 169 -59.10 -1.59 -9.81
C TRP D 169 -58.40 -2.92 -9.50
N LEU D 170 -57.50 -2.93 -8.52
CA LEU D 170 -56.73 -4.13 -8.15
C LEU D 170 -57.70 -5.21 -7.66
N GLU D 171 -58.63 -4.85 -6.77
CA GLU D 171 -59.50 -5.91 -6.16
C GLU D 171 -60.59 -6.32 -7.17
N SER D 172 -60.75 -5.62 -8.29
CA SER D 172 -61.69 -5.99 -9.36
C SER D 172 -61.04 -6.98 -10.35
N GLN D 173 -59.71 -7.14 -10.38
CA GLN D 173 -59.05 -8.13 -11.27
C GLN D 173 -59.21 -9.48 -10.59
N GLN D 174 -59.64 -10.52 -11.30
CA GLN D 174 -59.87 -11.88 -10.74
C GLN D 174 -58.81 -12.81 -11.35
N PHE D 175 -58.23 -13.67 -10.53
CA PHE D 175 -57.23 -14.64 -11.02
C PHE D 175 -58.02 -15.79 -11.66
N SER D 176 -57.98 -15.91 -12.99
CA SER D 176 -58.53 -17.06 -13.76
C SER D 176 -57.36 -17.88 -14.29
N PRO D 177 -56.99 -18.99 -13.61
CA PRO D 177 -55.73 -19.69 -13.90
C PRO D 177 -55.83 -20.46 -15.23
N GLN D 178 -54.72 -20.52 -15.95
CA GLN D 178 -54.65 -21.19 -17.27
C GLN D 178 -53.94 -22.53 -17.06
N GLU D 179 -53.92 -23.35 -18.10
CA GLU D 179 -53.16 -24.62 -18.16
C GLU D 179 -51.76 -24.42 -17.56
N ASP D 180 -51.32 -25.40 -16.77
CA ASP D 180 -49.96 -25.43 -16.21
C ASP D 180 -48.95 -25.49 -17.37
N PHE D 181 -47.78 -24.98 -17.08
CA PHE D 181 -46.62 -24.98 -17.97
C PHE D 181 -46.21 -26.44 -18.23
N THR D 182 -45.88 -26.77 -19.46
CA THR D 182 -45.19 -28.05 -19.79
C THR D 182 -44.13 -27.76 -20.84
N LEU D 183 -42.93 -28.31 -20.70
CA LEU D 183 -41.95 -28.30 -21.80
C LEU D 183 -42.42 -29.34 -22.81
N THR D 184 -42.38 -29.05 -24.10
CA THR D 184 -42.94 -29.96 -25.13
C THR D 184 -41.81 -30.44 -26.02
N SER D 185 -40.56 -30.15 -25.66
CA SER D 185 -39.34 -30.73 -26.27
C SER D 185 -38.29 -30.91 -25.17
N ASP D 186 -37.21 -31.61 -25.49
CA ASP D 186 -36.00 -31.61 -24.61
C ASP D 186 -35.29 -30.27 -24.80
N TRP D 187 -34.45 -29.93 -23.84
CA TRP D 187 -33.47 -28.84 -23.95
C TRP D 187 -32.40 -29.20 -24.95
N GLN D 188 -32.04 -28.26 -25.82
CA GLN D 188 -30.92 -28.39 -26.79
C GLN D 188 -30.07 -27.14 -26.64
N SER D 189 -28.76 -27.29 -26.74
CA SER D 189 -27.82 -26.16 -26.71
C SER D 189 -27.61 -25.63 -28.12
N ASN D 190 -27.20 -24.37 -28.24
CA ASN D 190 -26.79 -23.71 -29.49
C ASN D 190 -25.34 -24.10 -29.84
N MET D 191 -24.67 -24.89 -29.01
CA MET D 191 -23.31 -25.38 -29.34
C MET D 191 -23.06 -26.78 -28.78
N THR D 192 -22.35 -27.58 -29.56
CA THR D 192 -21.84 -28.92 -29.13
C THR D 192 -20.69 -28.72 -28.13
N ARG D 193 -20.31 -29.77 -27.40
CA ARG D 193 -19.09 -29.75 -26.57
C ARG D 193 -17.89 -29.32 -27.42
N GLU D 194 -17.81 -29.79 -28.67
CA GLU D 194 -16.66 -29.52 -29.57
C GLU D 194 -16.62 -28.02 -29.91
N GLN D 195 -17.78 -27.42 -30.25
CA GLN D 195 -17.84 -25.98 -30.60
C GLN D 195 -17.47 -25.16 -29.37
N TYR D 196 -17.96 -25.53 -28.20
CA TYR D 196 -17.61 -24.82 -26.94
C TYR D 196 -16.08 -24.82 -26.78
N GLY D 197 -15.46 -25.99 -26.95
CA GLY D 197 -14.00 -26.16 -26.90
C GLY D 197 -13.27 -25.21 -27.84
N GLU D 198 -13.65 -25.17 -29.11
CA GLU D 198 -13.02 -24.28 -30.13
C GLU D 198 -13.09 -22.81 -29.66
N LYS D 199 -14.27 -22.39 -29.20
CA LYS D 199 -14.50 -21.01 -28.67
C LYS D 199 -13.61 -20.76 -27.45
N PHE D 200 -13.62 -21.67 -26.49
CA PHE D 200 -12.79 -21.60 -25.27
C PHE D 200 -11.33 -21.37 -25.65
N ARG D 201 -10.84 -22.17 -26.61
CA ARG D 201 -9.43 -22.12 -27.05
C ARG D 201 -9.14 -20.80 -27.76
N GLN D 202 -10.11 -20.25 -28.50
CA GLN D 202 -9.92 -18.91 -29.12
C GLN D 202 -9.86 -17.85 -28.00
N VAL D 203 -10.65 -18.01 -26.94
CA VAL D 203 -10.56 -17.04 -25.79
C VAL D 203 -9.14 -17.13 -25.18
N GLN D 204 -8.63 -18.33 -24.91
CA GLN D 204 -7.25 -18.53 -24.37
C GLN D 204 -6.19 -17.85 -25.26
N GLU D 205 -6.34 -17.91 -26.58
CA GLU D 205 -5.38 -17.27 -27.54
C GLU D 205 -5.39 -15.75 -27.31
N TYR D 206 -6.56 -15.15 -27.16
CA TYR D 206 -6.70 -13.70 -26.90
C TYR D 206 -6.14 -13.33 -25.52
N LEU D 207 -6.33 -14.18 -24.51
CA LEU D 207 -5.76 -13.96 -23.16
C LEU D 207 -4.22 -13.89 -23.24
N HIS D 208 -3.60 -14.81 -23.99
CA HIS D 208 -2.11 -14.91 -24.09
C HIS D 208 -1.56 -13.82 -25.00
N SER D 209 -2.30 -13.35 -25.98
CA SER D 209 -1.89 -12.26 -26.91
C SER D 209 -2.03 -10.88 -26.25
N GLY D 210 -2.70 -10.78 -25.09
CA GLY D 210 -2.90 -9.51 -24.37
C GLY D 210 -4.13 -8.73 -24.88
N ASP D 211 -5.02 -9.37 -25.62
CA ASP D 211 -6.24 -8.71 -26.15
C ASP D 211 -7.21 -8.47 -24.99
N CYS D 212 -7.26 -9.42 -24.04
CA CYS D 212 -8.24 -9.42 -22.92
C CYS D 212 -7.67 -10.22 -21.74
N TYR D 213 -8.25 -10.03 -20.55
CA TYR D 213 -7.83 -10.65 -19.28
C TYR D 213 -8.93 -11.58 -18.78
N GLN D 214 -10.16 -11.47 -19.30
CA GLN D 214 -11.26 -12.33 -18.85
C GLN D 214 -12.41 -12.13 -19.82
N VAL D 215 -13.05 -13.22 -20.24
CA VAL D 215 -14.21 -13.16 -21.18
C VAL D 215 -15.27 -14.12 -20.65
N ASN D 216 -16.49 -13.61 -20.52
CA ASN D 216 -17.66 -14.41 -20.11
C ASN D 216 -18.19 -15.07 -21.38
N LEU D 217 -18.02 -16.39 -21.52
CA LEU D 217 -18.46 -17.17 -22.70
C LEU D 217 -19.69 -17.99 -22.30
N ALA D 218 -20.78 -17.86 -23.06
CA ALA D 218 -22.10 -18.45 -22.70
C ALA D 218 -22.63 -19.34 -23.82
N GLN D 219 -23.28 -20.41 -23.42
CA GLN D 219 -24.13 -21.24 -24.32
C GLN D 219 -25.60 -20.97 -23.96
N ARG D 220 -26.48 -21.33 -24.89
CA ARG D 220 -27.94 -21.11 -24.75
C ARG D 220 -28.72 -22.40 -24.95
N PHE D 221 -29.59 -22.72 -24.01
CA PHE D 221 -30.52 -23.87 -24.04
C PHE D 221 -31.85 -23.37 -24.57
N HIS D 222 -32.43 -24.15 -25.49
CA HIS D 222 -33.75 -23.88 -26.11
C HIS D 222 -34.64 -25.12 -25.94
N ALA D 223 -35.93 -24.92 -25.67
CA ALA D 223 -37.00 -25.93 -25.75
C ALA D 223 -38.29 -25.26 -26.22
N THR D 224 -39.26 -26.06 -26.61
CA THR D 224 -40.64 -25.58 -26.86
C THR D 224 -41.41 -25.79 -25.57
N TYR D 225 -42.43 -24.97 -25.33
CA TYR D 225 -43.31 -25.12 -24.18
C TYR D 225 -44.74 -24.72 -24.55
N SER D 226 -45.66 -25.16 -23.72
CA SER D 226 -47.08 -24.76 -23.74
C SER D 226 -47.47 -24.41 -22.33
N GLY D 227 -48.58 -23.71 -22.20
CA GLY D 227 -49.16 -23.38 -20.90
C GLY D 227 -48.60 -22.07 -20.36
N ASP D 228 -48.90 -21.79 -19.12
CA ASP D 228 -48.85 -20.45 -18.50
C ASP D 228 -47.46 -20.25 -17.91
N GLU D 229 -46.75 -19.26 -18.40
CA GLU D 229 -45.41 -18.83 -17.92
C GLU D 229 -45.46 -18.42 -16.45
N TRP D 230 -46.58 -17.86 -15.98
CA TRP D 230 -46.71 -17.43 -14.56
C TRP D 230 -46.66 -18.65 -13.64
N GLN D 231 -47.27 -19.76 -14.05
CA GLN D 231 -47.21 -21.02 -13.26
C GLN D 231 -45.77 -21.54 -13.19
N ALA D 232 -45.00 -21.46 -14.26
CA ALA D 232 -43.58 -21.85 -14.28
C ALA D 232 -42.83 -20.96 -13.28
N PHE D 233 -43.05 -19.65 -13.35
CA PHE D 233 -42.37 -18.69 -12.45
C PHE D 233 -42.68 -19.02 -10.99
N LEU D 234 -43.92 -19.37 -10.63
CA LEU D 234 -44.25 -19.72 -9.22
C LEU D 234 -43.38 -20.91 -8.75
N GLN D 235 -43.25 -21.95 -9.58
CA GLN D 235 -42.41 -23.14 -9.28
C GLN D 235 -40.94 -22.72 -9.15
N LEU D 236 -40.45 -21.94 -10.10
CA LEU D 236 -39.01 -21.57 -10.16
C LEU D 236 -38.66 -20.63 -9.00
N ASN D 237 -39.53 -19.69 -8.67
CA ASN D 237 -39.24 -18.68 -7.61
C ASN D 237 -39.01 -19.40 -6.27
N GLN D 238 -39.85 -20.40 -5.98
CA GLN D 238 -39.80 -21.17 -4.72
C GLN D 238 -38.49 -21.98 -4.66
N ALA D 239 -38.09 -22.57 -5.77
CA ALA D 239 -36.88 -23.42 -5.87
C ALA D 239 -35.60 -22.56 -5.87
N ASN D 240 -35.63 -21.32 -6.34
CA ASN D 240 -34.40 -20.53 -6.60
C ASN D 240 -34.10 -19.56 -5.44
N ARG D 241 -35.11 -19.05 -4.75
CA ARG D 241 -34.91 -18.16 -3.57
C ARG D 241 -33.85 -17.09 -3.89
N ALA D 242 -33.97 -16.45 -5.07
CA ALA D 242 -32.98 -15.48 -5.56
C ALA D 242 -33.48 -14.07 -5.30
N PRO D 243 -32.64 -13.20 -4.70
CA PRO D 243 -33.09 -11.89 -4.27
C PRO D 243 -33.35 -10.82 -5.36
N PHE D 244 -32.99 -11.08 -6.62
CA PHE D 244 -33.20 -10.13 -7.74
C PHE D 244 -34.04 -10.80 -8.83
N SER D 245 -35.05 -11.55 -8.39
CA SER D 245 -35.97 -12.26 -9.30
C SER D 245 -36.97 -11.25 -9.88
N ALA D 246 -37.61 -11.61 -11.00
CA ALA D 246 -38.57 -10.71 -11.67
C ALA D 246 -39.41 -11.52 -12.64
N PHE D 247 -40.63 -11.06 -12.85
CA PHE D 247 -41.50 -11.55 -13.95
C PHE D 247 -42.00 -10.36 -14.73
N LEU D 248 -41.65 -10.30 -16.01
CA LEU D 248 -42.13 -9.20 -16.89
C LEU D 248 -43.05 -9.81 -17.94
N ARG D 249 -44.26 -9.32 -18.01
CA ARG D 249 -45.16 -9.60 -19.16
C ARG D 249 -45.01 -8.48 -20.16
N LEU D 250 -44.42 -8.78 -21.31
CA LEU D 250 -44.17 -7.77 -22.36
C LEU D 250 -45.24 -7.92 -23.42
N GLU D 251 -45.25 -7.06 -24.42
CA GLU D 251 -46.14 -7.25 -25.59
C GLU D 251 -45.71 -8.54 -26.32
N GLN D 252 -44.40 -8.86 -26.37
CA GLN D 252 -43.79 -9.85 -27.31
C GLN D 252 -43.62 -11.22 -26.64
N GLY D 253 -43.69 -11.28 -25.32
CA GLY D 253 -43.46 -12.53 -24.57
C GLY D 253 -43.23 -12.24 -23.11
N ALA D 254 -42.56 -13.12 -22.37
CA ALA D 254 -42.42 -13.06 -20.92
C ALA D 254 -40.96 -13.30 -20.54
N ILE D 255 -40.49 -12.53 -19.58
CA ILE D 255 -39.13 -12.70 -19.01
C ILE D 255 -39.32 -13.25 -17.60
N LEU D 256 -38.69 -14.39 -17.34
CA LEU D 256 -38.77 -15.04 -16.02
C LEU D 256 -37.36 -15.01 -15.42
N SER D 257 -37.10 -14.10 -14.50
CA SER D 257 -35.74 -13.88 -13.96
C SER D 257 -35.63 -14.46 -12.55
N LEU D 258 -34.64 -15.30 -12.34
CA LEU D 258 -34.31 -15.87 -11.00
C LEU D 258 -32.91 -15.38 -10.66
N SER D 259 -32.59 -14.13 -11.00
CA SER D 259 -31.22 -13.60 -10.78
C SER D 259 -30.92 -13.43 -9.30
N PRO D 260 -29.74 -13.89 -8.84
CA PRO D 260 -29.27 -13.60 -7.50
C PRO D 260 -28.42 -12.32 -7.45
N GLU D 261 -28.29 -11.62 -8.59
CA GLU D 261 -27.21 -10.61 -8.75
C GLU D 261 -27.81 -9.21 -8.85
N ARG D 262 -27.41 -8.31 -7.96
CA ARG D 262 -27.63 -6.85 -8.06
C ARG D 262 -26.57 -6.31 -9.03
N PHE D 263 -27.01 -5.52 -9.99
CA PHE D 263 -26.09 -4.70 -10.82
C PHE D 263 -25.79 -3.41 -10.06
N ILE D 264 -26.66 -2.41 -10.15
CA ILE D 264 -26.45 -1.07 -9.54
C ILE D 264 -27.69 -0.61 -8.79
N LEU D 265 -27.46 -0.30 -7.52
CA LEU D 265 -28.38 0.40 -6.62
C LEU D 265 -27.94 1.86 -6.54
N CYS D 266 -28.90 2.77 -6.62
CA CYS D 266 -28.71 4.19 -6.30
C CYS D 266 -29.79 4.55 -5.28
N ASP D 267 -29.40 4.72 -4.02
CA ASP D 267 -30.32 4.83 -2.87
C ASP D 267 -30.01 6.16 -2.21
N ASN D 268 -30.86 7.15 -2.41
CA ASN D 268 -30.56 8.54 -1.93
C ASN D 268 -29.14 8.97 -2.35
N SER D 269 -28.74 8.72 -3.61
CA SER D 269 -27.44 9.13 -4.22
C SER D 269 -26.28 8.25 -3.76
N GLU D 270 -26.52 7.27 -2.88
CA GLU D 270 -25.49 6.28 -2.47
C GLU D 270 -25.55 5.13 -3.50
N ILE D 271 -24.44 4.90 -4.17
CA ILE D 271 -24.28 3.88 -5.24
C ILE D 271 -23.76 2.62 -4.58
N GLN D 272 -24.34 1.49 -4.94
CA GLN D 272 -23.81 0.16 -4.59
C GLN D 272 -23.86 -0.76 -5.80
N THR D 273 -22.79 -1.49 -6.05
CA THR D 273 -22.79 -2.59 -7.03
C THR D 273 -22.19 -3.83 -6.37
N ARG D 274 -22.70 -5.01 -6.71
CA ARG D 274 -22.32 -6.26 -6.04
C ARG D 274 -22.04 -7.34 -7.05
N PRO D 275 -20.90 -7.22 -7.77
CA PRO D 275 -20.58 -8.18 -8.81
C PRO D 275 -20.43 -9.57 -8.21
N ILE D 276 -21.02 -10.53 -8.90
CA ILE D 276 -20.80 -11.98 -8.66
C ILE D 276 -19.72 -12.43 -9.62
N LYS D 277 -18.64 -12.96 -9.08
CA LYS D 277 -17.60 -13.55 -9.93
C LYS D 277 -16.94 -14.68 -9.10
N GLY D 278 -17.27 -15.90 -9.45
CA GLY D 278 -16.79 -17.11 -8.75
C GLY D 278 -17.94 -17.99 -8.37
N THR D 279 -17.83 -19.29 -8.67
CA THR D 279 -18.92 -20.27 -8.44
C THR D 279 -18.37 -21.63 -8.02
N LEU D 280 -19.02 -22.28 -7.07
CA LEU D 280 -18.88 -23.75 -6.87
C LEU D 280 -20.27 -24.33 -6.61
N PRO D 281 -20.53 -25.58 -7.07
CA PRO D 281 -21.81 -26.22 -6.78
C PRO D 281 -22.00 -26.46 -5.29
N ARG D 282 -23.26 -26.37 -4.85
CA ARG D 282 -23.66 -26.82 -3.50
C ARG D 282 -23.45 -28.35 -3.46
N LEU D 283 -22.97 -28.86 -2.33
CA LEU D 283 -22.83 -30.32 -2.10
C LEU D 283 -23.90 -30.76 -1.11
N PRO D 284 -24.46 -31.98 -1.29
CA PRO D 284 -25.54 -32.47 -0.43
C PRO D 284 -25.15 -32.69 1.03
N ASP D 285 -23.94 -33.19 1.30
CA ASP D 285 -23.42 -33.38 2.69
C ASP D 285 -23.12 -32.03 3.31
N PRO D 286 -23.83 -31.60 4.38
CA PRO D 286 -23.60 -30.29 4.98
C PRO D 286 -22.16 -30.00 5.46
N GLN D 287 -21.42 -31.01 5.93
CA GLN D 287 -20.00 -30.82 6.35
C GLN D 287 -19.15 -30.53 5.11
N GLU D 288 -19.33 -31.32 4.06
CA GLU D 288 -18.68 -31.11 2.73
C GLU D 288 -19.06 -29.73 2.18
N ASP D 289 -20.31 -29.30 2.35
CA ASP D 289 -20.80 -28.05 1.74
C ASP D 289 -20.17 -26.83 2.44
N SER D 290 -19.95 -26.90 3.77
CA SER D 290 -19.27 -25.81 4.53
C SER D 290 -17.81 -25.69 4.04
N LYS D 291 -17.17 -26.83 3.78
CA LYS D 291 -15.81 -26.90 3.22
C LYS D 291 -15.81 -26.22 1.84
N GLN D 292 -16.84 -26.49 1.04
CA GLN D 292 -16.98 -25.95 -0.35
C GLN D 292 -16.98 -24.41 -0.32
N ALA D 293 -17.73 -23.80 0.62
CA ALA D 293 -17.84 -22.34 0.77
C ALA D 293 -16.46 -21.78 1.12
N VAL D 294 -15.72 -22.45 2.01
CA VAL D 294 -14.35 -22.02 2.39
C VAL D 294 -13.44 -22.14 1.17
N LYS D 295 -13.55 -23.22 0.39
CA LYS D 295 -12.70 -23.43 -0.80
C LYS D 295 -12.92 -22.27 -1.78
N LEU D 296 -14.16 -21.88 -2.02
CA LEU D 296 -14.43 -20.76 -2.96
C LEU D 296 -13.75 -19.48 -2.43
N ALA D 297 -13.99 -19.13 -1.17
CA ALA D 297 -13.50 -17.89 -0.53
C ALA D 297 -11.99 -17.80 -0.66
N ASN D 298 -11.28 -18.93 -0.75
CA ASN D 298 -9.79 -18.98 -0.68
C ASN D 298 -9.20 -19.41 -2.02
N SER D 299 -10.01 -19.67 -3.04
CA SER D 299 -9.54 -20.06 -4.41
C SER D 299 -8.74 -18.93 -5.05
N ALA D 300 -7.46 -19.18 -5.41
CA ALA D 300 -6.55 -18.18 -6.02
C ALA D 300 -7.09 -17.78 -7.40
N LYS D 301 -7.52 -18.74 -8.22
CA LYS D 301 -8.14 -18.48 -9.55
C LYS D 301 -9.36 -17.56 -9.39
N ASP D 302 -10.33 -17.90 -8.53
CA ASP D 302 -11.58 -17.09 -8.38
C ASP D 302 -11.27 -15.71 -7.77
N ARG D 303 -10.37 -15.60 -6.79
CA ARG D 303 -10.07 -14.30 -6.17
C ARG D 303 -9.44 -13.37 -7.22
N ALA D 304 -8.63 -13.90 -8.14
CA ALA D 304 -8.04 -13.13 -9.26
C ALA D 304 -9.14 -12.59 -10.17
N GLU D 305 -10.04 -13.46 -10.63
CA GLU D 305 -11.18 -13.11 -11.52
C GLU D 305 -12.07 -12.08 -10.82
N ASN D 306 -12.33 -12.29 -9.54
CA ASN D 306 -13.22 -11.41 -8.75
C ASN D 306 -12.55 -10.04 -8.60
N LEU D 307 -11.28 -10.00 -8.19
CA LEU D 307 -10.51 -8.75 -8.09
C LEU D 307 -10.60 -7.98 -9.40
N MET D 308 -10.39 -8.64 -10.53
CA MET D 308 -10.43 -7.96 -11.84
C MET D 308 -11.77 -7.22 -12.03
N ILE D 309 -12.87 -7.89 -11.73
CA ILE D 309 -14.22 -7.31 -11.93
C ILE D 309 -14.44 -6.23 -10.89
N VAL D 310 -13.91 -6.37 -9.66
CA VAL D 310 -13.96 -5.26 -8.68
C VAL D 310 -13.26 -4.01 -9.26
N ASP D 311 -12.05 -4.15 -9.76
CA ASP D 311 -11.31 -3.01 -10.35
C ASP D 311 -12.11 -2.45 -11.55
N LEU D 312 -12.70 -3.33 -12.35
CA LEU D 312 -13.53 -2.90 -13.51
C LEU D 312 -14.78 -2.16 -13.02
N MET D 313 -15.46 -2.62 -11.97
CA MET D 313 -16.71 -1.96 -11.50
C MET D 313 -16.36 -0.64 -10.82
N ARG D 314 -15.20 -0.53 -10.15
CA ARG D 314 -14.72 0.76 -9.65
C ARG D 314 -14.59 1.76 -10.79
N ASN D 315 -14.09 1.30 -11.93
CA ASN D 315 -13.87 2.13 -13.14
C ASN D 315 -15.25 2.60 -13.67
N ASP D 316 -16.20 1.67 -13.79
CA ASP D 316 -17.50 1.91 -14.45
C ASP D 316 -18.26 2.92 -13.61
N ILE D 317 -18.32 2.70 -12.30
CA ILE D 317 -18.93 3.63 -11.34
C ILE D 317 -18.12 4.93 -11.29
N GLY D 318 -16.79 4.82 -11.32
CA GLY D 318 -15.89 5.98 -11.28
C GLY D 318 -16.07 6.93 -12.48
N ARG D 319 -16.68 6.52 -13.59
CA ARG D 319 -17.00 7.45 -14.68
C ARG D 319 -17.92 8.59 -14.17
N VAL D 320 -18.73 8.36 -13.12
CA VAL D 320 -19.71 9.40 -12.65
C VAL D 320 -19.53 9.72 -11.19
N ALA D 321 -18.92 8.85 -10.41
CA ALA D 321 -18.90 9.01 -8.94
C ALA D 321 -18.23 10.31 -8.53
N VAL D 322 -18.74 10.88 -7.44
CA VAL D 322 -18.07 11.99 -6.74
C VAL D 322 -16.60 11.59 -6.46
N ALA D 323 -15.64 12.45 -6.79
CA ALA D 323 -14.19 12.17 -6.59
C ALA D 323 -13.94 11.78 -5.13
N GLY D 324 -13.30 10.65 -4.92
CA GLY D 324 -12.93 10.16 -3.58
C GLY D 324 -14.01 9.32 -2.96
N SER D 325 -15.18 9.15 -3.60
CA SER D 325 -16.32 8.42 -2.98
C SER D 325 -16.25 6.93 -3.28
N VAL D 326 -15.41 6.44 -4.21
CA VAL D 326 -15.43 5.01 -4.58
C VAL D 326 -14.71 4.18 -3.51
N LYS D 327 -15.39 3.21 -2.93
CA LYS D 327 -14.87 2.34 -1.84
C LYS D 327 -15.25 0.89 -2.12
N VAL D 328 -14.47 -0.03 -1.54
CA VAL D 328 -14.78 -1.47 -1.58
C VAL D 328 -14.96 -1.97 -0.15
N PRO D 329 -16.17 -1.89 0.43
CA PRO D 329 -16.35 -2.32 1.84
C PRO D 329 -16.28 -3.84 2.04
N GLU D 330 -16.50 -4.63 0.98
CA GLU D 330 -16.57 -6.10 1.05
C GLU D 330 -15.84 -6.65 -0.16
N LEU D 331 -14.89 -7.55 0.07
CA LEU D 331 -14.17 -8.29 -0.97
C LEU D 331 -14.33 -9.78 -0.66
N PHE D 332 -14.86 -10.56 -1.60
CA PHE D 332 -14.76 -12.05 -1.62
C PHE D 332 -15.62 -12.65 -0.51
N VAL D 333 -16.88 -12.27 -0.44
CA VAL D 333 -17.86 -12.88 0.50
C VAL D 333 -18.56 -14.02 -0.25
N VAL D 334 -18.77 -15.15 0.41
CA VAL D 334 -19.47 -16.29 -0.25
C VAL D 334 -20.93 -16.20 0.14
N GLU D 335 -21.84 -16.20 -0.86
CA GLU D 335 -23.30 -16.29 -0.62
C GLU D 335 -23.80 -17.62 -1.16
N PRO D 336 -24.51 -18.43 -0.33
CA PRO D 336 -25.05 -19.69 -0.78
C PRO D 336 -26.44 -19.50 -1.40
N PHE D 337 -26.62 -20.14 -2.55
CA PHE D 337 -27.92 -20.23 -3.26
C PHE D 337 -28.23 -21.71 -3.42
N PRO D 338 -29.51 -22.09 -3.70
CA PRO D 338 -29.87 -23.50 -3.82
C PRO D 338 -28.93 -24.32 -4.70
N ALA D 339 -28.51 -23.83 -5.88
CA ALA D 339 -27.68 -24.61 -6.80
C ALA D 339 -26.18 -24.41 -6.52
N VAL D 340 -25.75 -23.22 -6.08
CA VAL D 340 -24.32 -22.84 -6.17
C VAL D 340 -23.98 -21.92 -5.00
N HIS D 341 -22.69 -21.91 -4.65
CA HIS D 341 -22.04 -20.86 -3.85
C HIS D 341 -21.52 -19.81 -4.84
N HIS D 342 -21.69 -18.53 -4.52
CA HIS D 342 -21.17 -17.44 -5.37
C HIS D 342 -20.22 -16.58 -4.53
N LEU D 343 -19.16 -16.09 -5.17
CA LEU D 343 -18.16 -15.15 -4.58
C LEU D 343 -18.58 -13.74 -5.02
N VAL D 344 -18.90 -12.91 -4.05
CA VAL D 344 -19.50 -11.57 -4.29
C VAL D 344 -18.61 -10.52 -3.66
N SER D 345 -18.44 -9.39 -4.33
CA SER D 345 -17.77 -8.20 -3.72
C SER D 345 -18.70 -7.02 -3.81
N THR D 346 -18.47 -6.02 -2.99
CA THR D 346 -19.35 -4.82 -2.90
C THR D 346 -18.52 -3.57 -3.12
N ILE D 347 -18.91 -2.76 -4.10
CA ILE D 347 -18.28 -1.44 -4.36
C ILE D 347 -19.35 -0.40 -4.06
N THR D 348 -18.97 0.72 -3.43
CA THR D 348 -19.92 1.82 -3.15
C THR D 348 -19.33 3.13 -3.68
N ALA D 349 -20.21 4.10 -3.90
CA ALA D 349 -19.80 5.45 -4.30
C ALA D 349 -20.95 6.42 -4.06
N GLN D 350 -20.79 7.66 -4.53
CA GLN D 350 -21.80 8.72 -4.39
C GLN D 350 -22.07 9.33 -5.76
N LEU D 351 -23.33 9.54 -6.10
CA LEU D 351 -23.77 10.16 -7.37
C LEU D 351 -23.75 11.67 -7.17
N PRO D 352 -23.11 12.43 -8.07
CA PRO D 352 -23.17 13.89 -8.03
C PRO D 352 -24.59 14.40 -8.26
N GLU D 353 -24.87 15.56 -7.70
CA GLU D 353 -26.22 16.16 -7.74
C GLU D 353 -26.60 16.56 -9.18
N GLN D 354 -25.64 16.86 -10.05
CA GLN D 354 -25.93 17.29 -11.44
C GLN D 354 -26.25 16.06 -12.31
N LEU D 355 -26.01 14.85 -11.83
CA LEU D 355 -26.25 13.63 -12.64
C LEU D 355 -27.48 12.88 -12.13
N HIS D 356 -27.92 11.91 -12.91
CA HIS D 356 -29.12 11.10 -12.63
C HIS D 356 -28.70 9.65 -12.55
N ALA D 357 -29.52 8.82 -11.91
CA ALA D 357 -29.29 7.36 -11.88
C ALA D 357 -29.20 6.88 -13.32
N SER D 358 -30.02 7.41 -14.24
CA SER D 358 -30.02 7.00 -15.66
C SER D 358 -28.64 7.24 -16.30
N ASP D 359 -27.92 8.27 -15.87
CA ASP D 359 -26.55 8.59 -16.37
C ASP D 359 -25.57 7.54 -15.85
N LEU D 360 -25.75 7.06 -14.62
CA LEU D 360 -24.93 6.00 -13.99
C LEU D 360 -25.15 4.70 -14.77
N LEU D 361 -26.41 4.38 -15.05
CA LEU D 361 -26.74 3.18 -15.85
C LEU D 361 -26.05 3.27 -17.22
N ARG D 362 -26.16 4.41 -17.90
CA ARG D 362 -25.55 4.59 -19.24
C ARG D 362 -24.03 4.38 -19.16
N ALA D 363 -23.39 4.93 -18.13
CA ALA D 363 -21.94 4.85 -17.95
C ALA D 363 -21.48 3.39 -17.79
N ALA D 364 -22.28 2.53 -17.15
CA ALA D 364 -21.83 1.20 -16.69
C ALA D 364 -22.36 0.04 -17.55
N PHE D 365 -23.33 0.26 -18.41
CA PHE D 365 -24.13 -0.84 -19.00
C PHE D 365 -23.41 -1.42 -20.21
N PRO D 366 -23.34 -2.74 -20.42
CA PRO D 366 -23.82 -3.77 -19.52
C PRO D 366 -22.77 -4.18 -18.48
N GLY D 367 -23.16 -5.02 -17.52
CA GLY D 367 -22.32 -5.34 -16.35
C GLY D 367 -20.96 -5.89 -16.73
N GLY D 368 -19.91 -5.36 -16.11
CA GLY D 368 -18.56 -5.97 -16.23
C GLY D 368 -18.56 -7.43 -15.82
N SER D 369 -19.40 -7.84 -14.86
CA SER D 369 -19.39 -9.22 -14.33
C SER D 369 -19.80 -10.25 -15.39
N ILE D 370 -20.48 -9.86 -16.47
CA ILE D 370 -20.98 -10.83 -17.49
C ILE D 370 -20.40 -10.51 -18.86
N THR D 371 -19.40 -9.61 -18.93
CA THR D 371 -18.67 -9.32 -20.18
C THR D 371 -17.22 -9.77 -20.02
N GLY D 372 -16.45 -9.01 -19.24
CA GLY D 372 -15.01 -9.25 -19.05
C GLY D 372 -14.24 -7.97 -19.11
N ALA D 373 -12.92 -8.09 -19.24
CA ALA D 373 -11.98 -6.97 -19.09
C ALA D 373 -10.89 -7.13 -20.15
N PRO D 374 -10.51 -6.06 -20.87
CA PRO D 374 -11.26 -4.80 -20.90
C PRO D 374 -12.64 -5.00 -21.52
N LYS D 375 -13.63 -4.21 -21.12
CA LYS D 375 -15.03 -4.57 -21.41
C LYS D 375 -15.29 -4.48 -22.92
N VAL D 376 -14.89 -3.42 -23.61
CA VAL D 376 -15.26 -3.27 -25.05
C VAL D 376 -14.63 -4.43 -25.82
N ARG D 377 -13.35 -4.72 -25.58
CA ARG D 377 -12.70 -5.85 -26.27
C ARG D 377 -13.42 -7.16 -25.95
N ALA D 378 -13.78 -7.41 -24.70
CA ALA D 378 -14.50 -8.62 -24.28
C ALA D 378 -15.86 -8.71 -25.02
N MET D 379 -16.60 -7.61 -25.15
N MET D 379 -16.61 -7.63 -25.11
CA MET D 379 -17.91 -7.64 -25.86
CA MET D 379 -17.91 -7.62 -25.85
C MET D 379 -17.67 -7.91 -27.36
C MET D 379 -17.68 -7.88 -27.37
N GLU D 380 -16.56 -7.44 -27.93
CA GLU D 380 -16.22 -7.75 -29.34
C GLU D 380 -16.00 -9.25 -29.50
N ILE D 381 -15.29 -9.85 -28.56
CA ILE D 381 -14.97 -11.30 -28.59
C ILE D 381 -16.24 -12.13 -28.36
N ILE D 382 -17.09 -11.73 -27.43
CA ILE D 382 -18.38 -12.41 -27.17
C ILE D 382 -19.21 -12.43 -28.48
N ASP D 383 -19.26 -11.31 -29.20
CA ASP D 383 -20.05 -11.19 -30.44
C ASP D 383 -19.44 -12.09 -31.53
N GLU D 384 -18.11 -12.20 -31.55
CA GLU D 384 -17.35 -13.05 -32.52
C GLU D 384 -17.63 -14.53 -32.28
N LEU D 385 -17.75 -14.99 -31.04
CA LEU D 385 -17.76 -16.42 -30.70
C LEU D 385 -19.16 -16.93 -30.36
N GLU D 386 -20.01 -16.16 -29.69
CA GLU D 386 -21.36 -16.63 -29.32
C GLU D 386 -22.22 -16.63 -30.59
N PRO D 387 -22.86 -17.77 -30.94
CA PRO D 387 -23.58 -17.85 -32.22
C PRO D 387 -24.77 -16.87 -32.38
N GLN D 388 -25.43 -16.54 -31.27
CA GLN D 388 -26.61 -15.67 -31.23
C GLN D 388 -26.39 -14.52 -30.25
N ARG D 389 -27.07 -13.42 -30.52
CA ARG D 389 -27.12 -12.27 -29.58
C ARG D 389 -27.76 -12.72 -28.28
N ARG D 390 -27.37 -12.08 -27.18
CA ARG D 390 -27.89 -12.44 -25.84
C ARG D 390 -29.28 -11.89 -25.58
N ASN D 391 -29.65 -10.81 -26.25
CA ASN D 391 -30.97 -10.17 -26.08
C ASN D 391 -31.19 -9.90 -24.59
N ALA D 392 -32.22 -10.46 -23.97
CA ALA D 392 -32.66 -10.12 -22.59
C ALA D 392 -31.64 -10.67 -21.58
N TRP D 393 -30.90 -11.71 -21.95
CA TRP D 393 -30.02 -12.46 -21.02
C TRP D 393 -28.75 -11.64 -20.78
N CYS D 394 -28.35 -11.48 -19.52
CA CYS D 394 -27.17 -10.66 -19.11
C CYS D 394 -27.37 -9.19 -19.45
N GLY D 395 -28.62 -8.77 -19.63
CA GLY D 395 -28.95 -7.34 -19.45
C GLY D 395 -29.25 -7.06 -18.01
N SER D 396 -30.23 -6.16 -17.79
CA SER D 396 -30.64 -5.73 -16.45
C SER D 396 -32.16 -5.57 -16.41
N ILE D 397 -32.74 -5.90 -15.29
CA ILE D 397 -34.13 -5.51 -14.96
C ILE D 397 -34.06 -4.57 -13.77
N GLY D 398 -34.89 -3.54 -13.78
CA GLY D 398 -35.06 -2.76 -12.56
C GLY D 398 -35.88 -1.53 -12.75
N TYR D 399 -35.67 -0.56 -11.87
CA TYR D 399 -36.55 0.61 -11.75
C TYR D 399 -35.70 1.86 -11.62
N LEU D 400 -36.24 2.94 -12.15
CA LEU D 400 -35.79 4.33 -11.91
C LEU D 400 -36.97 5.09 -11.33
N SER D 401 -36.93 5.26 -10.04
CA SER D 401 -38.02 5.90 -9.26
C SER D 401 -38.08 7.40 -9.60
N PHE D 402 -39.27 7.98 -9.56
CA PHE D 402 -39.46 9.44 -9.62
C PHE D 402 -38.66 10.15 -8.53
N CYS D 403 -38.35 9.52 -7.40
CA CYS D 403 -37.54 10.16 -6.32
C CYS D 403 -36.05 10.24 -6.70
N GLY D 404 -35.62 9.52 -7.73
CA GLY D 404 -34.20 9.48 -8.14
C GLY D 404 -33.57 8.14 -7.87
N ASN D 405 -34.20 7.31 -7.04
CA ASN D 405 -33.63 6.00 -6.69
C ASN D 405 -33.59 5.09 -7.93
N MET D 406 -32.70 4.12 -7.90
CA MET D 406 -32.65 3.06 -8.92
C MET D 406 -32.21 1.77 -8.26
N ASP D 407 -32.66 0.64 -8.78
CA ASP D 407 -32.11 -0.69 -8.47
C ASP D 407 -32.20 -1.50 -9.75
N THR D 408 -31.19 -2.31 -9.99
CA THR D 408 -31.11 -3.12 -11.21
C THR D 408 -30.45 -4.45 -10.86
N SER D 409 -30.83 -5.47 -11.58
CA SER D 409 -30.24 -6.81 -11.53
C SER D 409 -29.26 -6.99 -12.69
N ILE D 410 -28.51 -8.08 -12.68
CA ILE D 410 -27.95 -8.68 -13.91
C ILE D 410 -28.84 -9.87 -14.22
N THR D 411 -29.35 -9.96 -15.45
CA THR D 411 -30.29 -11.06 -15.81
C THR D 411 -29.52 -12.34 -16.18
N ILE D 412 -28.71 -12.84 -15.25
CA ILE D 412 -28.30 -14.26 -15.26
C ILE D 412 -29.49 -15.07 -14.74
N ARG D 413 -29.49 -16.37 -14.98
CA ARG D 413 -30.51 -17.29 -14.42
C ARG D 413 -31.90 -16.76 -14.83
N THR D 414 -31.99 -16.30 -16.07
CA THR D 414 -33.19 -15.64 -16.61
C THR D 414 -33.61 -16.35 -17.89
N LEU D 415 -34.89 -16.65 -17.97
CA LEU D 415 -35.51 -17.30 -19.14
C LEU D 415 -36.32 -16.29 -19.95
N THR D 416 -36.26 -16.47 -21.27
CA THR D 416 -37.02 -15.70 -22.28
C THR D 416 -38.05 -16.67 -22.85
N ALA D 417 -39.32 -16.35 -22.73
CA ALA D 417 -40.44 -17.19 -23.21
C ALA D 417 -41.20 -16.42 -24.27
N ILE D 418 -41.11 -16.84 -25.53
CA ILE D 418 -41.62 -16.10 -26.71
C ILE D 418 -42.09 -17.09 -27.78
N ASN D 419 -43.30 -16.92 -28.30
CA ASN D 419 -43.78 -17.71 -29.48
C ASN D 419 -43.66 -19.22 -29.23
N GLY D 420 -43.90 -19.66 -28.01
CA GLY D 420 -43.87 -21.07 -27.56
C GLY D 420 -42.45 -21.64 -27.56
N GLN D 421 -41.42 -20.79 -27.52
CA GLN D 421 -39.98 -21.13 -27.41
C GLN D 421 -39.52 -20.60 -26.06
N ILE D 422 -38.70 -21.34 -25.33
CA ILE D 422 -38.14 -20.85 -24.04
C ILE D 422 -36.62 -21.03 -24.09
N PHE D 423 -35.91 -19.97 -23.72
CA PHE D 423 -34.44 -19.88 -23.80
C PHE D 423 -33.88 -19.65 -22.41
N CYS D 424 -32.74 -20.25 -22.14
CA CYS D 424 -32.05 -20.15 -20.82
C CYS D 424 -30.56 -20.27 -21.11
N SER D 425 -29.78 -19.23 -20.81
CA SER D 425 -28.34 -19.22 -21.13
C SER D 425 -27.54 -19.42 -19.85
N ALA D 426 -26.27 -19.76 -20.03
CA ALA D 426 -25.37 -20.03 -18.91
C ALA D 426 -23.95 -19.79 -19.38
N GLY D 427 -23.19 -19.02 -18.59
CA GLY D 427 -21.86 -18.61 -18.98
C GLY D 427 -20.91 -18.78 -17.82
N GLY D 428 -19.65 -18.45 -18.06
CA GLY D 428 -18.64 -18.36 -17.01
C GLY D 428 -17.47 -17.54 -17.49
N GLY D 429 -16.75 -16.94 -16.53
CA GLY D 429 -15.50 -16.21 -16.79
C GLY D 429 -14.42 -17.18 -17.25
N ILE D 430 -13.89 -16.94 -18.43
CA ILE D 430 -12.66 -17.60 -18.93
C ILE D 430 -11.46 -16.70 -18.60
N VAL D 431 -10.50 -17.25 -17.87
CA VAL D 431 -9.20 -16.60 -17.56
C VAL D 431 -8.06 -17.58 -17.90
N ALA D 432 -6.81 -17.13 -17.81
CA ALA D 432 -5.62 -17.87 -18.28
C ALA D 432 -5.55 -19.23 -17.58
N ASP D 433 -5.96 -19.33 -16.32
CA ASP D 433 -5.87 -20.59 -15.53
C ASP D 433 -7.10 -21.47 -15.75
N SER D 434 -8.10 -21.03 -16.54
CA SER D 434 -9.34 -21.83 -16.70
C SER D 434 -9.01 -23.14 -17.40
N GLN D 435 -9.76 -24.18 -17.09
CA GLN D 435 -9.70 -25.47 -17.82
C GLN D 435 -10.99 -25.64 -18.66
N GLU D 436 -10.81 -26.08 -19.90
CA GLU D 436 -11.87 -26.21 -20.94
C GLU D 436 -13.04 -27.02 -20.41
N GLU D 437 -12.79 -28.25 -19.93
CA GLU D 437 -13.86 -29.16 -19.45
C GLU D 437 -14.51 -28.59 -18.19
N ALA D 438 -13.74 -28.03 -17.26
CA ALA D 438 -14.32 -27.51 -15.99
C ALA D 438 -15.25 -26.31 -16.30
N GLU D 439 -14.92 -25.50 -17.29
CA GLU D 439 -15.71 -24.27 -17.62
C GLU D 439 -16.99 -24.69 -18.36
N TYR D 440 -16.89 -25.68 -19.25
CA TYR D 440 -18.08 -26.30 -19.87
C TYR D 440 -19.04 -26.79 -18.80
N GLN D 441 -18.52 -27.56 -17.84
CA GLN D 441 -19.35 -28.19 -16.78
C GLN D 441 -19.96 -27.13 -15.85
N GLU D 442 -19.23 -26.04 -15.59
CA GLU D 442 -19.73 -24.97 -14.68
C GLU D 442 -20.99 -24.31 -15.28
N THR D 443 -21.07 -24.19 -16.61
CA THR D 443 -22.28 -23.60 -17.26
C THR D 443 -23.49 -24.46 -16.87
N PHE D 444 -23.37 -25.79 -16.94
CA PHE D 444 -24.46 -26.71 -16.52
C PHE D 444 -24.73 -26.57 -15.03
N ASP D 445 -23.70 -26.45 -14.19
CA ASP D 445 -23.88 -26.33 -12.73
C ASP D 445 -24.79 -25.14 -12.41
N LYS D 446 -24.68 -24.06 -13.16
CA LYS D 446 -25.40 -22.80 -12.81
C LYS D 446 -26.90 -22.90 -13.17
N VAL D 447 -27.27 -23.67 -14.18
CA VAL D 447 -28.70 -23.68 -14.62
C VAL D 447 -29.33 -25.07 -14.58
N ASN D 448 -28.57 -26.12 -14.28
CA ASN D 448 -29.13 -27.51 -14.36
C ASN D 448 -30.42 -27.59 -13.53
N ARG D 449 -30.45 -27.02 -12.33
CA ARG D 449 -31.64 -27.12 -11.44
C ARG D 449 -32.84 -26.44 -12.11
N ILE D 450 -32.64 -25.35 -12.84
CA ILE D 450 -33.73 -24.65 -13.57
C ILE D 450 -34.17 -25.52 -14.75
N LEU D 451 -33.24 -26.00 -15.57
CA LEU D 451 -33.57 -26.81 -16.76
C LEU D 451 -34.36 -28.05 -16.32
N LYS D 452 -33.92 -28.68 -15.23
CA LYS D 452 -34.48 -29.96 -14.76
C LYS D 452 -35.84 -29.72 -14.13
N GLN D 453 -36.03 -28.61 -13.41
CA GLN D 453 -37.34 -28.33 -12.78
C GLN D 453 -38.39 -28.15 -13.88
N LEU D 454 -38.05 -27.54 -15.00
CA LEU D 454 -39.03 -27.25 -16.09
C LEU D 454 -39.27 -28.50 -16.94
N GLU D 455 -38.32 -29.43 -16.99
CA GLU D 455 -38.39 -30.65 -17.84
C GLU D 455 -39.42 -31.62 -17.28
N LYS D 456 -39.67 -31.64 -15.98
CA LYS D 456 -40.89 -32.29 -15.43
C LYS D 456 -41.66 -31.28 -14.56
#